data_7PMO
#
_entry.id   7PMO
#
_cell.length_a   105.313
_cell.length_b   85.566
_cell.length_c   112.628
_cell.angle_alpha   90.000
_cell.angle_beta   98.940
_cell.angle_gamma   90.000
#
_symmetry.space_group_name_H-M   'P 1 21 1'
#
loop_
_entity.id
_entity.type
_entity.pdbx_description
1 polymer 'Ruminococcus gnavus endogalactosidase GH98'
2 non-polymer 1,2-ETHANEDIOL
3 non-polymer DI(HYDROXYETHYL)ETHER
4 non-polymer 'MAGNESIUM ION'
5 non-polymer 'CALCIUM ION'
6 water water
#
_entity_poly.entity_id   1
_entity_poly.type   'polypeptide(L)'
_entity_poly.pdbx_seq_one_letter_code
;KAPPLVNLAEEKDVKVTVGENMDLKNADLLTDGDKYYLQHDATGNKEGNNWENYQEQGTEVTSTAEGKNGVWVQVDLGAS
YPLEVINLKRQVYDGQATIGNGNPSGQGKRLKGTKISYKNTAIVIGNEEDLSDGQIVYYEGNPTLPDGVKQPENVSKPYE
EAMGGQWFYMDYANKNGLGATELGTTKEARYIRVYTENPKGAAVKFMELGIYGYENEQDVQSQDGPRRVIDNEHPMMIAT
AYSNDVYEIGQEEGPELQGSNTVDGRWNAIPDDLKENNVLLLHTNNLRQFAPDHIGQAYLQAFHEHGLQIAYEQGAPIML
LGLTAAATPENGGTQYNITADMDYGWLDLMYRMYPNMQGVFNTENFWAGIHPPCEGSAKMLEIADRFGGFFVWSDQDHGS
TVTNIVSNANMKKALEKHGDAFYLIYKNTSSNQPDDLKTSSFFQGSWLAGYTGGWGMLSDTWAWDKQFSKLWQGAGSYNN
WQRLCGEPEALLGMQMMSTYLGGGVIYTFEFPEIVYGTSNTNSPANTHVLTELFRYIVNHPAPSKKEIMEETKAVLYGNV
SSDFYSGLSGKPTGFQIYETGRYGIIPVIPTWGTRAEVTKKLIQEADKLGVTPPNVLDVKDKNLSGQAKQKYFKDLYPIE
YVGNAFADKWEGTWYLYNNKVNTNEKQHAILPLEGEEESARLKVEMEPHEFMIMNESGDGTAMDITLNNYRVNKDEIIFD
NKFGLTWTGDFSPGQTTINGKLSVYKYMDEYNVVNAPEGKLSPEDNELRTTTFELTKLAKEPKVQVVKGQQPDTDGQPQY
TEPKVEFNEETGKAVITIQTNGWVDLSITGLEFVYDENAQKIEDEPIKS
;
_entity_poly.pdbx_strand_id   D,G
#
loop_
_chem_comp.id
_chem_comp.type
_chem_comp.name
_chem_comp.formula
CA non-polymer 'CALCIUM ION' 'Ca 2'
EDO non-polymer 1,2-ETHANEDIOL 'C2 H6 O2'
MG non-polymer 'MAGNESIUM ION' 'Mg 2'
PEG non-polymer DI(HYDROXYETHYL)ETHER 'C4 H10 O3'
#
# COMPACT_ATOMS: atom_id res chain seq x y z
N LYS A 1 -2.72 -5.93 -8.19
CA LYS A 1 -1.88 -6.41 -9.34
C LYS A 1 -2.36 -7.78 -9.80
N ALA A 2 -2.77 -7.89 -11.07
CA ALA A 2 -3.31 -9.14 -11.69
C ALA A 2 -2.17 -10.08 -12.05
N PRO A 3 -2.29 -11.39 -11.77
CA PRO A 3 -1.36 -12.37 -12.35
C PRO A 3 -1.67 -12.54 -13.84
N PRO A 4 -0.76 -13.15 -14.64
CA PRO A 4 -0.93 -13.19 -16.09
C PRO A 4 -2.11 -14.09 -16.52
N LEU A 5 -2.31 -15.22 -15.86
CA LEU A 5 -3.44 -16.14 -16.14
C LEU A 5 -4.64 -15.71 -15.28
N VAL A 6 -5.79 -15.45 -15.91
CA VAL A 6 -7.03 -15.04 -15.20
C VAL A 6 -8.18 -15.93 -15.66
N ASN A 7 -9.24 -16.00 -14.85
CA ASN A 7 -10.55 -16.55 -15.29
C ASN A 7 -11.21 -15.49 -16.14
N LEU A 8 -11.07 -15.58 -17.47
CA LEU A 8 -11.64 -14.60 -18.44
C LEU A 8 -13.17 -14.64 -18.35
N ALA A 9 -13.77 -15.80 -18.04
CA ALA A 9 -15.25 -15.95 -17.92
C ALA A 9 -15.77 -15.05 -16.81
N GLU A 10 -14.98 -14.87 -15.76
CA GLU A 10 -15.31 -14.02 -14.59
C GLU A 10 -14.89 -12.56 -14.86
N GLU A 11 -13.73 -12.34 -15.47
CA GLU A 11 -13.12 -10.98 -15.59
C GLU A 11 -13.79 -10.18 -16.72
N LYS A 12 -14.26 -10.84 -17.78
CA LYS A 12 -14.80 -10.15 -18.99
C LYS A 12 -16.32 -10.04 -18.90
N ASP A 13 -16.86 -9.11 -19.68
CA ASP A 13 -18.31 -8.85 -19.79
C ASP A 13 -18.90 -9.87 -20.76
N VAL A 14 -19.15 -11.10 -20.29
CA VAL A 14 -19.48 -12.27 -21.17
C VAL A 14 -20.97 -12.24 -21.50
N LYS A 15 -21.32 -12.88 -22.60
CA LYS A 15 -22.72 -13.14 -23.03
C LYS A 15 -22.94 -14.66 -23.02
N VAL A 16 -24.00 -15.10 -22.37
CA VAL A 16 -24.36 -16.53 -22.23
C VAL A 16 -25.56 -16.83 -23.14
N THR A 17 -25.46 -17.83 -24.01
CA THR A 17 -26.58 -18.25 -24.90
C THR A 17 -26.79 -19.75 -24.78
N VAL A 18 -27.96 -20.21 -25.21
CA VAL A 18 -28.32 -21.64 -25.35
C VAL A 18 -28.83 -21.86 -26.77
N GLY A 19 -29.04 -23.11 -27.17
CA GLY A 19 -29.49 -23.48 -28.52
C GLY A 19 -30.98 -23.33 -28.68
N GLU A 20 -31.50 -23.68 -29.85
CA GLU A 20 -32.97 -23.64 -30.11
C GLU A 20 -33.65 -24.67 -29.19
N ASN A 21 -34.86 -24.32 -28.73
CA ASN A 21 -35.72 -25.16 -27.86
C ASN A 21 -34.99 -25.43 -26.54
N MET A 22 -34.45 -24.38 -25.93
CA MET A 22 -33.78 -24.41 -24.61
C MET A 22 -34.12 -23.12 -23.85
N ASP A 23 -34.47 -23.26 -22.55
CA ASP A 23 -34.68 -22.14 -21.60
C ASP A 23 -33.40 -21.96 -20.80
N LEU A 24 -33.01 -20.71 -20.58
CA LEU A 24 -31.82 -20.27 -19.82
C LEU A 24 -32.30 -19.54 -18.56
N LYS A 25 -31.94 -20.04 -17.38
CA LYS A 25 -32.35 -19.46 -16.09
C LYS A 25 -31.11 -19.11 -15.26
N ASN A 26 -31.05 -17.89 -14.72
CA ASN A 26 -30.00 -17.39 -13.78
C ASN A 26 -28.63 -17.53 -14.44
N ALA A 27 -28.43 -16.91 -15.60
CA ALA A 27 -27.20 -17.00 -16.44
C ALA A 27 -25.97 -16.51 -15.65
N ASP A 28 -26.15 -15.61 -14.68
CA ASP A 28 -25.05 -14.95 -13.90
C ASP A 28 -24.29 -15.97 -13.04
N LEU A 29 -24.94 -17.07 -12.64
CA LEU A 29 -24.37 -18.05 -11.67
C LEU A 29 -23.21 -18.81 -12.31
N LEU A 30 -23.18 -18.91 -13.63
CA LEU A 30 -22.19 -19.71 -14.42
C LEU A 30 -20.76 -19.15 -14.29
N THR A 31 -20.62 -17.83 -14.12
CA THR A 31 -19.35 -17.08 -14.22
C THR A 31 -19.18 -16.15 -13.01
N ASP A 32 -19.76 -16.50 -11.86
CA ASP A 32 -19.75 -15.65 -10.64
C ASP A 32 -18.58 -16.06 -9.73
N GLY A 33 -17.82 -17.09 -10.12
CA GLY A 33 -16.61 -17.52 -9.40
C GLY A 33 -16.91 -18.40 -8.21
N ASP A 34 -18.18 -18.80 -8.02
CA ASP A 34 -18.65 -19.55 -6.83
C ASP A 34 -19.04 -20.98 -7.25
N LYS A 35 -18.36 -21.97 -6.71
CA LYS A 35 -18.61 -23.41 -6.99
C LYS A 35 -19.34 -24.07 -5.81
N TYR A 36 -19.53 -23.37 -4.68
CA TYR A 36 -19.91 -23.98 -3.37
C TYR A 36 -21.21 -23.41 -2.81
N TYR A 37 -21.46 -22.11 -2.96
CA TYR A 37 -22.72 -21.41 -2.57
C TYR A 37 -22.98 -21.55 -1.05
N LEU A 38 -21.94 -21.35 -0.24
CA LEU A 38 -22.01 -21.34 1.25
C LEU A 38 -22.77 -20.10 1.71
N GLN A 39 -23.46 -20.17 2.85
CA GLN A 39 -24.36 -19.10 3.34
C GLN A 39 -23.95 -18.59 4.72
N HIS A 40 -23.14 -19.33 5.49
CA HIS A 40 -22.89 -19.05 6.93
C HIS A 40 -21.39 -18.81 7.16
N ASP A 41 -20.71 -18.22 6.17
CA ASP A 41 -19.26 -17.90 6.23
C ASP A 41 -19.00 -17.03 7.48
N ALA A 42 -19.97 -16.21 7.89
CA ALA A 42 -19.84 -15.23 8.99
C ALA A 42 -19.88 -15.92 10.36
N THR A 43 -20.35 -17.17 10.45
CA THR A 43 -20.48 -17.95 11.72
C THR A 43 -19.74 -19.30 11.60
N GLY A 44 -18.53 -19.29 11.03
CA GLY A 44 -17.66 -20.48 10.89
C GLY A 44 -18.31 -21.58 10.06
N ASN A 45 -19.25 -21.23 9.17
CA ASN A 45 -19.97 -22.17 8.28
C ASN A 45 -20.80 -23.15 9.13
N LYS A 46 -21.24 -22.71 10.31
CA LYS A 46 -22.13 -23.49 11.21
C LYS A 46 -23.39 -22.69 11.50
N GLU A 47 -24.52 -23.40 11.60
CA GLU A 47 -25.81 -22.97 12.20
C GLU A 47 -25.94 -23.65 13.57
N GLY A 48 -25.78 -22.91 14.66
CA GLY A 48 -25.57 -23.51 15.99
C GLY A 48 -24.25 -24.27 16.03
N ASN A 49 -24.28 -25.57 16.32
CA ASN A 49 -23.09 -26.45 16.43
C ASN A 49 -22.91 -27.32 15.18
N ASN A 50 -23.79 -27.17 14.18
CA ASN A 50 -23.83 -28.07 12.98
C ASN A 50 -23.28 -27.35 11.74
N TRP A 51 -22.44 -28.03 10.96
CA TRP A 51 -21.96 -27.55 9.65
C TRP A 51 -23.18 -27.30 8.73
N GLU A 52 -23.17 -26.21 7.97
CA GLU A 52 -24.24 -25.91 6.96
C GLU A 52 -24.24 -27.01 5.88
N ASN A 53 -25.42 -27.40 5.42
CA ASN A 53 -25.58 -28.44 4.37
C ASN A 53 -25.09 -27.89 3.02
N TYR A 54 -24.78 -28.80 2.10
CA TYR A 54 -24.37 -28.46 0.72
C TYR A 54 -25.64 -28.29 -0.12
N GLN A 55 -25.93 -27.04 -0.51
CA GLN A 55 -27.12 -26.66 -1.30
C GLN A 55 -26.65 -26.08 -2.63
N GLU A 56 -26.82 -26.85 -3.71
CA GLU A 56 -26.23 -26.58 -5.05
C GLU A 56 -27.10 -25.56 -5.80
N GLN A 57 -26.52 -24.41 -6.15
CA GLN A 57 -27.14 -23.40 -7.04
C GLN A 57 -26.40 -23.43 -8.39
N GLY A 58 -27.04 -22.94 -9.45
CA GLY A 58 -26.40 -22.93 -10.77
C GLY A 58 -27.30 -22.41 -11.86
N THR A 59 -26.71 -22.01 -12.98
CA THR A 59 -27.40 -21.67 -14.24
C THR A 59 -28.12 -22.93 -14.73
N GLU A 60 -29.44 -22.86 -14.91
CA GLU A 60 -30.24 -24.01 -15.39
C GLU A 60 -30.55 -23.82 -16.87
N VAL A 61 -30.21 -24.85 -17.67
CA VAL A 61 -30.57 -24.95 -19.11
C VAL A 61 -31.51 -26.15 -19.25
N THR A 62 -32.71 -25.90 -19.75
CA THR A 62 -33.79 -26.93 -19.86
C THR A 62 -34.18 -27.07 -21.32
N SER A 63 -34.09 -28.28 -21.87
CA SER A 63 -34.63 -28.66 -23.20
C SER A 63 -36.17 -28.54 -23.15
N THR A 64 -36.75 -27.79 -24.09
CA THR A 64 -38.22 -27.69 -24.31
C THR A 64 -38.56 -28.44 -25.61
N ALA A 65 -37.67 -29.34 -26.05
CA ALA A 65 -37.84 -30.18 -27.26
C ALA A 65 -38.29 -31.58 -26.83
N GLU A 66 -39.43 -32.03 -27.38
CA GLU A 66 -40.01 -33.38 -27.17
C GLU A 66 -38.94 -34.44 -27.43
N GLY A 67 -38.67 -35.30 -26.43
CA GLY A 67 -37.86 -36.52 -26.57
C GLY A 67 -36.37 -36.26 -26.62
N LYS A 68 -35.93 -35.00 -26.60
CA LYS A 68 -34.50 -34.60 -26.71
C LYS A 68 -34.08 -33.85 -25.43
N ASN A 69 -33.26 -34.48 -24.59
CA ASN A 69 -32.88 -33.94 -23.25
C ASN A 69 -31.52 -33.23 -23.32
N GLY A 70 -30.71 -33.50 -24.34
CA GLY A 70 -29.39 -32.87 -24.53
C GLY A 70 -29.53 -31.35 -24.59
N VAL A 71 -28.66 -30.62 -23.89
CA VAL A 71 -28.64 -29.13 -23.93
C VAL A 71 -27.22 -28.69 -24.21
N TRP A 72 -27.07 -27.39 -24.48
CA TRP A 72 -25.74 -26.74 -24.48
C TRP A 72 -25.87 -25.29 -24.00
N VAL A 73 -24.74 -24.77 -23.53
CA VAL A 73 -24.60 -23.36 -23.08
C VAL A 73 -23.30 -22.84 -23.70
N GLN A 74 -23.35 -21.64 -24.27
CA GLN A 74 -22.20 -20.99 -24.90
C GLN A 74 -21.84 -19.73 -24.11
N VAL A 75 -20.55 -19.54 -23.88
CA VAL A 75 -19.97 -18.28 -23.34
C VAL A 75 -19.25 -17.58 -24.49
N ASP A 76 -19.59 -16.31 -24.73
CA ASP A 76 -18.87 -15.38 -25.63
C ASP A 76 -18.05 -14.44 -24.75
N LEU A 77 -16.71 -14.52 -24.81
CA LEU A 77 -15.77 -13.71 -24.00
C LEU A 77 -15.69 -12.27 -24.55
N GLY A 78 -16.19 -12.04 -25.77
CA GLY A 78 -16.28 -10.70 -26.38
C GLY A 78 -15.10 -10.42 -27.30
N ALA A 79 -14.06 -11.24 -27.22
CA ALA A 79 -12.89 -11.22 -28.14
C ALA A 79 -12.19 -12.57 -28.04
N SER A 80 -11.20 -12.81 -28.90
CA SER A 80 -10.42 -14.07 -28.97
C SER A 80 -9.21 -13.95 -28.05
N TYR A 81 -9.07 -14.91 -27.12
CA TYR A 81 -8.02 -14.93 -26.08
C TYR A 81 -7.31 -16.28 -26.14
N PRO A 82 -5.99 -16.33 -25.83
CA PRO A 82 -5.31 -17.60 -25.60
C PRO A 82 -5.89 -18.24 -24.33
N LEU A 83 -6.54 -19.41 -24.49
CA LEU A 83 -7.10 -20.24 -23.39
C LEU A 83 -6.13 -21.37 -23.06
N GLU A 84 -6.01 -21.72 -21.78
CA GLU A 84 -5.05 -22.76 -21.29
C GLU A 84 -5.79 -23.85 -20.47
N VAL A 85 -6.78 -23.46 -19.68
CA VAL A 85 -7.49 -24.38 -18.75
C VAL A 85 -8.98 -24.07 -18.72
N ILE A 86 -9.81 -25.10 -18.73
CA ILE A 86 -11.28 -24.98 -18.48
C ILE A 86 -11.66 -25.85 -17.28
N ASN A 87 -12.47 -25.29 -16.39
CA ASN A 87 -13.04 -25.96 -15.19
C ASN A 87 -14.57 -25.96 -15.35
N LEU A 88 -15.15 -27.15 -15.51
CA LEU A 88 -16.63 -27.33 -15.58
C LEU A 88 -17.13 -28.00 -14.29
N LYS A 89 -18.10 -27.37 -13.63
CA LYS A 89 -18.84 -28.03 -12.52
C LYS A 89 -20.35 -27.92 -12.77
N ARG A 90 -21.01 -29.06 -12.76
CA ARG A 90 -22.49 -29.18 -12.77
C ARG A 90 -22.93 -29.71 -11.40
N GLN A 91 -24.24 -29.70 -11.12
CA GLN A 91 -24.84 -30.31 -9.91
C GLN A 91 -24.20 -31.67 -9.69
N VAL A 92 -23.65 -31.91 -8.49
CA VAL A 92 -22.90 -33.15 -8.14
C VAL A 92 -23.88 -34.25 -7.71
N TYR A 93 -24.88 -33.90 -6.90
CA TYR A 93 -25.74 -34.88 -6.19
C TYR A 93 -27.15 -34.89 -6.79
N ASP A 94 -27.68 -36.09 -6.98
CA ASP A 94 -29.10 -36.35 -7.32
C ASP A 94 -29.91 -36.23 -6.02
N GLY A 95 -30.50 -35.06 -5.77
CA GLY A 95 -31.14 -34.68 -4.48
C GLY A 95 -30.16 -33.98 -3.55
N GLN A 96 -30.49 -33.85 -2.26
CA GLN A 96 -29.65 -33.13 -1.27
C GLN A 96 -28.71 -34.13 -0.58
N ALA A 97 -27.40 -33.87 -0.66
CA ALA A 97 -26.35 -34.57 0.12
C ALA A 97 -26.62 -34.35 1.61
N THR A 98 -26.30 -35.35 2.44
CA THR A 98 -26.36 -35.25 3.92
C THR A 98 -24.93 -35.29 4.46
N ILE A 99 -24.70 -34.66 5.62
CA ILE A 99 -23.38 -34.68 6.31
C ILE A 99 -23.34 -35.93 7.19
N GLY A 100 -22.45 -36.87 6.86
CA GLY A 100 -22.29 -38.14 7.60
C GLY A 100 -20.88 -38.32 8.11
N ASN A 101 -20.55 -39.55 8.51
CA ASN A 101 -19.33 -39.90 9.26
C ASN A 101 -18.15 -40.09 8.30
N GLY A 102 -16.97 -39.59 8.65
CA GLY A 102 -15.72 -39.76 7.87
C GLY A 102 -14.67 -40.51 8.65
N ASN A 103 -13.41 -40.03 8.59
CA ASN A 103 -12.21 -40.68 9.16
C ASN A 103 -11.37 -39.58 9.83
N PRO A 104 -11.17 -39.60 11.17
CA PRO A 104 -11.67 -40.67 12.04
C PRO A 104 -13.18 -40.59 12.32
N SER A 105 -13.83 -41.75 12.54
CA SER A 105 -15.25 -41.88 12.96
C SER A 105 -15.54 -40.92 14.11
N GLY A 106 -16.57 -40.07 13.97
CA GLY A 106 -17.08 -39.21 15.05
C GLY A 106 -16.40 -37.86 15.12
N GLN A 107 -15.38 -37.61 14.30
CA GLN A 107 -14.75 -36.27 14.16
C GLN A 107 -14.86 -35.80 12.71
N GLY A 108 -14.21 -36.52 11.79
CA GLY A 108 -14.26 -36.26 10.34
C GLY A 108 -15.68 -36.31 9.82
N LYS A 109 -16.05 -35.36 8.95
CA LYS A 109 -17.38 -35.26 8.31
C LYS A 109 -17.19 -35.36 6.80
N ARG A 110 -18.06 -36.13 6.13
CA ARG A 110 -18.05 -36.34 4.67
C ARG A 110 -19.48 -36.26 4.16
N LEU A 111 -19.66 -35.67 2.97
CA LEU A 111 -20.97 -35.64 2.27
C LEU A 111 -21.32 -37.07 1.84
N LYS A 112 -22.58 -37.44 2.00
CA LYS A 112 -23.16 -38.74 1.55
C LYS A 112 -24.29 -38.43 0.56
N GLY A 113 -24.43 -39.26 -0.47
CA GLY A 113 -25.53 -39.15 -1.45
C GLY A 113 -25.17 -39.82 -2.76
N THR A 114 -26.08 -39.83 -3.71
CA THR A 114 -25.83 -40.46 -5.03
C THR A 114 -25.32 -39.35 -5.97
N LYS A 115 -24.12 -39.54 -6.52
CA LYS A 115 -23.47 -38.59 -7.45
C LYS A 115 -23.95 -38.85 -8.88
N ILE A 116 -24.05 -37.78 -9.66
CA ILE A 116 -24.49 -37.81 -11.08
C ILE A 116 -23.27 -38.06 -11.97
N SER A 117 -23.40 -38.97 -12.92
CA SER A 117 -22.48 -39.18 -14.06
C SER A 117 -23.18 -38.71 -15.33
N TYR A 118 -22.84 -37.50 -15.79
CA TYR A 118 -23.47 -36.87 -16.98
C TYR A 118 -23.00 -37.64 -18.22
N LYS A 119 -23.73 -37.53 -19.31
CA LYS A 119 -23.35 -38.18 -20.60
C LYS A 119 -23.47 -37.15 -21.73
N ASN A 120 -22.94 -37.53 -22.90
CA ASN A 120 -22.95 -36.71 -24.13
C ASN A 120 -22.38 -35.33 -23.80
N THR A 121 -21.32 -35.32 -22.99
CA THR A 121 -20.56 -34.11 -22.59
C THR A 121 -19.49 -33.84 -23.66
N ALA A 122 -19.44 -32.60 -24.13
CA ALA A 122 -18.41 -32.14 -25.09
C ALA A 122 -18.13 -30.66 -24.83
N ILE A 123 -16.90 -30.24 -25.12
CA ILE A 123 -16.49 -28.81 -25.07
C ILE A 123 -15.87 -28.45 -26.42
N VAL A 124 -16.44 -27.44 -27.08
CA VAL A 124 -15.94 -26.93 -28.39
C VAL A 124 -15.61 -25.45 -28.24
N ILE A 125 -14.46 -25.04 -28.78
CA ILE A 125 -14.01 -23.61 -28.77
C ILE A 125 -13.74 -23.16 -30.21
N GLY A 126 -13.88 -21.86 -30.46
CA GLY A 126 -13.65 -21.29 -31.78
C GLY A 126 -13.78 -19.78 -31.80
N ASN A 127 -13.67 -19.21 -33.00
CA ASN A 127 -13.65 -17.75 -33.24
C ASN A 127 -14.81 -17.37 -34.17
N GLU A 128 -15.66 -18.33 -34.55
CA GLU A 128 -16.95 -18.08 -35.24
C GLU A 128 -18.08 -18.37 -34.24
N GLU A 129 -19.08 -17.49 -34.20
CA GLU A 129 -20.23 -17.56 -33.25
C GLU A 129 -20.98 -18.89 -33.43
N ASP A 130 -21.04 -19.42 -34.66
CA ASP A 130 -21.72 -20.71 -34.99
C ASP A 130 -20.76 -21.90 -34.80
N LEU A 131 -19.49 -21.64 -34.45
CA LEU A 131 -18.44 -22.66 -34.18
C LEU A 131 -18.22 -23.57 -35.41
N SER A 132 -18.40 -23.03 -36.62
CA SER A 132 -18.07 -23.69 -37.91
C SER A 132 -16.55 -23.92 -38.01
N ASP A 133 -15.75 -23.23 -37.19
CA ASP A 133 -14.28 -23.36 -37.10
C ASP A 133 -13.92 -24.10 -35.80
N GLY A 134 -14.90 -24.75 -35.16
CA GLY A 134 -14.79 -25.31 -33.80
C GLY A 134 -13.64 -26.29 -33.65
N GLN A 135 -12.98 -26.27 -32.49
CA GLN A 135 -11.95 -27.25 -32.10
C GLN A 135 -12.44 -27.97 -30.84
N ILE A 136 -12.35 -29.29 -30.83
CA ILE A 136 -12.81 -30.14 -29.69
C ILE A 136 -11.75 -30.09 -28.58
N VAL A 137 -12.17 -29.69 -27.38
CA VAL A 137 -11.35 -29.77 -26.13
C VAL A 137 -11.63 -31.12 -25.46
N TYR A 138 -12.91 -31.53 -25.44
CA TYR A 138 -13.38 -32.76 -24.76
C TYR A 138 -14.61 -33.31 -25.50
N TYR A 139 -14.72 -34.63 -25.57
CA TYR A 139 -15.83 -35.32 -26.29
C TYR A 139 -16.08 -36.70 -25.69
N GLU A 140 -17.31 -36.90 -25.19
CA GLU A 140 -17.77 -38.17 -24.57
C GLU A 140 -19.19 -38.45 -25.10
N GLY A 141 -19.51 -39.72 -25.38
CA GLY A 141 -20.83 -40.11 -25.92
C GLY A 141 -20.96 -39.75 -27.38
N ASN A 142 -22.12 -39.22 -27.80
CA ASN A 142 -22.39 -38.94 -29.24
C ASN A 142 -23.24 -37.68 -29.40
N PRO A 143 -22.91 -36.54 -28.73
CA PRO A 143 -23.67 -35.32 -28.94
C PRO A 143 -23.42 -34.81 -30.37
N THR A 144 -24.43 -34.19 -30.98
CA THR A 144 -24.33 -33.59 -32.34
C THR A 144 -23.50 -32.31 -32.25
N LEU A 145 -22.35 -32.31 -32.91
CA LEU A 145 -21.40 -31.16 -32.96
C LEU A 145 -21.89 -30.13 -33.98
N PRO A 146 -21.36 -28.89 -33.95
CA PRO A 146 -21.72 -27.87 -34.93
C PRO A 146 -21.31 -28.30 -36.35
N ASP A 147 -22.04 -27.83 -37.36
CA ASP A 147 -21.68 -28.03 -38.79
C ASP A 147 -20.22 -27.60 -38.99
N GLY A 148 -19.40 -28.47 -39.57
CA GLY A 148 -17.99 -28.19 -39.89
C GLY A 148 -17.02 -28.67 -38.82
N VAL A 149 -17.51 -29.25 -37.71
CA VAL A 149 -16.66 -29.84 -36.64
C VAL A 149 -16.77 -31.38 -36.70
N LYS A 150 -15.66 -32.06 -36.96
CA LYS A 150 -15.59 -33.54 -37.09
C LYS A 150 -15.50 -34.18 -35.71
N GLN A 151 -16.13 -35.35 -35.56
CA GLN A 151 -15.99 -36.26 -34.39
C GLN A 151 -14.52 -36.66 -34.24
N PRO A 152 -13.96 -36.73 -33.02
CA PRO A 152 -12.60 -37.26 -32.85
C PRO A 152 -12.63 -38.79 -32.99
N GLU A 153 -11.48 -39.39 -33.34
CA GLU A 153 -11.31 -40.87 -33.38
C GLU A 153 -11.36 -41.40 -31.94
N ASN A 154 -10.74 -40.69 -31.01
CA ASN A 154 -10.66 -41.07 -29.57
C ASN A 154 -11.77 -40.34 -28.81
N VAL A 155 -12.62 -41.12 -28.13
CA VAL A 155 -13.85 -40.64 -27.43
C VAL A 155 -13.68 -40.99 -25.95
N SER A 156 -14.00 -40.05 -25.05
CA SER A 156 -13.95 -40.26 -23.58
C SER A 156 -15.23 -40.99 -23.11
N LYS A 157 -15.14 -41.61 -21.94
CA LYS A 157 -16.26 -42.29 -21.23
C LYS A 157 -16.75 -41.39 -20.11
N PRO A 158 -18.02 -41.52 -19.64
CA PRO A 158 -18.52 -40.67 -18.56
C PRO A 158 -17.68 -40.77 -17.28
N TYR A 159 -17.62 -39.68 -16.52
CA TYR A 159 -16.99 -39.60 -15.18
C TYR A 159 -18.06 -39.20 -14.17
N GLU A 160 -17.79 -39.47 -12.90
CA GLU A 160 -18.62 -39.04 -11.75
C GLU A 160 -18.33 -37.56 -11.47
N GLU A 161 -19.36 -36.71 -11.40
CA GLU A 161 -19.20 -35.28 -11.09
C GLU A 161 -18.56 -35.16 -9.70
N ALA A 162 -17.74 -34.12 -9.50
CA ALA A 162 -16.91 -33.90 -8.29
C ALA A 162 -17.15 -32.51 -7.72
N MET A 163 -16.85 -32.35 -6.43
CA MET A 163 -16.99 -31.10 -5.64
C MET A 163 -16.24 -29.95 -6.33
N GLY A 164 -15.09 -30.22 -6.95
CA GLY A 164 -14.23 -29.19 -7.59
C GLY A 164 -14.46 -29.07 -9.09
N GLY A 165 -15.35 -29.89 -9.66
CA GLY A 165 -15.60 -29.94 -11.11
C GLY A 165 -14.55 -30.76 -11.83
N GLN A 166 -14.53 -30.66 -13.15
CA GLN A 166 -13.57 -31.37 -14.03
C GLN A 166 -12.61 -30.33 -14.61
N TRP A 167 -11.39 -30.75 -14.96
CA TRP A 167 -10.35 -29.86 -15.53
C TRP A 167 -9.96 -30.35 -16.94
N PHE A 168 -9.92 -29.43 -17.89
CA PHE A 168 -9.60 -29.70 -19.30
C PHE A 168 -8.48 -28.77 -19.75
N TYR A 169 -7.63 -29.29 -20.64
CA TYR A 169 -6.43 -28.61 -21.19
C TYR A 169 -6.51 -28.73 -22.72
N MET A 170 -5.54 -28.14 -23.43
CA MET A 170 -5.67 -27.78 -24.86
C MET A 170 -4.94 -28.79 -25.76
N ASP A 171 -4.50 -29.93 -25.23
CA ASP A 171 -3.88 -31.02 -26.03
C ASP A 171 -4.81 -32.23 -26.03
N TYR A 172 -5.52 -32.47 -27.13
CA TYR A 172 -6.50 -33.60 -27.20
C TYR A 172 -5.78 -34.94 -27.17
N ALA A 173 -4.51 -34.97 -27.60
CA ALA A 173 -3.67 -36.18 -27.63
C ALA A 173 -3.23 -36.56 -26.21
N ASN A 174 -3.37 -35.65 -25.24
CA ASN A 174 -3.02 -35.89 -23.81
C ASN A 174 -4.28 -36.27 -23.02
N LYS A 175 -4.56 -37.57 -22.92
CA LYS A 175 -5.75 -38.16 -22.24
C LYS A 175 -7.05 -37.46 -22.71
N ASN A 176 -7.20 -37.20 -24.00
CA ASN A 176 -8.47 -36.73 -24.63
C ASN A 176 -8.92 -35.40 -23.99
N GLY A 177 -7.97 -34.53 -23.66
CA GLY A 177 -8.24 -33.20 -23.09
C GLY A 177 -8.21 -33.18 -21.57
N LEU A 178 -8.04 -34.33 -20.89
CA LEU A 178 -8.02 -34.39 -19.40
C LEU A 178 -6.58 -34.28 -18.87
N GLY A 179 -5.58 -34.49 -19.72
CA GLY A 179 -4.16 -34.53 -19.34
C GLY A 179 -3.55 -33.14 -19.23
N ALA A 180 -2.94 -32.84 -18.08
CA ALA A 180 -2.35 -31.52 -17.80
C ALA A 180 -1.21 -31.30 -18.81
N THR A 181 -1.15 -30.10 -19.36
CA THR A 181 -0.19 -29.68 -20.41
C THR A 181 0.99 -28.93 -19.77
N GLU A 182 2.07 -28.70 -20.53
CA GLU A 182 3.16 -27.77 -20.15
C GLU A 182 2.59 -26.35 -20.03
N LEU A 183 3.17 -25.55 -19.14
CA LEU A 183 2.80 -24.12 -18.96
C LEU A 183 2.76 -23.43 -20.32
N GLY A 184 1.69 -22.68 -20.59
CA GLY A 184 1.54 -21.85 -21.80
C GLY A 184 1.11 -22.65 -23.02
N THR A 185 0.54 -23.83 -22.87
CA THR A 185 -0.09 -24.61 -23.97
C THR A 185 -1.50 -24.05 -24.17
N THR A 186 -1.69 -23.21 -25.19
CA THR A 186 -2.91 -22.38 -25.37
C THR A 186 -3.55 -22.65 -26.74
N LYS A 187 -4.84 -22.36 -26.84
CA LYS A 187 -5.59 -22.22 -28.11
C LYS A 187 -6.43 -20.94 -28.04
N GLU A 188 -6.44 -20.17 -29.11
CA GLU A 188 -7.18 -18.88 -29.18
C GLU A 188 -8.65 -19.18 -29.41
N ALA A 189 -9.54 -18.60 -28.62
CA ALA A 189 -10.99 -18.72 -28.81
C ALA A 189 -11.70 -17.55 -28.16
N ARG A 190 -12.82 -17.14 -28.76
CA ARG A 190 -13.79 -16.17 -28.20
C ARG A 190 -15.01 -16.94 -27.69
N TYR A 191 -15.37 -18.04 -28.34
CA TYR A 191 -16.63 -18.79 -28.08
C TYR A 191 -16.30 -20.16 -27.51
N ILE A 192 -16.93 -20.50 -26.38
CA ILE A 192 -16.76 -21.79 -25.66
C ILE A 192 -18.15 -22.38 -25.44
N ARG A 193 -18.43 -23.53 -26.07
CA ARG A 193 -19.74 -24.22 -25.95
C ARG A 193 -19.56 -25.54 -25.21
N VAL A 194 -20.41 -25.78 -24.20
CA VAL A 194 -20.48 -27.04 -23.41
C VAL A 194 -21.81 -27.76 -23.71
N TYR A 195 -21.72 -28.97 -24.25
CA TYR A 195 -22.84 -29.93 -24.42
C TYR A 195 -22.93 -30.79 -23.16
N THR A 196 -24.16 -31.09 -22.72
CA THR A 196 -24.43 -32.04 -21.61
C THR A 196 -25.84 -32.61 -21.73
N GLU A 197 -25.97 -33.90 -21.43
CA GLU A 197 -27.27 -34.57 -21.11
C GLU A 197 -27.26 -35.07 -19.66
N ASN A 198 -28.20 -34.57 -18.85
CA ASN A 198 -28.60 -35.14 -17.54
C ASN A 198 -29.20 -36.51 -17.78
N PRO A 199 -28.70 -37.59 -17.15
CA PRO A 199 -29.22 -38.94 -17.36
C PRO A 199 -30.70 -39.15 -17.01
N LYS A 200 -31.30 -38.29 -16.16
CA LYS A 200 -32.68 -38.49 -15.64
C LYS A 200 -33.67 -37.51 -16.28
N GLY A 201 -33.26 -36.28 -16.61
CA GLY A 201 -34.19 -35.24 -17.09
C GLY A 201 -33.64 -34.36 -18.21
N ALA A 202 -34.42 -33.34 -18.57
CA ALA A 202 -34.17 -32.40 -19.69
C ALA A 202 -33.46 -31.13 -19.18
N ALA A 203 -33.11 -31.06 -17.90
CA ALA A 203 -32.50 -29.88 -17.24
C ALA A 203 -31.10 -30.24 -16.70
N VAL A 204 -30.12 -29.39 -16.99
CA VAL A 204 -28.75 -29.47 -16.39
C VAL A 204 -28.52 -28.20 -15.58
N LYS A 205 -28.06 -28.34 -14.34
CA LYS A 205 -27.61 -27.20 -13.50
C LYS A 205 -26.09 -27.05 -13.66
N PHE A 206 -25.66 -25.94 -14.28
CA PHE A 206 -24.23 -25.58 -14.48
C PHE A 206 -23.82 -24.63 -13.36
N MET A 207 -23.02 -25.12 -12.40
CA MET A 207 -22.68 -24.34 -11.18
C MET A 207 -21.52 -23.38 -11.48
N GLU A 208 -20.62 -23.76 -12.38
CA GLU A 208 -19.47 -22.91 -12.79
C GLU A 208 -18.85 -23.41 -14.10
N LEU A 209 -18.57 -22.46 -14.99
CA LEU A 209 -17.66 -22.63 -16.15
C LEU A 209 -16.51 -21.64 -16.00
N GLY A 210 -15.37 -22.09 -15.47
CA GLY A 210 -14.13 -21.30 -15.38
C GLY A 210 -13.33 -21.42 -16.66
N ILE A 211 -12.95 -20.30 -17.27
CA ILE A 211 -12.21 -20.29 -18.57
C ILE A 211 -10.93 -19.48 -18.35
N TYR A 212 -9.82 -20.17 -18.14
CA TYR A 212 -8.53 -19.56 -17.73
C TYR A 212 -7.67 -19.31 -18.97
N GLY A 213 -7.22 -18.06 -19.11
CA GLY A 213 -6.42 -17.63 -20.26
C GLY A 213 -5.73 -16.31 -19.99
N TYR A 214 -5.20 -15.72 -21.05
CA TYR A 214 -4.38 -14.49 -20.98
C TYR A 214 -5.09 -13.38 -21.75
N GLU A 215 -4.78 -12.13 -21.41
CA GLU A 215 -5.28 -10.90 -22.08
C GLU A 215 -4.81 -10.87 -23.54
N ASN A 216 -3.62 -11.45 -23.79
CA ASN A 216 -2.96 -11.40 -25.13
C ASN A 216 -1.82 -12.43 -25.17
N GLU A 217 -1.25 -12.65 -26.37
CA GLU A 217 -0.18 -13.66 -26.61
C GLU A 217 1.11 -13.25 -25.88
N GLN A 218 1.32 -11.96 -25.62
CA GLN A 218 2.55 -11.42 -25.00
C GLN A 218 2.61 -11.89 -23.55
N ASP A 219 1.45 -12.08 -22.91
CA ASP A 219 1.34 -12.49 -21.48
C ASP A 219 1.51 -14.00 -21.32
N VAL A 220 1.36 -14.80 -22.40
CA VAL A 220 1.36 -16.29 -22.33
C VAL A 220 2.71 -16.72 -21.76
N GLN A 221 2.70 -17.63 -20.78
CA GLN A 221 3.92 -17.99 -20.01
C GLN A 221 4.62 -19.18 -20.67
N SER A 222 5.87 -19.39 -20.29
CA SER A 222 6.74 -20.52 -20.67
C SER A 222 7.49 -20.97 -19.41
N GLN A 223 7.66 -22.27 -19.20
CA GLN A 223 8.48 -22.76 -18.05
C GLN A 223 9.91 -22.99 -18.55
N ASP A 224 10.76 -21.97 -18.41
CA ASP A 224 12.17 -21.98 -18.89
C ASP A 224 13.07 -22.26 -17.68
N GLY A 225 13.17 -23.54 -17.31
CA GLY A 225 13.98 -24.02 -16.18
C GLY A 225 13.27 -23.86 -14.83
N PRO A 226 13.99 -24.17 -13.72
CA PRO A 226 13.39 -24.17 -12.38
C PRO A 226 12.93 -22.77 -11.93
N ARG A 227 11.88 -22.69 -11.12
CA ARG A 227 11.39 -21.41 -10.53
C ARG A 227 12.42 -20.96 -9.49
N ARG A 228 13.06 -21.88 -8.78
CA ARG A 228 14.21 -21.57 -7.89
C ARG A 228 15.20 -22.73 -7.93
N VAL A 229 16.50 -22.44 -7.73
CA VAL A 229 17.56 -23.46 -7.50
C VAL A 229 17.68 -23.67 -5.99
N ILE A 230 17.70 -24.93 -5.55
CA ILE A 230 18.05 -25.31 -4.15
C ILE A 230 19.29 -26.18 -4.21
N ASP A 231 20.44 -25.64 -3.77
CA ASP A 231 21.73 -26.37 -3.71
C ASP A 231 22.66 -25.60 -2.78
N ASN A 232 23.91 -26.04 -2.68
CA ASN A 232 24.93 -25.49 -1.75
C ASN A 232 25.14 -23.99 -2.04
N GLU A 233 25.04 -23.56 -3.31
CA GLU A 233 25.23 -22.14 -3.73
C GLU A 233 23.92 -21.35 -3.61
N HIS A 234 22.78 -22.04 -3.44
CA HIS A 234 21.42 -21.43 -3.33
C HIS A 234 20.66 -22.11 -2.22
N PRO A 235 21.08 -21.93 -0.94
CA PRO A 235 20.37 -22.52 0.18
C PRO A 235 19.00 -21.82 0.32
N MET A 236 18.10 -22.43 1.07
CA MET A 236 16.71 -21.94 1.25
C MET A 236 16.31 -22.07 2.73
N MET A 237 15.85 -20.97 3.31
CA MET A 237 15.16 -20.95 4.62
C MET A 237 13.65 -20.96 4.36
N ILE A 238 12.93 -21.86 5.03
CA ILE A 238 11.44 -21.93 5.04
C ILE A 238 10.95 -21.37 6.38
N ALA A 239 10.01 -20.42 6.35
CA ALA A 239 9.26 -19.96 7.53
C ALA A 239 7.78 -20.32 7.31
N THR A 240 7.17 -20.97 8.29
CA THR A 240 5.77 -21.43 8.20
C THR A 240 4.84 -20.27 8.61
N ALA A 241 3.89 -19.97 7.72
CA ALA A 241 2.75 -19.06 7.97
C ALA A 241 1.53 -19.90 8.33
N TYR A 242 1.31 -20.12 9.63
CA TYR A 242 0.16 -20.89 10.16
C TYR A 242 -1.07 -19.99 10.22
N SER A 243 -2.20 -20.41 9.64
CA SER A 243 -3.52 -19.80 9.93
C SER A 243 -3.72 -19.71 11.45
N ASN A 244 -4.35 -18.64 11.93
CA ASN A 244 -4.84 -18.56 13.34
C ASN A 244 -6.18 -19.29 13.45
N ASP A 245 -6.61 -20.01 12.40
CA ASP A 245 -7.86 -20.82 12.36
C ASP A 245 -9.09 -19.91 12.19
N VAL A 246 -8.89 -18.62 11.91
CA VAL A 246 -10.00 -17.65 11.65
C VAL A 246 -9.90 -17.21 10.20
N TYR A 247 -10.99 -17.38 9.45
CA TYR A 247 -11.10 -16.89 8.05
C TYR A 247 -12.57 -16.87 7.64
N GLU A 248 -12.96 -15.85 6.87
CA GLU A 248 -14.30 -15.68 6.27
C GLU A 248 -14.11 -15.43 4.76
N ILE A 249 -14.53 -16.33 3.88
CA ILE A 249 -14.45 -16.11 2.42
C ILE A 249 -15.06 -14.73 2.12
N GLY A 250 -14.32 -13.88 1.39
CA GLY A 250 -14.75 -12.51 1.04
C GLY A 250 -14.22 -11.44 1.99
N GLN A 251 -13.55 -11.80 3.09
CA GLN A 251 -12.97 -10.81 4.04
C GLN A 251 -11.99 -9.92 3.27
N GLU A 252 -11.93 -8.63 3.62
CA GLU A 252 -11.11 -7.61 2.90
C GLU A 252 -9.64 -7.80 3.27
N GLU A 253 -9.33 -7.88 4.56
CA GLU A 253 -7.94 -8.00 5.10
C GLU A 253 -7.39 -9.39 4.77
N GLY A 254 -6.07 -9.54 4.77
CA GLY A 254 -5.38 -10.81 4.47
C GLY A 254 -5.65 -11.87 5.52
N PRO A 255 -5.33 -13.14 5.24
CA PRO A 255 -5.52 -14.21 6.23
C PRO A 255 -4.68 -13.92 7.47
N GLU A 256 -5.29 -13.91 8.65
CA GLU A 256 -4.55 -13.71 9.92
C GLU A 256 -3.73 -14.96 10.23
N LEU A 257 -2.45 -14.80 10.58
CA LEU A 257 -1.57 -15.92 10.99
C LEU A 257 -1.41 -15.94 12.51
N GLN A 258 -0.86 -17.02 13.06
CA GLN A 258 -0.52 -17.14 14.50
C GLN A 258 0.29 -15.90 14.91
N GLY A 259 0.02 -15.36 16.11
CA GLY A 259 0.83 -14.31 16.77
C GLY A 259 0.71 -12.96 16.09
N SER A 260 -0.48 -12.62 15.59
CA SER A 260 -0.78 -11.34 14.90
C SER A 260 0.16 -11.13 13.71
N ASN A 261 0.63 -12.20 13.07
CA ASN A 261 1.49 -12.12 11.87
C ASN A 261 0.59 -12.02 10.63
N THR A 262 1.13 -11.50 9.52
CA THR A 262 0.48 -11.51 8.19
C THR A 262 1.51 -12.00 7.17
N VAL A 263 1.04 -12.45 5.99
CA VAL A 263 1.93 -12.98 4.92
C VAL A 263 2.87 -11.86 4.46
N ASP A 264 2.32 -10.68 4.14
CA ASP A 264 3.13 -9.50 3.72
C ASP A 264 4.03 -9.07 4.88
N GLY A 265 3.53 -9.10 6.10
CA GLY A 265 4.31 -8.75 7.32
C GLY A 265 5.55 -9.60 7.47
N ARG A 266 5.41 -10.93 7.38
CA ARG A 266 6.55 -11.86 7.55
C ARG A 266 7.55 -11.59 6.42
N TRP A 267 7.08 -11.39 5.20
CA TRP A 267 7.97 -11.20 4.03
C TRP A 267 8.80 -9.93 4.23
N ASN A 268 8.17 -8.85 4.71
CA ASN A 268 8.79 -7.51 4.79
C ASN A 268 9.71 -7.41 6.02
N ALA A 269 9.70 -8.40 6.92
CA ALA A 269 10.61 -8.46 8.08
C ALA A 269 11.96 -9.07 7.68
N ILE A 270 12.04 -9.76 6.54
CA ILE A 270 13.29 -10.41 6.06
C ILE A 270 14.19 -9.31 5.47
N PRO A 271 15.49 -9.24 5.87
CA PRO A 271 16.44 -8.30 5.23
C PRO A 271 16.49 -8.49 3.71
N ASP A 272 16.60 -7.40 2.95
CA ASP A 272 16.53 -7.44 1.46
C ASP A 272 17.55 -8.43 0.89
N ASP A 273 18.75 -8.49 1.49
CA ASP A 273 19.89 -9.30 0.97
C ASP A 273 19.64 -10.80 1.18
N LEU A 274 18.63 -11.23 1.95
CA LEU A 274 18.34 -12.67 2.18
C LEU A 274 17.03 -13.09 1.51
N LYS A 275 16.31 -12.18 0.87
CA LYS A 275 14.96 -12.45 0.29
C LYS A 275 15.07 -13.50 -0.83
N GLU A 276 16.19 -13.56 -1.56
CA GLU A 276 16.38 -14.54 -2.64
C GLU A 276 16.62 -15.94 -2.07
N ASN A 277 16.79 -16.09 -0.76
CA ASN A 277 17.08 -17.41 -0.14
C ASN A 277 16.00 -17.80 0.87
N ASN A 278 14.84 -17.13 0.82
CA ASN A 278 13.72 -17.36 1.76
C ASN A 278 12.44 -17.73 0.98
N VAL A 279 11.60 -18.57 1.57
CA VAL A 279 10.20 -18.84 1.12
C VAL A 279 9.29 -18.86 2.33
N LEU A 280 8.01 -18.54 2.12
CA LEU A 280 6.94 -18.67 3.13
C LEU A 280 6.12 -19.92 2.81
N LEU A 281 5.86 -20.74 3.83
CA LEU A 281 5.02 -21.96 3.71
C LEU A 281 3.64 -21.61 4.28
N LEU A 282 2.63 -21.52 3.41
CA LEU A 282 1.22 -21.33 3.81
C LEU A 282 0.71 -22.66 4.40
N HIS A 283 0.23 -22.63 5.63
CA HIS A 283 -0.23 -23.84 6.37
C HIS A 283 -1.63 -23.59 6.92
N THR A 284 -2.59 -24.42 6.53
CA THR A 284 -4.04 -24.25 6.88
C THR A 284 -4.29 -24.50 8.37
N ASN A 285 -3.37 -25.18 9.05
CA ASN A 285 -3.42 -25.38 10.52
C ASN A 285 -4.71 -26.13 10.85
N ASN A 286 -5.57 -25.62 11.74
CA ASN A 286 -6.87 -26.25 12.08
C ASN A 286 -8.04 -25.44 11.51
N LEU A 287 -7.83 -24.67 10.44
CA LEU A 287 -8.90 -23.90 9.76
C LEU A 287 -9.98 -24.87 9.32
N ARG A 288 -11.22 -24.70 9.80
CA ARG A 288 -12.41 -25.51 9.40
C ARG A 288 -12.10 -27.00 9.58
N GLN A 289 -11.34 -27.39 10.61
CA GLN A 289 -10.90 -28.79 10.83
C GLN A 289 -12.12 -29.72 10.89
N PHE A 290 -12.07 -30.81 10.12
CA PHE A 290 -13.06 -31.93 10.08
C PHE A 290 -14.28 -31.58 9.22
N ALA A 291 -14.33 -30.39 8.60
CA ALA A 291 -15.48 -29.91 7.80
C ALA A 291 -15.79 -30.87 6.66
N PRO A 292 -17.06 -31.01 6.25
CA PRO A 292 -17.41 -31.81 5.07
C PRO A 292 -16.92 -31.15 3.77
N ASP A 293 -17.10 -31.86 2.66
CA ASP A 293 -16.37 -31.66 1.37
C ASP A 293 -16.49 -30.20 0.88
N HIS A 294 -17.68 -29.62 0.88
CA HIS A 294 -17.96 -28.28 0.31
C HIS A 294 -17.24 -27.18 1.10
N ILE A 295 -17.30 -27.22 2.43
CA ILE A 295 -16.67 -26.20 3.31
C ILE A 295 -15.14 -26.37 3.26
N GLY A 296 -14.66 -27.61 3.36
CA GLY A 296 -13.22 -27.91 3.37
C GLY A 296 -12.55 -27.45 2.09
N GLN A 297 -13.08 -27.84 0.93
CA GLN A 297 -12.49 -27.47 -0.38
C GLN A 297 -12.55 -25.94 -0.54
N ALA A 298 -13.68 -25.32 -0.23
CA ALA A 298 -13.85 -23.85 -0.41
C ALA A 298 -12.79 -23.09 0.41
N TYR A 299 -12.55 -23.52 1.66
CA TYR A 299 -11.65 -22.83 2.61
C TYR A 299 -10.19 -23.17 2.29
N LEU A 300 -9.88 -24.41 1.91
CA LEU A 300 -8.51 -24.77 1.45
C LEU A 300 -8.11 -23.82 0.34
N GLN A 301 -8.99 -23.65 -0.65
CA GLN A 301 -8.68 -22.90 -1.90
C GLN A 301 -8.62 -21.39 -1.59
N ALA A 302 -9.59 -20.86 -0.84
CA ALA A 302 -9.69 -19.42 -0.53
C ALA A 302 -8.45 -18.99 0.29
N PHE A 303 -8.09 -19.75 1.32
CA PHE A 303 -6.97 -19.41 2.23
C PHE A 303 -5.69 -19.28 1.39
N HIS A 304 -5.38 -20.30 0.59
CA HIS A 304 -4.13 -20.37 -0.22
C HIS A 304 -4.17 -19.34 -1.35
N GLU A 305 -5.33 -19.14 -1.99
CA GLU A 305 -5.45 -18.15 -3.09
C GLU A 305 -5.14 -16.76 -2.54
N HIS A 306 -5.70 -16.43 -1.37
CA HIS A 306 -5.54 -15.10 -0.73
C HIS A 306 -4.06 -14.91 -0.35
N GLY A 307 -3.46 -15.90 0.29
CA GLY A 307 -2.03 -15.91 0.63
C GLY A 307 -1.16 -15.74 -0.61
N LEU A 308 -1.40 -16.51 -1.66
CA LEU A 308 -0.62 -16.47 -2.92
C LEU A 308 -0.71 -15.07 -3.54
N GLN A 309 -1.88 -14.44 -3.49
CA GLN A 309 -2.16 -13.13 -4.13
C GLN A 309 -1.37 -12.04 -3.39
N ILE A 310 -1.41 -12.04 -2.05
CA ILE A 310 -0.65 -11.06 -1.23
C ILE A 310 0.85 -11.25 -1.53
N ALA A 311 1.30 -12.50 -1.51
CA ALA A 311 2.71 -12.86 -1.76
C ALA A 311 3.12 -12.39 -3.16
N TYR A 312 2.24 -12.58 -4.15
CA TYR A 312 2.51 -12.18 -5.55
C TYR A 312 2.75 -10.67 -5.63
N GLU A 313 1.94 -9.88 -4.93
CA GLU A 313 2.05 -8.40 -4.91
C GLU A 313 3.33 -7.97 -4.19
N GLN A 314 3.86 -8.78 -3.28
CA GLN A 314 5.06 -8.44 -2.46
C GLN A 314 6.32 -9.08 -3.06
N GLY A 315 6.19 -10.00 -4.03
CA GLY A 315 7.31 -10.74 -4.63
C GLY A 315 7.82 -11.84 -3.71
N ALA A 316 6.98 -12.40 -2.84
CA ALA A 316 7.34 -13.50 -1.92
C ALA A 316 7.09 -14.84 -2.62
N PRO A 317 8.12 -15.71 -2.78
CA PRO A 317 7.90 -17.09 -3.18
C PRO A 317 7.22 -17.91 -2.08
N ILE A 318 6.37 -18.84 -2.50
CA ILE A 318 5.40 -19.54 -1.62
C ILE A 318 5.57 -21.05 -1.76
N MET A 319 5.43 -21.74 -0.63
CA MET A 319 5.12 -23.19 -0.56
C MET A 319 3.73 -23.34 0.02
N LEU A 320 3.01 -24.41 -0.37
CA LEU A 320 1.72 -24.78 0.24
C LEU A 320 1.92 -26.08 1.02
N LEU A 321 1.25 -26.21 2.16
CA LEU A 321 1.15 -27.52 2.82
C LEU A 321 0.24 -28.41 1.96
N GLY A 322 0.79 -29.46 1.37
CA GLY A 322 0.05 -30.39 0.50
C GLY A 322 -0.75 -31.40 1.30
N LEU A 323 -0.19 -31.82 2.44
CA LEU A 323 -0.62 -33.06 3.16
C LEU A 323 0.02 -33.13 4.54
N THR A 324 -0.77 -33.23 5.60
CA THR A 324 -0.35 -33.74 6.93
C THR A 324 -1.44 -34.68 7.47
N ALA A 325 -1.08 -35.52 8.44
CA ALA A 325 -1.99 -36.41 9.18
C ALA A 325 -2.79 -37.30 8.22
N ALA A 326 -2.19 -37.63 7.07
CA ALA A 326 -2.78 -38.46 6.00
C ALA A 326 -4.12 -37.84 5.52
N ALA A 327 -4.28 -36.52 5.66
CA ALA A 327 -5.47 -35.77 5.20
C ALA A 327 -5.31 -35.47 3.69
N THR A 328 -5.78 -36.41 2.87
CA THR A 328 -5.64 -36.42 1.39
C THR A 328 -6.93 -36.93 0.77
N PRO A 329 -7.29 -36.44 -0.44
CA PRO A 329 -8.46 -36.95 -1.16
C PRO A 329 -8.33 -38.41 -1.61
N GLU A 330 -7.12 -38.98 -1.55
CA GLU A 330 -6.85 -40.40 -1.92
C GLU A 330 -7.60 -41.35 -0.98
N ASN A 331 -7.93 -42.54 -1.49
CA ASN A 331 -8.62 -43.64 -0.76
C ASN A 331 -7.83 -43.98 0.51
N GLY A 332 -8.54 -44.00 1.64
CA GLY A 332 -7.97 -44.28 2.97
C GLY A 332 -7.61 -43.00 3.70
N GLY A 333 -7.72 -41.83 3.06
CA GLY A 333 -7.36 -40.53 3.65
C GLY A 333 -8.20 -40.15 4.85
N THR A 334 -7.66 -39.31 5.73
CA THR A 334 -8.36 -38.77 6.93
C THR A 334 -8.91 -37.37 6.59
N GLN A 335 -9.69 -36.80 7.52
CA GLN A 335 -10.08 -35.37 7.48
C GLN A 335 -9.49 -34.62 8.67
N TYR A 336 -8.26 -34.95 9.07
CA TYR A 336 -7.55 -34.25 10.17
C TYR A 336 -7.25 -32.79 9.79
N ASN A 337 -7.20 -32.50 8.48
N ASN A 337 -7.21 -32.50 8.49
CA ASN A 337 -6.89 -31.15 7.92
CA ASN A 337 -6.90 -31.16 7.92
C ASN A 337 -7.67 -30.99 6.60
C ASN A 337 -7.67 -30.99 6.60
N ILE A 338 -8.00 -29.76 6.23
CA ILE A 338 -8.77 -29.46 4.97
C ILE A 338 -7.96 -29.78 3.71
N THR A 339 -6.68 -30.18 3.83
CA THR A 339 -5.89 -30.81 2.74
C THR A 339 -6.58 -32.08 2.23
N ALA A 340 -7.46 -32.68 3.03
CA ALA A 340 -8.34 -33.81 2.63
C ALA A 340 -9.12 -33.45 1.36
N ASP A 341 -9.42 -32.17 1.13
CA ASP A 341 -10.31 -31.70 0.04
C ASP A 341 -9.50 -31.10 -1.11
N MET A 342 -8.19 -31.36 -1.16
CA MET A 342 -7.30 -30.94 -2.26
C MET A 342 -7.89 -31.41 -3.60
N ASP A 343 -7.90 -30.53 -4.59
CA ASP A 343 -8.22 -30.83 -6.00
C ASP A 343 -6.90 -30.63 -6.77
N TYR A 344 -6.38 -31.70 -7.39
CA TYR A 344 -5.08 -31.63 -8.13
C TYR A 344 -5.21 -30.69 -9.32
N GLY A 345 -6.43 -30.50 -9.85
CA GLY A 345 -6.67 -29.51 -10.92
C GLY A 345 -6.46 -28.08 -10.44
N TRP A 346 -6.93 -27.78 -9.23
CA TRP A 346 -6.71 -26.48 -8.55
C TRP A 346 -5.21 -26.27 -8.26
N LEU A 347 -4.49 -27.28 -7.77
CA LEU A 347 -3.06 -27.17 -7.44
C LEU A 347 -2.27 -26.85 -8.72
N ASP A 348 -2.53 -27.58 -9.79
CA ASP A 348 -1.99 -27.28 -11.14
C ASP A 348 -2.31 -25.83 -11.47
N LEU A 349 -3.57 -25.41 -11.33
CA LEU A 349 -3.96 -24.02 -11.66
C LEU A 349 -3.11 -23.01 -10.89
N MET A 350 -2.80 -23.27 -9.61
CA MET A 350 -2.12 -22.26 -8.75
C MET A 350 -0.69 -22.04 -9.29
N TYR A 351 -0.04 -23.08 -9.79
CA TYR A 351 1.28 -23.01 -10.46
C TYR A 351 1.16 -22.17 -11.75
N ARG A 352 0.13 -22.42 -12.57
CA ARG A 352 -0.09 -21.66 -13.82
C ARG A 352 -0.39 -20.19 -13.49
N MET A 353 -1.21 -19.94 -12.48
CA MET A 353 -1.72 -18.57 -12.16
C MET A 353 -0.64 -17.75 -11.46
N TYR A 354 0.12 -18.33 -10.54
CA TYR A 354 1.00 -17.59 -9.60
C TYR A 354 2.45 -17.98 -9.90
N PRO A 355 3.21 -17.13 -10.62
CA PRO A 355 4.63 -17.38 -10.88
C PRO A 355 5.46 -17.56 -9.60
N ASN A 356 4.98 -17.01 -8.48
CA ASN A 356 5.63 -17.07 -7.14
C ASN A 356 5.29 -18.40 -6.43
N MET A 357 4.30 -19.15 -6.92
CA MET A 357 4.02 -20.51 -6.40
C MET A 357 5.20 -21.42 -6.78
N GLN A 358 5.88 -22.02 -5.81
CA GLN A 358 7.12 -22.81 -6.08
C GLN A 358 7.01 -24.23 -5.51
N GLY A 359 6.60 -24.38 -4.25
CA GLY A 359 6.80 -25.65 -3.53
C GLY A 359 5.55 -26.25 -2.91
N VAL A 360 5.65 -27.54 -2.59
CA VAL A 360 4.65 -28.32 -1.81
C VAL A 360 5.39 -28.98 -0.65
N PHE A 361 4.80 -28.92 0.54
CA PHE A 361 5.38 -29.42 1.81
C PHE A 361 4.52 -30.56 2.35
N ASN A 362 5.18 -31.64 2.80
CA ASN A 362 4.58 -32.83 3.43
C ASN A 362 5.27 -33.04 4.78
N THR A 363 4.51 -33.25 5.84
CA THR A 363 5.06 -33.65 7.16
C THR A 363 4.01 -34.43 7.95
N GLU A 364 4.46 -35.41 8.72
CA GLU A 364 3.69 -36.02 9.83
C GLU A 364 2.44 -36.70 9.28
N ASN A 365 2.60 -37.59 8.31
CA ASN A 365 1.49 -38.34 7.69
C ASN A 365 1.43 -39.76 8.25
N PHE A 366 2.57 -40.42 8.46
CA PHE A 366 2.67 -41.88 8.64
C PHE A 366 2.03 -42.32 9.97
N TRP A 367 1.95 -41.46 10.97
CA TRP A 367 1.19 -41.80 12.22
C TRP A 367 -0.28 -42.13 11.90
N ALA A 368 -0.87 -41.59 10.82
CA ALA A 368 -2.32 -41.71 10.52
C ALA A 368 -2.57 -42.61 9.30
N GLY A 369 -1.56 -42.92 8.51
CA GLY A 369 -1.67 -43.79 7.33
C GLY A 369 -0.40 -43.75 6.49
N ILE A 370 -0.15 -44.79 5.69
CA ILE A 370 1.09 -44.94 4.86
C ILE A 370 0.76 -44.60 3.40
N HIS A 371 -0.04 -45.44 2.73
CA HIS A 371 -0.17 -45.41 1.25
C HIS A 371 -0.98 -44.19 0.80
N PRO A 372 -2.07 -43.76 1.46
CA PRO A 372 -2.79 -42.58 0.98
C PRO A 372 -1.88 -41.35 0.82
N PRO A 373 -1.08 -40.94 1.83
CA PRO A 373 -0.19 -39.79 1.64
C PRO A 373 0.91 -40.04 0.59
N CYS A 374 1.35 -41.29 0.40
CA CYS A 374 2.32 -41.66 -0.66
C CYS A 374 1.65 -41.43 -2.04
N GLU A 375 0.38 -41.80 -2.21
CA GLU A 375 -0.37 -41.62 -3.48
C GLU A 375 -0.55 -40.12 -3.74
N GLY A 376 -0.92 -39.35 -2.72
CA GLY A 376 -1.10 -37.89 -2.85
C GLY A 376 0.22 -37.21 -3.19
N SER A 377 1.30 -37.58 -2.49
CA SER A 377 2.65 -36.99 -2.67
C SER A 377 3.16 -37.27 -4.09
N ALA A 378 2.91 -38.47 -4.61
CA ALA A 378 3.36 -38.91 -5.95
C ALA A 378 2.79 -37.98 -7.00
N LYS A 379 1.51 -37.65 -6.91
CA LYS A 379 0.82 -36.74 -7.85
C LYS A 379 1.36 -35.33 -7.68
N MET A 380 1.50 -34.86 -6.44
CA MET A 380 1.91 -33.47 -6.16
C MET A 380 3.39 -33.28 -6.51
N LEU A 381 4.23 -34.30 -6.40
CA LEU A 381 5.64 -34.23 -6.88
C LEU A 381 5.65 -34.07 -8.40
N GLU A 382 4.80 -34.82 -9.10
CA GLU A 382 4.65 -34.76 -10.57
C GLU A 382 4.23 -33.35 -10.97
N ILE A 383 3.24 -32.79 -10.28
CA ILE A 383 2.73 -31.42 -10.58
C ILE A 383 3.87 -30.41 -10.34
N ALA A 384 4.54 -30.48 -9.19
CA ALA A 384 5.63 -29.54 -8.83
C ALA A 384 6.68 -29.52 -9.95
N ASP A 385 7.16 -30.69 -10.36
CA ASP A 385 8.29 -30.80 -11.32
C ASP A 385 7.83 -30.36 -12.72
N ARG A 386 6.55 -30.57 -13.08
CA ARG A 386 5.99 -30.11 -14.37
C ARG A 386 6.20 -28.59 -14.51
N PHE A 387 6.14 -27.85 -13.40
CA PHE A 387 6.21 -26.37 -13.38
C PHE A 387 7.56 -25.89 -12.82
N GLY A 388 8.60 -26.73 -12.85
CA GLY A 388 9.94 -26.40 -12.33
C GLY A 388 9.90 -26.04 -10.85
N GLY A 389 8.98 -26.61 -10.10
CA GLY A 389 8.86 -26.40 -8.66
C GLY A 389 9.63 -27.46 -7.89
N PHE A 390 9.34 -27.60 -6.60
CA PHE A 390 10.01 -28.59 -5.72
C PHE A 390 9.02 -29.09 -4.67
N PHE A 391 9.40 -30.18 -4.02
CA PHE A 391 8.62 -30.90 -2.99
C PHE A 391 9.53 -31.16 -1.79
N VAL A 392 9.09 -30.79 -0.59
CA VAL A 392 9.85 -31.03 0.67
C VAL A 392 9.07 -32.00 1.55
N TRP A 393 9.70 -33.10 1.94
CA TRP A 393 9.16 -34.10 2.90
C TRP A 393 9.98 -33.99 4.18
N SER A 394 9.33 -33.58 5.28
CA SER A 394 9.96 -33.43 6.62
C SER A 394 9.41 -34.53 7.53
N ASP A 395 10.31 -35.31 8.12
CA ASP A 395 9.95 -36.38 9.11
C ASP A 395 11.21 -36.84 9.81
N GLN A 396 11.05 -37.41 11.01
CA GLN A 396 12.09 -38.21 11.70
C GLN A 396 11.93 -39.66 11.23
N ASP A 397 13.04 -40.38 11.06
CA ASP A 397 13.03 -41.77 10.55
C ASP A 397 13.53 -42.72 11.64
N HIS A 398 12.59 -43.50 12.23
CA HIS A 398 12.84 -44.57 13.22
C HIS A 398 13.46 -45.79 12.53
N GLY A 399 13.34 -45.88 11.20
CA GLY A 399 13.93 -46.99 10.42
C GLY A 399 13.11 -47.40 9.23
N SER A 400 11.87 -46.92 9.09
CA SER A 400 10.93 -47.37 8.03
C SER A 400 10.28 -46.20 7.27
N THR A 401 10.57 -44.93 7.59
CA THR A 401 9.94 -43.76 6.90
C THR A 401 10.29 -43.77 5.39
N VAL A 402 11.58 -43.74 5.05
CA VAL A 402 11.98 -43.73 3.61
C VAL A 402 11.59 -45.08 2.99
N THR A 403 11.76 -46.20 3.71
CA THR A 403 11.34 -47.55 3.26
C THR A 403 9.87 -47.49 2.79
N ASN A 404 9.01 -46.89 3.60
CA ASN A 404 7.55 -46.80 3.36
C ASN A 404 7.32 -45.89 2.14
N ILE A 405 8.01 -44.75 2.06
CA ILE A 405 7.90 -43.83 0.90
C ILE A 405 8.14 -44.62 -0.40
N VAL A 406 9.23 -45.40 -0.47
CA VAL A 406 9.71 -46.01 -1.75
C VAL A 406 8.96 -47.33 -2.03
N SER A 407 8.29 -47.90 -1.03
CA SER A 407 7.48 -49.13 -1.17
C SER A 407 6.22 -48.84 -2.00
N ASN A 408 5.74 -47.59 -2.01
CA ASN A 408 4.56 -47.20 -2.81
C ASN A 408 4.98 -47.16 -4.29
N ALA A 409 4.37 -48.01 -5.11
CA ALA A 409 4.69 -48.15 -6.56
C ALA A 409 4.63 -46.78 -7.24
N ASN A 410 3.57 -46.00 -6.96
CA ASN A 410 3.33 -44.68 -7.62
C ASN A 410 4.38 -43.67 -7.14
N MET A 411 4.68 -43.64 -5.83
CA MET A 411 5.68 -42.68 -5.27
C MET A 411 7.07 -43.06 -5.81
N LYS A 412 7.40 -44.35 -5.85
CA LYS A 412 8.70 -44.85 -6.37
C LYS A 412 8.89 -44.36 -7.81
N LYS A 413 7.88 -44.56 -8.66
CA LYS A 413 7.88 -44.15 -10.08
C LYS A 413 8.03 -42.63 -10.18
N ALA A 414 7.29 -41.88 -9.36
CA ALA A 414 7.36 -40.41 -9.32
C ALA A 414 8.79 -39.96 -8.93
N LEU A 415 9.43 -40.66 -7.99
CA LEU A 415 10.80 -40.31 -7.54
C LEU A 415 11.83 -40.65 -8.62
N GLU A 416 11.65 -41.75 -9.35
CA GLU A 416 12.50 -42.12 -10.51
C GLU A 416 12.47 -41.01 -11.57
N LYS A 417 11.33 -40.37 -11.80
CA LYS A 417 11.19 -39.38 -12.90
C LYS A 417 11.41 -37.96 -12.38
N HIS A 418 11.16 -37.68 -11.10
CA HIS A 418 11.05 -36.28 -10.58
C HIS A 418 11.91 -36.09 -9.31
N GLY A 419 12.75 -37.05 -8.96
CA GLY A 419 13.49 -37.09 -7.68
C GLY A 419 14.40 -35.89 -7.47
N ASP A 420 14.86 -35.26 -8.55
CA ASP A 420 15.76 -34.07 -8.48
C ASP A 420 15.00 -32.89 -7.86
N ALA A 421 13.67 -32.91 -7.86
CA ALA A 421 12.81 -31.83 -7.33
C ALA A 421 12.36 -32.15 -5.89
N PHE A 422 12.85 -33.27 -5.34
CA PHE A 422 12.38 -33.85 -4.05
C PHE A 422 13.49 -33.73 -2.99
N TYR A 423 13.13 -33.20 -1.82
CA TYR A 423 14.08 -32.87 -0.71
C TYR A 423 13.55 -33.48 0.60
N LEU A 424 14.41 -34.17 1.34
CA LEU A 424 14.09 -34.76 2.68
C LEU A 424 14.79 -33.93 3.77
N ILE A 425 14.02 -33.42 4.72
CA ILE A 425 14.60 -32.68 5.88
C ILE A 425 14.15 -33.39 7.16
N TYR A 426 15.02 -33.42 8.17
CA TYR A 426 14.74 -34.09 9.45
C TYR A 426 13.66 -33.30 10.21
N LYS A 427 13.24 -33.81 11.35
CA LYS A 427 12.23 -33.16 12.22
C LYS A 427 12.36 -33.74 13.62
N ASN A 428 12.93 -32.97 14.57
CA ASN A 428 13.40 -33.54 15.87
C ASN A 428 12.34 -33.30 16.96
N THR A 429 11.07 -33.12 16.54
CA THR A 429 9.91 -32.95 17.46
C THR A 429 9.95 -34.00 18.56
N SER A 430 10.16 -35.28 18.21
CA SER A 430 10.23 -36.43 19.16
C SER A 430 11.69 -36.64 19.61
N SER A 431 12.24 -35.65 20.32
CA SER A 431 13.68 -35.61 20.73
C SER A 431 14.00 -36.74 21.71
N ASN A 432 12.97 -37.25 22.38
N ASN A 432 12.99 -37.29 22.38
CA ASN A 432 13.04 -38.37 23.36
CA ASN A 432 13.21 -38.39 23.36
C ASN A 432 13.37 -39.69 22.65
C ASN A 432 13.34 -39.73 22.62
N GLN A 433 13.13 -39.79 21.34
N GLN A 433 13.13 -39.79 21.30
CA GLN A 433 13.56 -40.95 20.51
CA GLN A 433 13.53 -40.96 20.47
C GLN A 433 14.91 -40.62 19.88
C GLN A 433 14.90 -40.62 19.87
N PRO A 434 15.98 -41.40 20.18
CA PRO A 434 17.32 -41.06 19.69
C PRO A 434 17.54 -41.36 18.19
N ASP A 435 16.67 -40.81 17.34
CA ASP A 435 16.66 -41.08 15.88
C ASP A 435 17.16 -39.87 15.10
N ASP A 436 17.63 -38.82 15.78
CA ASP A 436 18.10 -37.57 15.12
C ASP A 436 19.26 -37.89 14.17
N LEU A 437 20.31 -38.54 14.64
CA LEU A 437 21.54 -38.72 13.83
C LEU A 437 21.27 -39.70 12.66
N LYS A 438 20.55 -40.79 12.89
CA LYS A 438 20.27 -41.77 11.80
C LYS A 438 19.40 -41.10 10.73
N THR A 439 18.49 -40.20 11.10
CA THR A 439 17.62 -39.49 10.15
C THR A 439 18.51 -38.63 9.22
N SER A 440 19.40 -37.83 9.80
CA SER A 440 20.37 -37.04 9.00
C SER A 440 21.17 -37.97 8.07
N SER A 441 21.69 -39.10 8.55
CA SER A 441 22.45 -40.08 7.73
C SER A 441 21.60 -40.56 6.56
N PHE A 442 20.35 -41.00 6.82
CA PHE A 442 19.41 -41.50 5.79
C PHE A 442 19.20 -40.43 4.70
N PHE A 443 19.00 -39.19 5.11
CA PHE A 443 18.61 -38.10 4.19
C PHE A 443 19.85 -37.64 3.40
N GLN A 444 20.99 -37.50 4.06
CA GLN A 444 22.25 -37.18 3.33
C GLN A 444 22.53 -38.32 2.33
N GLY A 445 22.37 -39.57 2.76
CA GLY A 445 22.68 -40.77 1.95
C GLY A 445 21.84 -40.81 0.68
N SER A 446 20.56 -40.47 0.82
CA SER A 446 19.56 -40.44 -0.29
C SER A 446 20.04 -39.46 -1.36
N TRP A 447 20.49 -38.28 -0.93
CA TRP A 447 21.00 -37.21 -1.80
C TRP A 447 22.33 -37.63 -2.44
N LEU A 448 23.26 -38.13 -1.63
CA LEU A 448 24.64 -38.48 -2.08
C LEU A 448 24.59 -39.52 -3.21
N ALA A 449 23.72 -40.53 -3.11
CA ALA A 449 23.54 -41.58 -4.14
C ALA A 449 22.80 -41.03 -5.37
N GLY A 450 22.10 -39.90 -5.24
CA GLY A 450 21.44 -39.22 -6.37
C GLY A 450 19.96 -39.57 -6.52
N TYR A 451 19.31 -40.05 -5.45
CA TYR A 451 17.86 -40.37 -5.43
C TYR A 451 17.03 -39.09 -5.21
N THR A 452 17.62 -38.10 -4.54
CA THR A 452 16.96 -36.82 -4.16
C THR A 452 17.83 -35.63 -4.56
N GLY A 453 17.24 -34.44 -4.54
CA GLY A 453 17.90 -33.18 -4.93
C GLY A 453 18.70 -32.59 -3.79
N GLY A 454 18.48 -33.04 -2.55
CA GLY A 454 19.12 -32.46 -1.36
C GLY A 454 18.51 -32.92 -0.06
N TRP A 455 19.08 -32.44 1.05
CA TRP A 455 18.59 -32.74 2.41
C TRP A 455 18.71 -31.47 3.25
N GLY A 456 18.12 -31.46 4.43
CA GLY A 456 18.12 -30.28 5.30
C GLY A 456 17.50 -30.58 6.65
N MET A 457 17.09 -29.52 7.32
CA MET A 457 16.70 -29.56 8.75
C MET A 457 15.37 -28.87 8.95
N LEU A 458 14.55 -29.45 9.82
CA LEU A 458 13.53 -28.74 10.62
C LEU A 458 13.87 -28.97 12.09
N SER A 459 14.37 -27.94 12.77
CA SER A 459 14.59 -27.97 14.24
C SER A 459 13.32 -27.43 14.89
N ASP A 460 12.81 -28.15 15.87
CA ASP A 460 11.52 -27.86 16.54
C ASP A 460 11.83 -27.63 18.02
N THR A 461 11.41 -26.50 18.58
CA THR A 461 11.57 -26.25 20.05
C THR A 461 10.66 -27.18 20.86
N TRP A 462 9.74 -27.92 20.24
CA TRP A 462 9.01 -29.02 20.92
C TRP A 462 10.00 -30.08 21.44
N ALA A 463 11.16 -30.20 20.80
CA ALA A 463 12.28 -31.07 21.24
C ALA A 463 12.61 -30.79 22.71
N TRP A 464 12.58 -29.53 23.12
CA TRP A 464 12.90 -29.10 24.52
C TRP A 464 11.85 -29.67 25.46
N ASP A 465 10.57 -29.54 25.09
CA ASP A 465 9.41 -30.01 25.88
C ASP A 465 9.58 -31.48 26.30
N LYS A 466 10.13 -32.33 25.44
CA LYS A 466 10.25 -33.79 25.69
C LYS A 466 11.27 -34.09 26.80
N GLN A 467 12.17 -33.17 27.17
CA GLN A 467 13.34 -33.50 28.03
C GLN A 467 13.59 -32.48 29.14
N PHE A 468 13.42 -31.18 28.89
CA PHE A 468 14.00 -30.09 29.71
C PHE A 468 12.95 -29.02 30.03
N SER A 469 13.26 -28.13 30.97
CA SER A 469 12.42 -26.95 31.31
C SER A 469 13.34 -25.74 31.55
N LYS A 470 13.49 -25.32 32.82
CA LYS A 470 14.51 -24.30 33.20
C LYS A 470 15.87 -24.76 32.70
N LEU A 471 16.79 -23.81 32.52
CA LEU A 471 18.21 -24.07 32.14
C LEU A 471 18.82 -25.08 33.13
N TRP A 472 19.38 -26.16 32.57
CA TRP A 472 20.09 -27.27 33.28
C TRP A 472 19.10 -28.25 33.93
N GLN A 473 17.78 -28.04 33.82
CA GLN A 473 16.77 -28.86 34.55
C GLN A 473 16.00 -29.75 33.57
N GLY A 474 15.50 -30.88 34.08
CA GLY A 474 14.58 -31.79 33.39
C GLY A 474 13.18 -31.20 33.27
N ALA A 475 12.26 -31.95 32.66
CA ALA A 475 10.94 -31.47 32.19
C ALA A 475 10.06 -31.00 33.35
N GLY A 476 10.15 -31.67 34.51
CA GLY A 476 9.30 -31.39 35.69
C GLY A 476 7.83 -31.53 35.35
N SER A 477 6.96 -30.72 35.97
CA SER A 477 5.48 -30.79 35.79
C SER A 477 4.92 -29.48 35.24
N TYR A 478 5.73 -28.70 34.52
CA TYR A 478 5.31 -27.47 33.81
C TYR A 478 4.36 -27.84 32.67
N ASN A 479 3.55 -26.88 32.23
CA ASN A 479 2.69 -27.01 31.02
C ASN A 479 3.61 -27.10 29.80
N ASN A 480 3.23 -27.88 28.79
CA ASN A 480 4.11 -28.13 27.62
C ASN A 480 4.35 -26.82 26.85
N TRP A 481 3.41 -25.86 26.88
CA TRP A 481 3.56 -24.52 26.22
C TRP A 481 4.64 -23.68 26.92
N GLN A 482 4.91 -23.92 28.19
CA GLN A 482 6.07 -23.30 28.90
C GLN A 482 7.37 -23.87 28.33
N ARG A 483 7.49 -25.20 28.28
CA ARG A 483 8.76 -25.90 27.92
C ARG A 483 9.11 -25.58 26.46
N LEU A 484 8.11 -25.35 25.61
CA LEU A 484 8.27 -24.96 24.19
C LEU A 484 9.14 -23.69 24.07
N CYS A 485 9.13 -22.83 25.09
CA CYS A 485 9.83 -21.52 25.10
C CYS A 485 11.26 -21.63 25.63
N GLY A 486 11.71 -22.82 26.06
CA GLY A 486 12.90 -22.99 26.93
C GLY A 486 14.21 -23.21 26.18
N GLU A 487 14.18 -23.45 24.86
CA GLU A 487 15.40 -23.88 24.11
C GLU A 487 16.38 -22.73 23.97
N PRO A 488 17.69 -22.94 24.22
CA PRO A 488 18.71 -21.92 23.96
C PRO A 488 18.81 -21.50 22.49
N GLU A 489 18.88 -20.20 22.25
CA GLU A 489 18.87 -19.64 20.87
C GLU A 489 20.13 -20.11 20.12
N ALA A 490 21.31 -20.07 20.77
CA ALA A 490 22.59 -20.48 20.13
C ALA A 490 22.52 -21.94 19.67
N LEU A 491 21.73 -22.77 20.35
CA LEU A 491 21.61 -24.20 20.01
C LEU A 491 21.02 -24.36 18.60
N LEU A 492 20.13 -23.45 18.19
CA LEU A 492 19.56 -23.43 16.82
C LEU A 492 20.68 -23.18 15.82
N GLY A 493 21.64 -22.31 16.17
CA GLY A 493 22.84 -22.03 15.37
C GLY A 493 23.73 -23.25 15.23
N MET A 494 23.99 -23.95 16.34
CA MET A 494 24.79 -25.19 16.36
C MET A 494 24.17 -26.21 15.38
N GLN A 495 22.85 -26.32 15.34
CA GLN A 495 22.14 -27.29 14.47
C GLN A 495 22.33 -26.88 13.00
N MET A 496 22.10 -25.59 12.70
N MET A 496 22.10 -25.60 12.71
CA MET A 496 22.36 -24.99 11.36
CA MET A 496 22.35 -24.98 11.37
C MET A 496 23.79 -25.32 10.92
C MET A 496 23.78 -25.30 10.92
N MET A 497 24.77 -25.04 11.79
CA MET A 497 26.19 -25.29 11.47
C MET A 497 26.38 -26.77 11.08
N SER A 498 25.79 -27.69 11.83
CA SER A 498 25.97 -29.16 11.64
C SER A 498 25.34 -29.60 10.31
N THR A 499 24.20 -29.02 9.95
CA THR A 499 23.49 -29.31 8.68
C THR A 499 24.36 -28.83 7.53
N TYR A 500 24.84 -27.59 7.63
CA TYR A 500 25.72 -26.88 6.65
C TYR A 500 26.93 -27.75 6.33
N LEU A 501 27.63 -28.24 7.35
CA LEU A 501 28.90 -28.99 7.16
C LEU A 501 28.63 -30.35 6.49
N GLY A 502 27.39 -30.84 6.58
CA GLY A 502 26.95 -32.09 5.92
C GLY A 502 26.39 -31.86 4.52
N GLY A 503 26.49 -30.64 3.99
CA GLY A 503 26.02 -30.30 2.64
C GLY A 503 24.52 -30.15 2.58
N GLY A 504 23.87 -29.96 3.73
CA GLY A 504 22.45 -29.54 3.81
C GLY A 504 22.24 -28.19 3.13
N VAL A 505 21.02 -27.97 2.62
CA VAL A 505 20.69 -26.78 1.79
C VAL A 505 19.31 -26.20 2.15
N ILE A 506 18.55 -26.82 3.07
CA ILE A 506 17.24 -26.31 3.56
C ILE A 506 17.30 -26.18 5.08
N TYR A 507 16.82 -25.05 5.59
CA TYR A 507 16.78 -24.69 7.03
C TYR A 507 15.36 -24.23 7.38
N THR A 508 14.69 -24.93 8.30
CA THR A 508 13.33 -24.60 8.80
C THR A 508 13.29 -24.71 10.33
N PHE A 509 12.52 -23.85 10.99
CA PHE A 509 12.41 -23.78 12.47
C PHE A 509 10.95 -23.70 12.89
N GLU A 510 10.63 -24.36 14.01
CA GLU A 510 9.36 -24.21 14.77
C GLU A 510 9.74 -24.14 16.26
N PHE A 511 8.90 -23.52 17.10
CA PHE A 511 7.60 -22.91 16.81
C PHE A 511 7.80 -21.56 16.16
N PRO A 512 7.14 -21.26 15.00
CA PRO A 512 7.46 -20.07 14.22
C PRO A 512 7.42 -18.73 15.00
N GLU A 513 6.43 -18.56 15.87
CA GLU A 513 6.24 -17.28 16.61
C GLU A 513 7.39 -17.07 17.63
N ILE A 514 8.08 -18.12 18.07
CA ILE A 514 9.27 -17.99 18.96
C ILE A 514 10.51 -17.80 18.08
N VAL A 515 10.74 -18.66 17.08
CA VAL A 515 12.04 -18.69 16.34
C VAL A 515 12.11 -17.56 15.31
N TYR A 516 11.00 -17.16 14.68
CA TYR A 516 10.97 -16.09 13.64
C TYR A 516 10.39 -14.82 14.25
N GLY A 517 9.21 -14.89 14.86
CA GLY A 517 8.69 -13.77 15.67
C GLY A 517 7.19 -13.57 15.54
N THR A 518 6.68 -12.59 16.27
CA THR A 518 5.24 -12.24 16.39
C THR A 518 5.03 -10.80 15.92
N SER A 519 3.78 -10.44 15.66
CA SER A 519 3.30 -9.07 15.33
C SER A 519 4.19 -8.47 14.23
N ASN A 520 4.65 -9.30 13.30
CA ASN A 520 5.42 -8.90 12.10
C ASN A 520 6.77 -8.27 12.50
N THR A 521 7.30 -8.65 13.67
CA THR A 521 8.65 -8.31 14.15
C THR A 521 9.53 -9.56 14.08
N ASN A 522 10.84 -9.38 14.27
CA ASN A 522 11.84 -10.47 14.34
C ASN A 522 12.14 -10.79 15.81
N SER A 523 12.17 -12.08 16.15
CA SER A 523 12.44 -12.58 17.52
C SER A 523 13.92 -12.39 17.86
N PRO A 524 14.30 -12.46 19.16
CA PRO A 524 15.71 -12.53 19.53
C PRO A 524 16.48 -13.65 18.82
N ALA A 525 15.91 -14.85 18.73
CA ALA A 525 16.54 -16.00 18.04
C ALA A 525 16.83 -15.65 16.58
N ASN A 526 15.84 -15.05 15.91
CA ASN A 526 15.94 -14.67 14.48
C ASN A 526 16.98 -13.56 14.29
N THR A 527 16.89 -12.49 15.09
CA THR A 527 17.73 -11.29 14.94
C THR A 527 19.21 -11.63 15.19
N HIS A 528 19.52 -12.35 16.28
CA HIS A 528 20.89 -12.46 16.84
C HIS A 528 21.53 -13.81 16.52
N VAL A 529 20.78 -14.82 16.03
CA VAL A 529 21.36 -16.15 15.67
C VAL A 529 20.99 -16.54 14.23
N LEU A 530 19.72 -16.76 13.91
CA LEU A 530 19.33 -17.39 12.61
C LEU A 530 19.75 -16.50 11.43
N THR A 531 19.46 -15.20 11.49
CA THR A 531 19.67 -14.25 10.37
C THR A 531 21.18 -14.13 10.09
N GLU A 532 21.99 -13.95 11.13
CA GLU A 532 23.46 -13.76 11.01
C GLU A 532 24.10 -15.01 10.39
N LEU A 533 23.81 -16.19 10.96
CA LEU A 533 24.46 -17.45 10.51
C LEU A 533 23.96 -17.82 9.09
N PHE A 534 22.68 -17.58 8.81
CA PHE A 534 22.12 -17.89 7.47
C PHE A 534 22.78 -16.99 6.41
N ARG A 535 23.04 -15.71 6.74
CA ARG A 535 23.81 -14.80 5.83
C ARG A 535 25.18 -15.41 5.55
N TYR A 536 25.89 -15.89 6.58
CA TYR A 536 27.19 -16.59 6.42
C TYR A 536 27.01 -17.74 5.38
N ILE A 537 25.97 -18.57 5.55
CA ILE A 537 25.75 -19.81 4.77
C ILE A 537 25.42 -19.48 3.30
N VAL A 538 24.75 -18.35 3.06
CA VAL A 538 24.47 -17.81 1.70
C VAL A 538 25.78 -17.37 1.05
N ASN A 539 26.66 -16.69 1.78
CA ASN A 539 27.90 -16.08 1.24
C ASN A 539 29.05 -17.10 1.20
N HIS A 540 28.97 -18.23 1.90
CA HIS A 540 30.03 -19.28 1.93
C HIS A 540 29.42 -20.65 1.63
N PRO A 541 29.30 -21.03 0.35
CA PRO A 541 28.55 -22.24 0.00
C PRO A 541 29.04 -23.49 0.75
N ALA A 542 28.09 -24.28 1.25
CA ALA A 542 28.29 -25.61 1.87
C ALA A 542 29.04 -26.54 0.93
N PRO A 543 29.58 -27.66 1.45
CA PRO A 543 30.18 -28.67 0.59
C PRO A 543 29.17 -29.11 -0.48
N SER A 544 29.60 -29.20 -1.73
CA SER A 544 28.81 -29.78 -2.86
C SER A 544 28.72 -31.30 -2.70
N LYS A 545 27.90 -31.95 -3.53
CA LYS A 545 27.83 -33.42 -3.55
C LYS A 545 29.22 -33.96 -3.86
N LYS A 546 29.90 -33.36 -4.85
CA LYS A 546 31.29 -33.71 -5.24
C LYS A 546 32.19 -33.68 -4.01
N GLU A 547 32.11 -32.62 -3.20
CA GLU A 547 33.03 -32.40 -2.06
C GLU A 547 32.75 -33.45 -0.97
N ILE A 548 31.48 -33.71 -0.67
CA ILE A 548 31.08 -34.77 0.31
C ILE A 548 31.52 -36.16 -0.22
N MET A 549 31.28 -36.46 -1.50
CA MET A 549 31.64 -37.79 -2.08
C MET A 549 33.17 -37.99 -2.00
N GLU A 550 33.96 -36.98 -2.36
CA GLU A 550 35.45 -36.95 -2.26
C GLU A 550 35.92 -37.38 -0.88
N GLU A 551 35.23 -36.93 0.18
CA GLU A 551 35.66 -37.07 1.60
C GLU A 551 35.09 -38.36 2.21
N THR A 552 34.15 -39.02 1.52
CA THR A 552 33.44 -40.22 2.02
C THR A 552 34.18 -41.47 1.54
N LYS A 553 34.64 -42.32 2.47
CA LYS A 553 35.34 -43.59 2.14
C LYS A 553 34.40 -44.79 2.29
N ALA A 554 33.37 -44.66 3.12
CA ALA A 554 32.38 -45.73 3.42
C ALA A 554 30.97 -45.15 3.44
N VAL A 555 30.04 -45.78 2.74
CA VAL A 555 28.58 -45.50 2.84
C VAL A 555 27.92 -46.78 3.38
N LEU A 556 27.01 -46.64 4.33
CA LEU A 556 26.26 -47.75 4.93
C LEU A 556 24.97 -47.97 4.13
N TYR A 557 24.45 -49.19 4.18
CA TYR A 557 23.14 -49.58 3.59
C TYR A 557 22.28 -50.25 4.67
N GLY A 558 21.04 -49.77 4.83
CA GLY A 558 20.02 -50.45 5.65
C GLY A 558 19.71 -49.66 6.91
N ASN A 559 19.02 -50.29 7.86
CA ASN A 559 18.41 -49.60 9.03
C ASN A 559 19.47 -49.52 10.14
N VAL A 560 20.27 -48.46 10.15
CA VAL A 560 21.40 -48.29 11.10
C VAL A 560 20.83 -48.16 12.51
N SER A 561 21.46 -48.82 13.47
CA SER A 561 21.14 -48.73 14.92
C SER A 561 21.25 -47.26 15.37
N SER A 562 20.29 -46.81 16.18
N SER A 562 20.30 -46.80 16.19
CA SER A 562 20.24 -45.44 16.78
CA SER A 562 20.25 -45.44 16.77
C SER A 562 21.57 -45.11 17.45
C SER A 562 21.57 -45.11 17.45
N ASP A 563 22.14 -46.07 18.20
CA ASP A 563 23.36 -45.84 19.03
C ASP A 563 24.64 -46.17 18.27
N PHE A 564 24.59 -46.47 16.96
CA PHE A 564 25.81 -46.67 16.12
C PHE A 564 26.80 -45.51 16.33
N TYR A 565 26.30 -44.28 16.49
CA TYR A 565 27.05 -42.99 16.54
C TYR A 565 27.81 -42.84 17.87
N SER A 566 27.37 -43.46 18.98
CA SER A 566 28.08 -43.43 20.29
C SER A 566 29.46 -44.04 20.13
N GLY A 567 30.51 -43.30 20.53
CA GLY A 567 31.91 -43.71 20.36
C GLY A 567 32.46 -43.37 18.98
N LEU A 568 31.62 -42.85 18.08
CA LEU A 568 32.04 -42.33 16.75
C LEU A 568 31.83 -40.81 16.74
N SER A 569 30.75 -40.34 16.12
CA SER A 569 30.49 -38.89 15.93
C SER A 569 29.81 -38.28 17.17
N GLY A 570 29.17 -39.10 18.03
CA GLY A 570 28.56 -38.65 19.30
C GLY A 570 27.30 -39.43 19.65
N LYS A 571 26.91 -39.39 20.92
CA LYS A 571 25.66 -40.04 21.42
C LYS A 571 24.47 -39.25 20.91
N PRO A 572 23.44 -39.89 20.30
CA PRO A 572 22.25 -39.18 19.86
C PRO A 572 21.54 -38.49 21.04
N THR A 573 21.33 -37.18 20.95
CA THR A 573 20.68 -36.33 22.00
C THR A 573 19.23 -36.01 21.65
N GLY A 574 18.84 -36.16 20.37
CA GLY A 574 17.55 -35.67 19.86
C GLY A 574 17.62 -34.22 19.42
N PHE A 575 18.81 -33.60 19.44
CA PHE A 575 19.01 -32.17 19.14
C PHE A 575 19.95 -31.98 17.93
N GLN A 576 20.22 -33.05 17.18
CA GLN A 576 20.85 -32.96 15.83
C GLN A 576 22.23 -32.29 15.93
N ILE A 577 23.01 -32.59 16.97
CA ILE A 577 24.41 -32.12 17.11
C ILE A 577 25.33 -33.30 17.42
N TYR A 578 26.63 -33.05 17.30
CA TYR A 578 27.72 -34.06 17.23
C TYR A 578 28.79 -33.72 18.29
N GLU A 579 29.52 -34.73 18.75
CA GLU A 579 30.67 -34.57 19.65
C GLU A 579 31.92 -34.22 18.82
N THR A 580 31.99 -34.68 17.57
CA THR A 580 33.14 -34.38 16.66
C THR A 580 32.69 -34.34 15.19
N GLY A 581 33.48 -33.64 14.36
CA GLY A 581 33.29 -33.53 12.91
C GLY A 581 34.10 -34.55 12.15
N ARG A 582 34.87 -35.39 12.85
CA ARG A 582 35.91 -36.27 12.28
C ARG A 582 35.35 -37.14 11.15
N TYR A 583 34.13 -37.64 11.31
CA TYR A 583 33.51 -38.66 10.42
C TYR A 583 32.37 -38.07 9.58
N GLY A 584 32.08 -36.78 9.71
CA GLY A 584 30.90 -36.13 9.12
C GLY A 584 29.61 -36.75 9.64
N ILE A 585 28.55 -36.65 8.84
CA ILE A 585 27.19 -37.18 9.12
C ILE A 585 27.23 -38.71 9.14
N ILE A 586 28.07 -39.31 8.28
CA ILE A 586 28.09 -40.77 7.95
C ILE A 586 26.84 -41.10 7.14
N PRO A 587 26.96 -41.13 5.79
CA PRO A 587 25.81 -41.40 4.93
C PRO A 587 25.36 -42.85 5.05
N VAL A 588 24.07 -43.04 5.26
CA VAL A 588 23.40 -44.37 5.28
C VAL A 588 22.31 -44.33 4.21
N ILE A 589 22.43 -45.16 3.17
CA ILE A 589 21.39 -45.23 2.10
C ILE A 589 20.25 -46.12 2.58
N PRO A 590 19.02 -45.57 2.70
CA PRO A 590 17.84 -46.38 2.97
C PRO A 590 17.52 -47.36 1.83
N THR A 591 16.44 -48.13 1.99
CA THR A 591 15.96 -49.17 1.06
C THR A 591 15.29 -48.51 -0.16
N TRP A 592 16.05 -47.77 -0.96
CA TRP A 592 15.64 -47.28 -2.31
C TRP A 592 15.61 -48.44 -3.31
N GLY A 593 16.33 -49.51 -3.00
CA GLY A 593 16.43 -50.75 -3.77
C GLY A 593 17.21 -51.77 -2.96
N THR A 594 17.60 -52.88 -3.58
CA THR A 594 18.50 -53.88 -2.96
C THR A 594 19.87 -53.21 -2.72
N ARG A 595 20.71 -53.83 -1.89
CA ARG A 595 22.08 -53.33 -1.64
C ARG A 595 22.81 -53.22 -2.98
N ALA A 596 22.63 -54.19 -3.87
CA ALA A 596 23.31 -54.23 -5.19
C ALA A 596 22.83 -53.04 -6.05
N GLU A 597 21.54 -52.69 -5.99
CA GLU A 597 20.95 -51.59 -6.81
C GLU A 597 21.46 -50.24 -6.30
N VAL A 598 21.44 -50.01 -4.99
CA VAL A 598 21.92 -48.70 -4.44
C VAL A 598 23.43 -48.59 -4.71
N THR A 599 24.17 -49.69 -4.72
CA THR A 599 25.63 -49.69 -5.01
C THR A 599 25.85 -49.18 -6.43
N LYS A 600 25.15 -49.76 -7.42
CA LYS A 600 25.25 -49.30 -8.83
C LYS A 600 24.93 -47.80 -8.87
N LYS A 601 23.87 -47.37 -8.18
CA LYS A 601 23.42 -45.96 -8.21
C LYS A 601 24.51 -45.04 -7.62
N LEU A 602 25.13 -45.43 -6.50
CA LEU A 602 26.15 -44.60 -5.81
C LEU A 602 27.40 -44.49 -6.67
N ILE A 603 27.89 -45.61 -7.22
CA ILE A 603 29.16 -45.63 -7.99
C ILE A 603 28.94 -44.87 -9.30
N GLN A 604 27.74 -44.93 -9.90
CA GLN A 604 27.46 -44.17 -11.14
C GLN A 604 27.40 -42.68 -10.80
N GLU A 605 26.90 -42.30 -9.62
CA GLU A 605 26.87 -40.88 -9.18
C GLU A 605 28.31 -40.36 -8.98
N ALA A 606 29.18 -41.14 -8.33
CA ALA A 606 30.60 -40.78 -8.08
C ALA A 606 31.29 -40.54 -9.42
N ASP A 607 31.04 -41.43 -10.38
CA ASP A 607 31.59 -41.36 -11.77
C ASP A 607 31.18 -40.03 -12.42
N LYS A 608 29.90 -39.63 -12.32
N LYS A 608 29.91 -39.63 -12.31
CA LYS A 608 29.36 -38.36 -12.86
CA LYS A 608 29.38 -38.36 -12.87
C LYS A 608 30.08 -37.16 -12.22
C LYS A 608 30.09 -37.16 -12.22
N LEU A 609 30.43 -37.26 -10.93
CA LEU A 609 31.09 -36.17 -10.16
C LEU A 609 32.61 -36.20 -10.41
N GLY A 610 33.11 -37.26 -11.04
CA GLY A 610 34.55 -37.45 -11.34
C GLY A 610 35.35 -37.74 -10.09
N VAL A 611 34.78 -38.50 -9.15
CA VAL A 611 35.48 -38.89 -7.89
C VAL A 611 35.39 -40.41 -7.70
N THR A 612 36.36 -40.95 -6.94
CA THR A 612 36.44 -42.38 -6.55
C THR A 612 35.17 -42.77 -5.81
N PRO A 613 34.46 -43.85 -6.23
CA PRO A 613 33.31 -44.34 -5.49
C PRO A 613 33.69 -44.78 -4.07
N PRO A 614 32.86 -44.49 -3.05
CA PRO A 614 33.01 -45.10 -1.74
C PRO A 614 32.71 -46.61 -1.75
N ASN A 615 33.24 -47.33 -0.76
CA ASN A 615 32.87 -48.74 -0.48
C ASN A 615 31.46 -48.71 0.15
N VAL A 616 30.57 -49.63 -0.24
CA VAL A 616 29.23 -49.77 0.40
C VAL A 616 29.30 -50.94 1.40
N LEU A 617 28.84 -50.71 2.63
CA LEU A 617 28.80 -51.73 3.70
C LEU A 617 27.36 -51.87 4.18
N ASP A 618 26.87 -53.10 4.33
CA ASP A 618 25.59 -53.36 5.04
C ASP A 618 25.82 -52.99 6.52
N VAL A 619 24.81 -52.37 7.16
CA VAL A 619 24.84 -52.01 8.61
C VAL A 619 25.17 -53.25 9.45
N LYS A 620 24.90 -54.46 8.94
CA LYS A 620 25.17 -55.74 9.63
C LYS A 620 26.62 -56.23 9.44
N ASP A 621 27.48 -55.49 8.71
CA ASP A 621 28.89 -55.86 8.44
C ASP A 621 29.64 -55.97 9.77
N LYS A 622 30.50 -56.98 9.91
CA LYS A 622 31.23 -57.29 11.16
C LYS A 622 32.08 -56.10 11.60
N ASN A 623 32.55 -55.26 10.66
CA ASN A 623 33.41 -54.08 10.92
C ASN A 623 32.63 -52.97 11.62
N LEU A 624 31.29 -53.02 11.64
CA LEU A 624 30.44 -51.92 12.14
C LEU A 624 29.80 -52.29 13.50
N SER A 625 30.19 -53.42 14.08
CA SER A 625 29.76 -53.88 15.43
C SER A 625 30.28 -52.91 16.50
N GLY A 626 29.67 -52.95 17.69
CA GLY A 626 30.08 -52.17 18.88
C GLY A 626 31.58 -52.25 19.14
N GLN A 627 32.17 -53.43 18.91
CA GLN A 627 33.59 -53.74 19.26
C GLN A 627 34.53 -53.23 18.17
N ALA A 628 34.16 -53.35 16.88
CA ALA A 628 35.07 -53.16 15.72
C ALA A 628 34.97 -51.74 15.13
N LYS A 629 33.85 -51.04 15.34
CA LYS A 629 33.48 -49.83 14.56
C LYS A 629 34.54 -48.74 14.79
N GLN A 630 35.01 -48.58 16.03
CA GLN A 630 35.94 -47.46 16.37
C GLN A 630 37.25 -47.62 15.59
N LYS A 631 37.82 -48.82 15.56
CA LYS A 631 39.09 -49.12 14.85
C LYS A 631 38.90 -48.90 13.35
N TYR A 632 37.80 -49.42 12.78
CA TYR A 632 37.52 -49.33 11.33
C TYR A 632 37.45 -47.86 10.89
N PHE A 633 36.71 -47.03 11.64
CA PHE A 633 36.45 -45.61 11.28
C PHE A 633 37.70 -44.77 11.58
N LYS A 634 38.41 -45.05 12.68
CA LYS A 634 39.63 -44.28 13.05
C LYS A 634 40.71 -44.50 11.99
N ASP A 635 40.84 -45.71 11.42
CA ASP A 635 41.81 -46.01 10.33
C ASP A 635 41.41 -45.31 9.03
N LEU A 636 40.11 -45.08 8.79
CA LEU A 636 39.61 -44.48 7.52
C LEU A 636 39.76 -42.96 7.55
N TYR A 637 39.50 -42.33 8.70
CA TYR A 637 39.37 -40.87 8.87
C TYR A 637 40.36 -40.40 9.94
N PRO A 638 41.51 -39.79 9.55
CA PRO A 638 42.45 -39.24 10.53
C PRO A 638 41.86 -38.15 11.45
N ILE A 639 42.29 -38.18 12.71
CA ILE A 639 41.92 -37.17 13.76
C ILE A 639 42.45 -35.78 13.32
N GLU A 640 41.63 -34.75 13.45
CA GLU A 640 41.94 -33.36 12.96
C GLU A 640 42.29 -32.43 14.13
N TYR A 641 41.85 -32.78 15.34
CA TYR A 641 42.00 -31.97 16.58
C TYR A 641 41.81 -32.89 17.78
N VAL A 642 42.07 -32.37 18.98
CA VAL A 642 41.98 -33.10 20.26
C VAL A 642 41.03 -32.29 21.16
N GLY A 643 40.11 -32.96 21.86
CA GLY A 643 39.24 -32.32 22.85
C GLY A 643 37.83 -32.83 22.81
N ASN A 644 37.02 -32.47 23.81
CA ASN A 644 35.64 -32.98 24.01
C ASN A 644 34.62 -32.03 23.36
N ALA A 645 35.03 -30.84 22.92
CA ALA A 645 34.19 -29.95 22.09
C ALA A 645 34.07 -30.51 20.66
N PHE A 646 33.06 -30.07 19.92
CA PHE A 646 32.90 -30.36 18.47
C PHE A 646 33.81 -29.42 17.69
N ALA A 647 34.53 -29.93 16.70
CA ALA A 647 35.30 -29.13 15.73
C ALA A 647 35.33 -29.84 14.37
N ASP A 648 35.25 -29.07 13.29
CA ASP A 648 35.38 -29.53 11.89
C ASP A 648 36.14 -28.47 11.11
N LYS A 649 37.02 -28.89 10.20
CA LYS A 649 37.75 -27.97 9.29
C LYS A 649 37.20 -28.20 7.88
N TRP A 650 36.66 -27.15 7.28
CA TRP A 650 36.03 -27.15 5.94
C TRP A 650 36.57 -25.95 5.14
N GLU A 651 37.33 -26.23 4.07
CA GLU A 651 37.85 -25.20 3.11
C GLU A 651 38.65 -24.15 3.89
N GLY A 652 39.48 -24.58 4.83
CA GLY A 652 40.45 -23.69 5.53
C GLY A 652 39.86 -23.01 6.74
N THR A 653 38.55 -23.18 7.00
CA THR A 653 37.86 -22.55 8.15
C THR A 653 37.55 -23.62 9.20
N TRP A 654 37.77 -23.28 10.48
CA TRP A 654 37.38 -24.13 11.63
C TRP A 654 35.97 -23.75 12.09
N TYR A 655 35.17 -24.77 12.40
CA TYR A 655 33.78 -24.64 12.93
C TYR A 655 33.73 -25.41 14.26
N LEU A 656 33.38 -24.76 15.37
CA LEU A 656 33.36 -25.41 16.70
C LEU A 656 32.03 -25.12 17.40
N TYR A 657 31.67 -25.98 18.35
CA TYR A 657 30.68 -25.66 19.40
C TYR A 657 30.91 -26.55 20.62
N ASN A 658 30.48 -26.07 21.79
CA ASN A 658 30.24 -26.89 22.99
C ASN A 658 28.98 -27.71 22.70
N ASN A 659 29.04 -29.03 22.87
CA ASN A 659 27.99 -29.98 22.39
C ASN A 659 27.09 -30.46 23.54
N LYS A 660 27.15 -29.82 24.72
CA LYS A 660 26.25 -30.14 25.85
C LYS A 660 24.90 -29.45 25.63
N VAL A 661 23.81 -30.21 25.60
CA VAL A 661 22.45 -29.67 25.35
C VAL A 661 21.94 -28.94 26.61
N ASN A 662 22.01 -29.57 27.79
CA ASN A 662 21.44 -28.98 29.03
C ASN A 662 22.18 -29.45 30.30
N THR A 663 23.50 -29.62 30.25
CA THR A 663 24.37 -29.79 31.45
C THR A 663 25.46 -28.72 31.37
N ASN A 664 25.78 -28.09 32.49
CA ASN A 664 26.65 -26.87 32.53
C ASN A 664 28.11 -27.30 32.69
N GLU A 665 28.73 -27.76 31.61
CA GLU A 665 30.16 -28.20 31.59
C GLU A 665 30.92 -27.45 30.49
N LYS A 666 32.12 -26.96 30.82
CA LYS A 666 33.11 -26.44 29.85
C LYS A 666 33.60 -27.59 28.98
N GLN A 667 33.93 -27.29 27.72
CA GLN A 667 34.62 -28.21 26.79
C GLN A 667 35.75 -27.42 26.12
N HIS A 668 36.72 -28.12 25.55
CA HIS A 668 37.87 -27.49 24.84
C HIS A 668 38.12 -28.20 23.51
N ALA A 669 38.70 -27.47 22.56
CA ALA A 669 39.26 -27.99 21.29
C ALA A 669 40.69 -27.48 21.17
N ILE A 670 41.64 -28.35 20.84
CA ILE A 670 43.05 -27.97 20.58
C ILE A 670 43.29 -28.18 19.07
N LEU A 671 43.55 -27.09 18.36
CA LEU A 671 43.67 -27.08 16.86
C LEU A 671 45.12 -26.92 16.43
N PRO A 672 45.61 -27.75 15.48
CA PRO A 672 46.90 -27.49 14.84
C PRO A 672 46.72 -26.34 13.84
N LEU A 673 47.63 -25.37 13.85
CA LEU A 673 47.49 -24.12 13.07
C LEU A 673 48.31 -24.22 11.79
N GLU A 674 47.87 -23.51 10.74
CA GLU A 674 48.58 -23.36 9.44
C GLU A 674 49.82 -22.48 9.65
N GLY A 675 50.68 -22.40 8.64
CA GLY A 675 51.90 -21.59 8.64
C GLY A 675 53.13 -22.47 8.75
N GLU A 676 54.30 -21.84 8.64
CA GLU A 676 55.62 -22.52 8.57
C GLU A 676 55.85 -23.33 9.85
N GLU A 677 55.27 -22.88 10.96
CA GLU A 677 55.50 -23.49 12.31
C GLU A 677 54.38 -24.49 12.61
N GLU A 678 54.68 -25.78 12.54
CA GLU A 678 53.69 -26.89 12.62
C GLU A 678 53.33 -27.17 14.08
N SER A 679 54.13 -26.69 15.03
CA SER A 679 53.93 -26.89 16.50
C SER A 679 52.91 -25.88 17.05
N ALA A 680 52.49 -24.89 16.25
CA ALA A 680 51.56 -23.82 16.66
C ALA A 680 50.17 -24.41 16.98
N ARG A 681 49.59 -24.02 18.12
CA ARG A 681 48.30 -24.56 18.63
C ARG A 681 47.40 -23.42 19.10
N LEU A 682 46.10 -23.52 18.78
CA LEU A 682 45.02 -22.75 19.46
C LEU A 682 44.21 -23.73 20.31
N LYS A 683 44.08 -23.44 21.61
CA LYS A 683 43.09 -24.10 22.50
C LYS A 683 41.94 -23.14 22.75
N VAL A 684 40.72 -23.58 22.46
CA VAL A 684 39.44 -22.84 22.72
C VAL A 684 38.76 -23.53 23.90
N GLU A 685 38.35 -22.78 24.92
CA GLU A 685 37.49 -23.33 25.98
C GLU A 685 36.16 -22.57 26.00
N MET A 686 35.05 -23.32 25.94
CA MET A 686 33.67 -22.78 25.77
C MET A 686 32.74 -23.43 26.79
N GLU A 687 31.87 -22.61 27.39
CA GLU A 687 30.67 -23.06 28.16
C GLU A 687 29.56 -23.36 27.15
N PRO A 688 28.49 -24.09 27.55
CA PRO A 688 27.43 -24.48 26.63
C PRO A 688 26.74 -23.35 25.88
N HIS A 689 26.10 -23.74 24.77
CA HIS A 689 25.23 -22.87 23.94
C HIS A 689 26.10 -21.79 23.31
N GLU A 690 27.09 -22.24 22.55
CA GLU A 690 28.10 -21.39 21.88
C GLU A 690 28.60 -22.10 20.63
N PHE A 691 28.68 -21.38 19.53
CA PHE A 691 29.35 -21.85 18.29
C PHE A 691 30.36 -20.79 17.86
N MET A 692 31.28 -21.20 17.00
CA MET A 692 32.49 -20.42 16.66
C MET A 692 32.97 -20.78 15.24
N ILE A 693 33.41 -19.76 14.52
CA ILE A 693 33.99 -19.87 13.14
C ILE A 693 35.32 -19.15 13.16
N MET A 694 36.39 -19.86 12.81
CA MET A 694 37.78 -19.33 12.86
C MET A 694 38.42 -19.49 11.48
N ASN A 695 39.06 -18.43 11.00
CA ASN A 695 39.75 -18.41 9.69
C ASN A 695 41.15 -17.83 9.90
N GLU A 696 42.20 -18.60 9.58
CA GLU A 696 43.62 -18.16 9.66
C GLU A 696 43.97 -17.38 8.39
N SER A 697 44.83 -16.36 8.53
CA SER A 697 45.38 -15.55 7.40
C SER A 697 46.19 -16.47 6.47
N GLY A 698 46.73 -17.58 7.00
CA GLY A 698 47.46 -18.62 6.24
C GLY A 698 48.97 -18.44 6.34
N ASP A 699 49.43 -17.18 6.38
CA ASP A 699 50.87 -16.77 6.50
C ASP A 699 51.32 -16.88 7.97
N GLY A 700 50.41 -17.24 8.89
CA GLY A 700 50.70 -17.58 10.29
C GLY A 700 50.69 -16.37 11.22
N THR A 701 50.35 -15.17 10.73
CA THR A 701 50.51 -13.88 11.49
C THR A 701 49.18 -13.38 12.06
N ALA A 702 48.03 -13.92 11.60
CA ALA A 702 46.70 -13.39 11.99
C ALA A 702 45.62 -14.47 11.93
N MET A 703 44.49 -14.18 12.56
CA MET A 703 43.37 -15.13 12.77
C MET A 703 42.11 -14.33 13.08
N ASP A 704 41.04 -14.54 12.33
CA ASP A 704 39.70 -13.95 12.61
C ASP A 704 38.85 -15.02 13.29
N ILE A 705 38.16 -14.64 14.36
CA ILE A 705 37.24 -15.55 15.11
C ILE A 705 35.91 -14.83 15.28
N THR A 706 34.82 -15.47 14.83
CA THR A 706 33.43 -15.09 15.16
C THR A 706 32.90 -16.11 16.15
N LEU A 707 32.43 -15.66 17.31
CA LEU A 707 31.71 -16.57 18.22
C LEU A 707 30.31 -16.00 18.48
N ASN A 708 29.39 -16.90 18.80
CA ASN A 708 27.97 -16.58 19.09
C ASN A 708 27.48 -17.55 20.16
N ASN A 709 27.12 -17.04 21.33
CA ASN A 709 26.60 -17.84 22.47
C ASN A 709 25.29 -17.22 22.98
N TYR A 710 24.53 -16.58 22.08
CA TYR A 710 23.28 -15.87 22.44
C TYR A 710 22.30 -16.81 23.14
N ARG A 711 21.84 -16.42 24.34
CA ARG A 711 20.83 -17.21 25.11
C ARG A 711 20.02 -16.28 26.01
N VAL A 712 18.70 -16.26 25.81
CA VAL A 712 17.71 -15.62 26.71
C VAL A 712 17.46 -16.55 27.90
N ASN A 713 17.37 -15.97 29.10
CA ASN A 713 16.98 -16.67 30.35
C ASN A 713 15.45 -16.70 30.47
N LYS A 714 14.86 -17.89 30.52
CA LYS A 714 13.37 -18.05 30.61
C LYS A 714 12.96 -18.46 32.03
N ASP A 715 13.91 -18.73 32.92
CA ASP A 715 13.68 -19.31 34.27
C ASP A 715 12.58 -18.55 35.04
N GLU A 716 12.62 -17.22 35.04
CA GLU A 716 11.70 -16.37 35.84
C GLU A 716 10.41 -16.04 35.05
N ILE A 717 10.53 -15.61 33.80
CA ILE A 717 9.36 -15.06 33.04
C ILE A 717 8.44 -16.21 32.60
N ILE A 718 9.01 -17.33 32.15
CA ILE A 718 8.23 -18.50 31.61
C ILE A 718 7.92 -19.48 32.75
N PHE A 719 8.95 -20.02 33.40
CA PHE A 719 8.81 -21.19 34.32
C PHE A 719 8.31 -20.73 35.71
N ASP A 720 8.95 -19.74 36.34
CA ASP A 720 8.41 -19.14 37.59
C ASP A 720 7.08 -18.43 37.27
N ASN A 721 6.89 -18.00 36.02
CA ASN A 721 5.65 -17.33 35.52
C ASN A 721 5.44 -16.01 36.27
N LYS A 722 6.48 -15.17 36.34
CA LYS A 722 6.54 -13.88 37.09
C LYS A 722 5.36 -12.96 36.73
N PHE A 723 4.78 -13.04 35.53
CA PHE A 723 3.68 -12.12 35.09
C PHE A 723 2.31 -12.81 35.11
N GLY A 724 2.22 -14.04 35.62
CA GLY A 724 0.95 -14.75 35.84
C GLY A 724 0.20 -14.99 34.54
N LEU A 725 0.90 -15.47 33.50
CA LEU A 725 0.26 -15.90 32.23
C LEU A 725 -0.46 -17.23 32.48
N THR A 726 -1.51 -17.50 31.71
CA THR A 726 -2.31 -18.75 31.78
C THR A 726 -1.73 -19.75 30.77
N TRP A 727 -1.02 -20.75 31.28
CA TRP A 727 -0.37 -21.83 30.51
C TRP A 727 -1.23 -23.09 30.61
N THR A 728 -2.21 -23.25 29.72
CA THR A 728 -3.08 -24.44 29.66
C THR A 728 -3.33 -24.80 28.18
N GLY A 729 -3.91 -25.98 27.94
CA GLY A 729 -4.35 -26.44 26.61
C GLY A 729 -5.79 -26.05 26.34
N ASP A 730 -6.43 -25.30 27.25
CA ASP A 730 -7.89 -24.99 27.21
C ASP A 730 -8.12 -23.65 26.53
N PHE A 731 -9.31 -23.47 25.95
CA PHE A 731 -9.83 -22.17 25.44
C PHE A 731 -10.51 -21.43 26.60
N SER A 732 -10.27 -20.13 26.73
CA SER A 732 -11.07 -19.20 27.58
C SER A 732 -12.35 -18.84 26.84
N PRO A 733 -13.44 -18.43 27.53
CA PRO A 733 -14.72 -18.20 26.86
C PRO A 733 -14.62 -17.15 25.74
N GLY A 734 -15.05 -17.48 24.52
CA GLY A 734 -15.11 -16.56 23.38
C GLY A 734 -13.80 -16.43 22.61
N GLN A 735 -12.71 -17.09 23.05
CA GLN A 735 -11.39 -17.09 22.37
C GLN A 735 -11.37 -18.20 21.30
N THR A 736 -10.63 -18.00 20.19
CA THR A 736 -10.46 -18.98 19.09
C THR A 736 -9.05 -19.59 19.11
N THR A 737 -8.23 -19.23 20.10
CA THR A 737 -6.87 -19.80 20.34
C THR A 737 -6.73 -20.15 21.83
N ILE A 738 -6.13 -21.31 22.13
CA ILE A 738 -5.93 -21.83 23.52
C ILE A 738 -4.95 -20.92 24.28
N ASN A 739 -5.04 -20.90 25.61
CA ASN A 739 -4.34 -19.94 26.50
C ASN A 739 -2.82 -20.12 26.38
N GLY A 740 -2.34 -21.36 26.28
CA GLY A 740 -0.91 -21.68 26.12
C GLY A 740 -0.30 -20.91 24.97
N LYS A 741 -0.96 -20.92 23.82
CA LYS A 741 -0.51 -20.22 22.59
C LYS A 741 -0.55 -18.71 22.83
N LEU A 742 -1.65 -18.20 23.38
CA LEU A 742 -1.84 -16.75 23.68
C LEU A 742 -0.70 -16.25 24.58
N SER A 743 -0.27 -17.07 25.55
CA SER A 743 0.80 -16.74 26.53
C SER A 743 2.15 -16.66 25.82
N VAL A 744 2.43 -17.59 24.89
CA VAL A 744 3.64 -17.56 24.02
C VAL A 744 3.63 -16.25 23.24
N TYR A 745 2.50 -15.91 22.61
CA TYR A 745 2.38 -14.68 21.77
C TYR A 745 2.64 -13.46 22.66
N LYS A 746 2.04 -13.41 23.84
CA LYS A 746 2.13 -12.27 24.77
C LYS A 746 3.58 -12.13 25.27
N TYR A 747 4.23 -13.27 25.54
CA TYR A 747 5.66 -13.35 25.92
C TYR A 747 6.51 -12.67 24.84
N MET A 748 6.28 -13.04 23.57
CA MET A 748 7.05 -12.51 22.42
C MET A 748 6.68 -11.05 22.13
N ASP A 749 5.43 -10.64 22.38
CA ASP A 749 4.92 -9.28 22.09
C ASP A 749 5.32 -8.27 23.17
N GLU A 750 5.45 -8.68 24.45
CA GLU A 750 5.56 -7.74 25.60
C GLU A 750 6.86 -7.94 26.40
N TYR A 751 7.33 -9.19 26.56
CA TYR A 751 8.30 -9.57 27.61
C TYR A 751 9.64 -10.06 27.04
N ASN A 752 9.81 -10.07 25.72
CA ASN A 752 11.01 -10.67 25.06
C ASN A 752 11.21 -10.01 23.70
N VAL A 753 11.33 -8.68 23.69
CA VAL A 753 11.23 -7.85 22.45
C VAL A 753 12.59 -7.24 22.10
N VAL A 754 13.04 -7.45 20.86
CA VAL A 754 14.26 -6.80 20.30
C VAL A 754 13.97 -5.31 20.15
N ASN A 755 14.92 -4.47 20.57
CA ASN A 755 14.80 -2.98 20.63
C ASN A 755 13.42 -2.63 21.21
N ALA A 756 13.16 -3.09 22.44
CA ALA A 756 11.87 -2.97 23.14
C ALA A 756 11.51 -1.50 23.32
N PRO A 757 10.37 -1.03 22.75
CA PRO A 757 9.92 0.34 22.97
C PRO A 757 9.41 0.53 24.40
N GLU A 758 9.01 1.77 24.73
CA GLU A 758 8.45 2.17 26.05
C GLU A 758 7.34 1.17 26.41
N GLY A 759 7.40 0.60 27.62
CA GLY A 759 6.35 -0.28 28.17
C GLY A 759 6.58 -1.75 27.87
N LYS A 760 7.57 -2.10 27.03
CA LYS A 760 7.92 -3.53 26.75
C LYS A 760 9.33 -3.82 27.28
N LEU A 761 9.65 -5.11 27.46
CA LEU A 761 10.90 -5.58 28.09
C LEU A 761 11.90 -6.05 27.02
N SER A 762 13.14 -5.57 27.12
CA SER A 762 14.32 -6.10 26.39
C SER A 762 14.47 -7.58 26.74
N PRO A 763 15.07 -8.40 25.85
CA PRO A 763 15.28 -9.82 26.16
C PRO A 763 16.20 -9.93 27.38
N GLU A 764 15.97 -10.97 28.17
CA GLU A 764 16.75 -11.28 29.39
C GLU A 764 18.02 -12.02 28.96
N ASP A 765 18.99 -11.29 28.39
CA ASP A 765 20.18 -11.86 27.69
C ASP A 765 21.46 -11.17 28.17
N ASN A 766 21.49 -10.65 29.39
CA ASN A 766 22.55 -9.73 29.86
C ASN A 766 23.58 -10.45 30.74
N GLU A 767 23.33 -11.69 31.16
CA GLU A 767 24.31 -12.55 31.90
C GLU A 767 25.33 -13.09 30.89
N LEU A 768 26.58 -12.66 31.00
CA LEU A 768 27.67 -12.98 30.05
C LEU A 768 28.35 -14.27 30.52
N ARG A 769 28.90 -15.05 29.59
CA ARG A 769 29.72 -16.25 29.88
C ARG A 769 31.09 -16.07 29.22
N THR A 770 32.11 -16.67 29.83
CA THR A 770 33.53 -16.54 29.43
C THR A 770 33.87 -17.55 28.30
N THR A 771 34.59 -17.09 27.28
CA THR A 771 35.36 -17.92 26.33
C THR A 771 36.84 -17.60 26.50
N THR A 772 37.72 -18.61 26.56
CA THR A 772 39.19 -18.41 26.67
C THR A 772 39.87 -19.06 25.46
N PHE A 773 40.88 -18.37 24.92
CA PHE A 773 41.77 -18.84 23.84
C PHE A 773 43.20 -18.87 24.40
N GLU A 774 43.91 -19.97 24.16
CA GLU A 774 45.35 -20.11 24.48
C GLU A 774 46.08 -20.31 23.15
N LEU A 775 47.01 -19.40 22.83
CA LEU A 775 47.85 -19.51 21.61
C LEU A 775 49.30 -19.78 22.04
N THR A 776 49.89 -20.84 21.51
CA THR A 776 51.28 -21.29 21.79
C THR A 776 51.90 -21.79 20.49
N LYS A 777 53.22 -21.66 20.35
CA LYS A 777 54.09 -20.91 21.26
C LYS A 777 54.51 -19.62 20.54
N LEU A 778 54.40 -18.46 21.21
CA LEU A 778 54.57 -17.11 20.59
C LEU A 778 55.85 -16.46 21.10
N ALA A 779 56.43 -15.57 20.29
CA ALA A 779 57.69 -14.81 20.63
C ALA A 779 57.34 -13.49 21.32
N LYS A 780 56.10 -13.02 21.25
CA LYS A 780 55.66 -11.72 21.83
C LYS A 780 54.14 -11.71 21.97
N GLU A 781 53.62 -10.72 22.70
CA GLU A 781 52.17 -10.50 22.93
C GLU A 781 51.48 -10.27 21.59
N PRO A 782 50.42 -11.03 21.23
CA PRO A 782 49.62 -10.71 20.06
C PRO A 782 48.66 -9.55 20.37
N LYS A 783 48.11 -8.93 19.32
CA LYS A 783 47.06 -7.89 19.40
C LYS A 783 45.68 -8.53 19.15
N VAL A 784 44.68 -8.20 19.98
CA VAL A 784 43.26 -8.64 19.85
C VAL A 784 42.39 -7.40 19.80
N GLN A 785 41.47 -7.33 18.83
CA GLN A 785 40.42 -6.28 18.86
C GLN A 785 39.09 -6.84 18.38
N VAL A 786 38.02 -6.25 18.91
CA VAL A 786 36.62 -6.43 18.46
C VAL A 786 36.45 -5.56 17.21
N VAL A 787 36.41 -6.17 16.03
CA VAL A 787 36.10 -5.49 14.74
C VAL A 787 34.64 -5.02 14.81
N LYS A 788 33.74 -5.90 15.27
CA LYS A 788 32.29 -5.65 15.32
C LYS A 788 31.70 -6.57 16.39
N GLY A 789 30.71 -6.11 17.14
CA GLY A 789 30.05 -6.88 18.20
C GLY A 789 28.56 -6.58 18.30
N GLN A 790 27.80 -7.48 18.93
CA GLN A 790 26.34 -7.31 19.15
C GLN A 790 26.12 -6.14 20.10
N GLN A 791 25.25 -5.22 19.69
CA GLN A 791 24.98 -3.93 20.37
C GLN A 791 23.89 -4.13 21.41
N PRO A 792 23.81 -3.26 22.45
CA PRO A 792 22.80 -3.40 23.49
C PRO A 792 21.37 -3.22 22.93
N ASP A 793 20.40 -3.83 23.61
CA ASP A 793 18.96 -3.50 23.45
C ASP A 793 18.73 -2.13 24.11
N THR A 794 17.47 -1.69 24.19
CA THR A 794 17.05 -0.37 24.69
C THR A 794 17.33 -0.25 26.20
N ASP A 795 17.60 -1.35 26.91
CA ASP A 795 17.96 -1.31 28.36
C ASP A 795 19.43 -0.88 28.54
N GLY A 796 20.18 -0.78 27.44
CA GLY A 796 21.55 -0.20 27.41
C GLY A 796 22.61 -1.14 27.94
N GLN A 797 22.29 -2.41 28.20
CA GLN A 797 23.22 -3.38 28.82
C GLN A 797 24.09 -4.03 27.75
N PRO A 798 25.43 -4.09 27.97
CA PRO A 798 26.34 -4.68 26.98
C PRO A 798 26.16 -6.19 26.79
N GLN A 799 26.44 -6.69 25.58
CA GLN A 799 26.35 -8.13 25.25
C GLN A 799 27.76 -8.73 25.20
N TYR A 800 28.82 -7.93 25.41
CA TYR A 800 30.22 -8.40 25.45
C TYR A 800 31.08 -7.42 26.25
N THR A 801 32.23 -7.91 26.75
CA THR A 801 33.30 -7.10 27.40
C THR A 801 34.48 -6.97 26.43
N GLU A 802 35.38 -6.00 26.67
CA GLU A 802 36.66 -5.88 25.90
C GLU A 802 37.50 -7.11 26.22
N PRO A 803 38.08 -7.78 25.20
CA PRO A 803 38.95 -8.94 25.46
C PRO A 803 40.17 -8.54 26.30
N LYS A 804 40.57 -9.42 27.21
CA LYS A 804 41.78 -9.28 28.04
C LYS A 804 42.85 -10.24 27.49
N VAL A 805 44.08 -9.75 27.32
CA VAL A 805 45.26 -10.52 26.81
C VAL A 805 46.31 -10.60 27.93
N GLU A 806 46.72 -11.82 28.29
CA GLU A 806 47.88 -12.11 29.18
C GLU A 806 48.93 -12.88 28.38
N PHE A 807 50.16 -12.39 28.35
CA PHE A 807 51.30 -13.04 27.64
C PHE A 807 52.37 -13.37 28.67
N ASN A 808 52.71 -14.66 28.78
CA ASN A 808 53.84 -15.15 29.62
C ASN A 808 55.09 -15.21 28.74
N GLU A 809 56.05 -14.31 29.00
CA GLU A 809 57.34 -14.19 28.25
C GLU A 809 58.19 -15.46 28.43
N GLU A 810 58.01 -16.23 29.51
CA GLU A 810 58.83 -17.44 29.81
C GLU A 810 58.35 -18.62 28.94
N THR A 811 57.04 -18.90 28.92
CA THR A 811 56.43 -20.07 28.23
C THR A 811 56.06 -19.73 26.78
N GLY A 812 55.84 -18.45 26.48
CA GLY A 812 55.33 -17.97 25.17
C GLY A 812 53.86 -18.31 24.96
N LYS A 813 53.08 -18.36 26.06
CA LYS A 813 51.61 -18.61 26.04
C LYS A 813 50.86 -17.29 26.15
N ALA A 814 50.04 -16.97 25.15
CA ALA A 814 49.04 -15.88 25.18
C ALA A 814 47.68 -16.48 25.59
N VAL A 815 47.09 -15.98 26.69
CA VAL A 815 45.69 -16.29 27.10
C VAL A 815 44.81 -15.08 26.79
N ILE A 816 43.78 -15.26 25.98
CA ILE A 816 42.79 -14.22 25.61
C ILE A 816 41.44 -14.61 26.22
N THR A 817 40.86 -13.73 27.03
CA THR A 817 39.57 -13.96 27.73
C THR A 817 38.57 -12.91 27.26
N ILE A 818 37.33 -13.32 27.05
CA ILE A 818 36.20 -12.40 26.73
C ILE A 818 34.93 -12.96 27.35
N GLN A 819 34.01 -12.08 27.76
CA GLN A 819 32.65 -12.43 28.22
C GLN A 819 31.65 -11.98 27.17
N THR A 820 30.70 -12.86 26.80
CA THR A 820 29.69 -12.56 25.76
C THR A 820 28.36 -13.20 26.13
N ASN A 821 27.28 -12.61 25.63
CA ASN A 821 25.97 -13.24 25.43
C ASN A 821 25.43 -12.68 24.11
N GLY A 822 25.71 -13.38 23.01
CA GLY A 822 25.59 -12.84 21.64
C GLY A 822 26.85 -13.08 20.82
N TRP A 823 27.00 -12.33 19.72
CA TRP A 823 28.09 -12.53 18.74
C TRP A 823 29.13 -11.41 18.87
N VAL A 824 30.40 -11.76 18.61
CA VAL A 824 31.52 -10.81 18.41
C VAL A 824 32.37 -11.33 17.24
N ASP A 825 32.91 -10.42 16.44
CA ASP A 825 33.97 -10.69 15.44
C ASP A 825 35.30 -10.19 16.01
N LEU A 826 36.20 -11.12 16.33
CA LEU A 826 37.54 -10.81 16.88
C LEU A 826 38.57 -10.91 15.74
N SER A 827 39.57 -10.05 15.79
CA SER A 827 40.75 -10.04 14.90
C SER A 827 41.99 -10.13 15.79
N ILE A 828 42.70 -11.26 15.72
CA ILE A 828 44.00 -11.47 16.41
C ILE A 828 45.11 -11.26 15.36
N THR A 829 46.04 -10.33 15.62
CA THR A 829 47.15 -9.97 14.72
C THR A 829 48.46 -9.91 15.52
N GLY A 830 49.59 -9.83 14.82
CA GLY A 830 50.94 -9.79 15.42
C GLY A 830 51.37 -11.16 15.94
N LEU A 831 50.84 -12.26 15.38
CA LEU A 831 51.21 -13.63 15.79
C LEU A 831 52.59 -13.98 15.23
N GLU A 832 53.52 -14.36 16.10
CA GLU A 832 54.89 -14.80 15.72
C GLU A 832 55.15 -16.14 16.42
N PHE A 833 54.78 -17.24 15.77
CA PHE A 833 54.90 -18.63 16.31
C PHE A 833 56.35 -19.09 16.18
N VAL A 834 56.89 -19.66 17.27
CA VAL A 834 58.23 -20.31 17.32
C VAL A 834 58.03 -21.79 17.69
N TYR A 835 59.07 -22.61 17.53
CA TYR A 835 59.02 -24.07 17.74
C TYR A 835 58.65 -24.36 19.19
N ASP A 836 57.61 -25.19 19.37
CA ASP A 836 57.12 -25.67 20.68
C ASP A 836 57.33 -27.19 20.75
N GLU A 837 58.34 -27.63 21.49
CA GLU A 837 58.66 -29.07 21.70
C GLU A 837 57.60 -29.73 22.60
N ASN A 838 56.76 -28.93 23.26
CA ASN A 838 55.71 -29.39 24.22
C ASN A 838 54.32 -29.37 23.57
N ALA A 839 54.22 -28.99 22.29
CA ALA A 839 52.94 -28.85 21.56
C ALA A 839 52.12 -30.13 21.71
N GLN A 840 50.84 -29.99 22.06
CA GLN A 840 49.85 -31.09 22.12
C GLN A 840 49.91 -31.90 20.82
N LYS A 841 50.13 -33.21 20.93
CA LYS A 841 50.14 -34.14 19.77
C LYS A 841 48.71 -34.32 19.28
N ILE A 842 48.49 -34.17 17.97
CA ILE A 842 47.17 -34.38 17.33
C ILE A 842 47.09 -35.83 16.89
N GLU A 843 46.77 -36.72 17.83
CA GLU A 843 46.73 -38.20 17.63
C GLU A 843 45.65 -38.82 18.52
N ASP A 844 45.20 -40.03 18.16
CA ASP A 844 44.29 -40.88 18.98
C ASP A 844 45.01 -41.39 20.23
N GLU A 845 44.25 -41.71 21.28
CA GLU A 845 44.70 -42.40 22.52
C GLU A 845 45.37 -43.74 22.17
N PRO A 846 46.34 -44.23 22.97
CA PRO A 846 46.82 -45.60 22.82
C PRO A 846 45.75 -46.61 23.27
N LYS B 1 -15.44 1.89 -11.53
CA LYS B 1 -16.57 1.98 -10.56
C LYS B 1 -17.49 3.16 -10.94
N ALA B 2 -18.78 2.88 -11.16
CA ALA B 2 -19.81 3.87 -11.58
C ALA B 2 -20.24 4.74 -10.41
N PRO B 3 -20.42 6.05 -10.62
CA PRO B 3 -21.12 6.89 -9.65
C PRO B 3 -22.61 6.55 -9.66
N PRO B 4 -23.39 6.99 -8.65
CA PRO B 4 -24.79 6.54 -8.54
C PRO B 4 -25.68 7.08 -9.67
N LEU B 5 -25.50 8.34 -10.07
CA LEU B 5 -26.27 8.96 -11.18
C LEU B 5 -25.55 8.67 -12.50
N VAL B 6 -26.26 8.07 -13.46
CA VAL B 6 -25.67 7.72 -14.80
C VAL B 6 -26.60 8.25 -15.90
N ASN B 7 -26.05 8.44 -17.10
CA ASN B 7 -26.87 8.66 -18.31
C ASN B 7 -27.43 7.29 -18.72
N LEU B 8 -28.66 6.99 -18.30
CA LEU B 8 -29.33 5.69 -18.61
C LEU B 8 -29.53 5.55 -20.12
N ALA B 9 -29.75 6.66 -20.84
CA ALA B 9 -29.97 6.67 -22.30
C ALA B 9 -28.72 6.10 -23.01
N GLU B 10 -27.56 6.37 -22.45
CA GLU B 10 -26.24 5.92 -22.98
C GLU B 10 -25.90 4.52 -22.44
N GLU B 11 -26.19 4.23 -21.17
CA GLU B 11 -25.75 2.99 -20.50
C GLU B 11 -26.64 1.81 -20.90
N LYS B 12 -27.93 2.03 -21.19
CA LYS B 12 -28.91 0.94 -21.44
C LYS B 12 -29.04 0.69 -22.95
N ASP B 13 -29.54 -0.49 -23.30
CA ASP B 13 -29.82 -0.92 -24.70
C ASP B 13 -31.18 -0.34 -25.11
N VAL B 14 -31.22 0.93 -25.52
CA VAL B 14 -32.50 1.68 -25.65
C VAL B 14 -33.10 1.40 -27.03
N LYS B 15 -34.42 1.59 -27.14
CA LYS B 15 -35.19 1.50 -28.41
C LYS B 15 -35.72 2.90 -28.70
N VAL B 16 -35.47 3.40 -29.91
CA VAL B 16 -35.91 4.75 -30.37
C VAL B 16 -37.06 4.56 -31.35
N THR B 17 -38.17 5.26 -31.14
CA THR B 17 -39.35 5.24 -32.04
C THR B 17 -39.76 6.68 -32.36
N VAL B 18 -40.54 6.82 -33.44
CA VAL B 18 -41.20 8.09 -33.81
C VAL B 18 -42.70 7.80 -34.00
N GLY B 19 -43.50 8.83 -34.18
CA GLY B 19 -44.97 8.71 -34.33
C GLY B 19 -45.33 8.36 -35.76
N GLU B 20 -46.63 8.24 -36.02
CA GLU B 20 -47.20 8.03 -37.37
C GLU B 20 -46.82 9.22 -38.26
N ASN B 21 -46.52 8.94 -39.52
CA ASN B 21 -46.19 9.94 -40.57
C ASN B 21 -44.91 10.69 -40.17
N MET B 22 -43.89 9.92 -39.76
CA MET B 22 -42.54 10.43 -39.42
C MET B 22 -41.49 9.43 -39.90
N ASP B 23 -40.44 9.93 -40.54
CA ASP B 23 -39.22 9.16 -40.93
C ASP B 23 -38.16 9.38 -39.85
N LEU B 24 -37.47 8.30 -39.50
CA LEU B 24 -36.39 8.24 -38.48
C LEU B 24 -35.08 7.94 -39.21
N LYS B 25 -34.09 8.82 -39.10
CA LYS B 25 -32.74 8.63 -39.70
C LYS B 25 -31.68 8.64 -38.57
N ASN B 26 -30.81 7.63 -38.57
CA ASN B 26 -29.58 7.52 -37.73
C ASN B 26 -29.93 7.69 -36.25
N ALA B 27 -30.75 6.76 -35.75
CA ALA B 27 -31.32 6.74 -34.39
C ALA B 27 -30.22 6.69 -33.31
N ASP B 28 -29.03 6.15 -33.63
CA ASP B 28 -27.94 5.88 -32.65
C ASP B 28 -27.30 7.19 -32.19
N LEU B 29 -27.41 8.26 -32.99
CA LEU B 29 -26.73 9.55 -32.71
C LEU B 29 -27.34 10.22 -31.47
N LEU B 30 -28.60 9.90 -31.14
CA LEU B 30 -29.39 10.53 -30.05
C LEU B 30 -28.81 10.22 -28.66
N THR B 31 -28.18 9.05 -28.47
CA THR B 31 -27.78 8.50 -27.15
C THR B 31 -26.33 8.02 -27.22
N ASP B 32 -25.50 8.62 -28.07
CA ASP B 32 -24.08 8.20 -28.27
C ASP B 32 -23.16 9.02 -27.35
N GLY B 33 -23.69 9.95 -26.58
CA GLY B 33 -22.95 10.74 -25.59
C GLY B 33 -22.19 11.91 -26.20
N ASP B 34 -22.39 12.18 -27.49
CA ASP B 34 -21.65 13.20 -28.28
C ASP B 34 -22.58 14.37 -28.61
N LYS B 35 -22.25 15.56 -28.13
CA LYS B 35 -23.02 16.80 -28.40
C LYS B 35 -22.28 17.67 -29.43
N TYR B 36 -21.05 17.33 -29.82
CA TYR B 36 -20.12 18.26 -30.50
C TYR B 36 -19.64 17.73 -31.87
N TYR B 37 -19.42 16.43 -32.03
CA TYR B 37 -19.09 15.73 -33.31
C TYR B 37 -17.77 16.25 -33.89
N LEU B 38 -16.76 16.41 -33.02
CA LEU B 38 -15.36 16.77 -33.36
C LEU B 38 -14.70 15.61 -34.13
N GLN B 39 -13.72 15.90 -34.98
CA GLN B 39 -13.00 14.88 -35.81
C GLN B 39 -11.48 14.94 -35.63
N HIS B 40 -10.90 16.00 -35.06
CA HIS B 40 -9.43 16.21 -35.07
C HIS B 40 -8.88 16.24 -33.65
N ASP B 41 -9.49 15.48 -32.74
CA ASP B 41 -9.08 15.37 -31.33
C ASP B 41 -7.60 14.96 -31.26
N ALA B 42 -7.10 14.19 -32.23
CA ALA B 42 -5.72 13.63 -32.23
C ALA B 42 -4.68 14.70 -32.62
N THR B 43 -5.09 15.84 -33.18
CA THR B 43 -4.20 16.96 -33.63
C THR B 43 -4.65 18.28 -32.99
N GLY B 44 -4.97 18.28 -31.71
CA GLY B 44 -5.33 19.51 -30.95
C GLY B 44 -6.59 20.18 -31.50
N ASN B 45 -7.46 19.43 -32.17
CA ASN B 45 -8.72 19.94 -32.78
C ASN B 45 -8.40 20.99 -33.85
N LYS B 46 -7.23 20.88 -34.48
CA LYS B 46 -6.81 21.75 -35.61
C LYS B 46 -6.50 20.89 -36.83
N GLU B 47 -6.88 21.39 -38.00
CA GLU B 47 -6.46 20.92 -39.34
C GLU B 47 -5.50 21.96 -39.91
N GLY B 48 -4.20 21.63 -39.99
CA GLY B 48 -3.15 22.64 -40.15
C GLY B 48 -3.07 23.54 -38.94
N ASN B 49 -3.23 24.85 -39.14
CA ASN B 49 -3.13 25.91 -38.10
C ASN B 49 -4.53 26.37 -37.68
N ASN B 50 -5.60 25.81 -38.25
CA ASN B 50 -6.99 26.30 -38.08
C ASN B 50 -7.79 25.34 -37.18
N TRP B 51 -8.54 25.89 -36.21
CA TRP B 51 -9.53 25.13 -35.42
C TRP B 51 -10.54 24.47 -36.38
N GLU B 52 -10.93 23.22 -36.13
CA GLU B 52 -11.96 22.51 -36.93
C GLU B 52 -13.31 23.22 -36.75
N ASN B 53 -14.08 23.34 -37.83
CA ASN B 53 -15.42 23.98 -37.85
C ASN B 53 -16.42 23.15 -37.06
N TYR B 54 -17.50 23.78 -36.61
CA TYR B 54 -18.60 23.12 -35.87
C TYR B 54 -19.57 22.52 -36.89
N GLN B 55 -19.61 21.19 -36.97
CA GLN B 55 -20.44 20.45 -37.94
C GLN B 55 -21.41 19.55 -37.17
N GLU B 56 -22.68 19.95 -37.17
CA GLU B 56 -23.76 19.38 -36.34
C GLU B 56 -24.29 18.10 -36.98
N GLN B 57 -24.16 16.98 -36.28
CA GLN B 57 -24.77 15.68 -36.63
C GLN B 57 -25.89 15.38 -35.64
N GLY B 58 -26.83 14.53 -36.02
CA GLY B 58 -27.92 14.16 -35.10
C GLY B 58 -28.92 13.23 -35.72
N THR B 59 -29.72 12.59 -34.87
CA THR B 59 -30.90 11.78 -35.26
C THR B 59 -31.92 12.73 -35.93
N GLU B 60 -32.28 12.46 -37.17
CA GLU B 60 -33.25 13.30 -37.93
C GLU B 60 -34.63 12.63 -37.91
N VAL B 61 -35.64 13.38 -37.49
CA VAL B 61 -37.07 12.99 -37.53
C VAL B 61 -37.77 13.98 -38.44
N THR B 62 -38.40 13.48 -39.51
CA THR B 62 -39.04 14.31 -40.57
C THR B 62 -40.52 13.94 -40.66
N SER B 63 -41.40 14.93 -40.50
CA SER B 63 -42.87 14.81 -40.73
C SER B 63 -43.10 14.55 -42.23
N THR B 64 -43.85 13.49 -42.55
CA THR B 64 -44.32 13.16 -43.92
C THR B 64 -45.83 13.43 -43.98
N ALA B 65 -46.35 14.23 -43.04
CA ALA B 65 -47.78 14.59 -42.94
C ALA B 65 -47.98 15.99 -43.53
N GLU B 66 -48.89 16.10 -44.49
CA GLU B 66 -49.29 17.35 -45.17
C GLU B 66 -49.69 18.40 -44.12
N GLY B 67 -49.04 19.57 -44.15
CA GLY B 67 -49.44 20.76 -43.38
C GLY B 67 -49.01 20.72 -41.92
N LYS B 68 -48.39 19.63 -41.45
CA LYS B 68 -47.98 19.44 -40.03
C LYS B 68 -46.46 19.18 -39.98
N ASN B 69 -45.69 20.09 -39.37
CA ASN B 69 -44.20 19.99 -39.28
C ASN B 69 -43.78 19.41 -37.92
N GLY B 70 -44.64 19.45 -36.90
CA GLY B 70 -44.32 18.92 -35.56
C GLY B 70 -43.95 17.45 -35.62
N VAL B 71 -42.91 17.04 -34.89
CA VAL B 71 -42.46 15.62 -34.79
C VAL B 71 -42.27 15.27 -33.31
N TRP B 72 -42.07 13.98 -33.04
CA TRP B 72 -41.59 13.49 -31.73
C TRP B 72 -40.70 12.26 -31.90
N VAL B 73 -39.88 12.03 -30.88
CA VAL B 73 -38.96 10.87 -30.79
C VAL B 73 -39.09 10.34 -29.37
N GLN B 74 -39.18 9.01 -29.23
CA GLN B 74 -39.34 8.37 -27.90
C GLN B 74 -38.16 7.43 -27.66
N VAL B 75 -37.67 7.44 -26.43
CA VAL B 75 -36.65 6.50 -25.91
C VAL B 75 -37.35 5.54 -24.94
N ASP B 76 -37.16 4.23 -25.14
CA ASP B 76 -37.52 3.15 -24.19
C ASP B 76 -36.24 2.66 -23.53
N LEU B 77 -36.07 2.91 -22.21
CA LEU B 77 -34.87 2.53 -21.41
C LEU B 77 -34.87 1.03 -21.13
N GLY B 78 -36.00 0.35 -21.29
CA GLY B 78 -36.10 -1.12 -21.17
C GLY B 78 -36.62 -1.54 -19.81
N ALA B 79 -36.64 -0.63 -18.85
CA ALA B 79 -37.25 -0.80 -17.52
C ALA B 79 -37.51 0.59 -16.94
N SER B 80 -38.21 0.64 -15.81
N SER B 80 -38.20 0.64 -15.79
CA SER B 80 -38.57 1.90 -15.11
CA SER B 80 -38.57 1.86 -15.04
C SER B 80 -37.46 2.26 -14.12
C SER B 80 -37.43 2.25 -14.10
N TYR B 81 -36.92 3.46 -14.24
CA TYR B 81 -35.76 3.97 -13.47
C TYR B 81 -36.15 5.30 -12.84
N PRO B 82 -35.65 5.61 -11.61
CA PRO B 82 -35.75 6.96 -11.08
C PRO B 82 -34.92 7.90 -11.96
N LEU B 83 -35.58 8.86 -12.62
CA LEU B 83 -34.96 9.93 -13.44
C LEU B 83 -34.86 11.22 -12.60
N GLU B 84 -33.80 12.00 -12.82
CA GLU B 84 -33.51 13.25 -12.06
C GLU B 84 -33.25 14.43 -12.99
N VAL B 85 -32.53 14.22 -14.10
CA VAL B 85 -32.14 15.31 -15.04
C VAL B 85 -32.29 14.85 -16.50
N ILE B 86 -32.81 15.72 -17.36
CA ILE B 86 -32.81 15.50 -18.84
C ILE B 86 -32.05 16.66 -19.51
N ASN B 87 -31.15 16.31 -20.44
CA ASN B 87 -30.40 17.25 -21.30
C ASN B 87 -30.81 17.02 -22.75
N LEU B 88 -31.47 18.01 -23.35
CA LEU B 88 -31.87 17.98 -24.78
C LEU B 88 -30.99 18.96 -25.58
N LYS B 89 -30.37 18.48 -26.65
CA LYS B 89 -29.71 19.36 -27.64
C LYS B 89 -30.19 19.00 -29.04
N ARG B 90 -30.65 20.02 -29.77
CA ARG B 90 -31.01 19.93 -31.21
C ARG B 90 -30.01 20.79 -31.97
N GLN B 91 -30.00 20.71 -33.29
CA GLN B 91 -29.17 21.57 -34.18
C GLN B 91 -29.29 23.02 -33.69
N VAL B 92 -28.16 23.68 -33.43
CA VAL B 92 -28.12 25.05 -32.83
C VAL B 92 -28.24 26.09 -33.94
N TYR B 93 -27.55 25.89 -35.07
CA TYR B 93 -27.38 26.92 -36.12
C TYR B 93 -28.20 26.57 -37.36
N ASP B 94 -28.88 27.58 -37.89
CA ASP B 94 -29.55 27.56 -39.22
C ASP B 94 -28.46 27.75 -40.29
N GLY B 95 -27.94 26.67 -40.85
CA GLY B 95 -26.75 26.67 -41.75
C GLY B 95 -25.47 26.40 -40.97
N GLN B 96 -24.33 26.65 -41.59
CA GLN B 96 -22.96 26.33 -41.09
C GLN B 96 -22.44 27.54 -40.28
N ALA B 97 -22.18 27.36 -38.98
CA ALA B 97 -21.53 28.41 -38.14
C ALA B 97 -20.12 28.64 -38.66
N THR B 98 -19.60 29.86 -38.61
CA THR B 98 -18.20 30.18 -39.00
C THR B 98 -17.42 30.54 -37.73
N ILE B 99 -16.12 30.29 -37.71
CA ILE B 99 -15.22 30.68 -36.60
C ILE B 99 -14.78 32.12 -36.87
N GLY B 100 -15.20 33.06 -36.02
CA GLY B 100 -14.82 34.48 -36.12
C GLY B 100 -14.12 34.97 -34.86
N ASN B 101 -14.06 36.28 -34.69
CA ASN B 101 -13.22 36.94 -33.66
C ASN B 101 -13.96 36.99 -32.33
N GLY B 102 -13.25 36.74 -31.23
CA GLY B 102 -13.80 36.84 -29.87
C GLY B 102 -13.07 37.91 -29.08
N ASN B 103 -12.70 37.58 -27.84
CA ASN B 103 -12.17 38.52 -26.82
C ASN B 103 -11.06 37.80 -26.08
N PRO B 104 -9.78 38.22 -26.20
CA PRO B 104 -9.41 39.44 -26.95
C PRO B 104 -9.39 39.25 -28.48
N SER B 105 -9.69 40.33 -29.23
CA SER B 105 -9.57 40.40 -30.71
C SER B 105 -8.21 39.83 -31.15
N GLY B 106 -8.19 38.91 -32.11
CA GLY B 106 -6.95 38.39 -32.72
C GLY B 106 -6.41 37.16 -32.02
N GLN B 107 -6.95 36.77 -30.86
CA GLN B 107 -6.58 35.52 -30.15
C GLN B 107 -7.82 34.65 -29.92
N GLY B 108 -8.77 35.17 -29.14
CA GLY B 108 -10.06 34.53 -28.82
C GLY B 108 -10.86 34.24 -30.08
N LYS B 109 -11.46 33.07 -30.15
CA LYS B 109 -12.34 32.62 -31.27
C LYS B 109 -13.73 32.33 -30.75
N ARG B 110 -14.76 32.73 -31.50
CA ARG B 110 -16.19 32.50 -31.18
C ARG B 110 -16.93 32.07 -32.45
N LEU B 111 -17.90 31.16 -32.30
CA LEU B 111 -18.81 30.76 -33.41
C LEU B 111 -19.71 31.95 -33.74
N LYS B 112 -19.94 32.17 -35.04
CA LYS B 112 -20.86 33.20 -35.57
C LYS B 112 -21.92 32.49 -36.41
N GLY B 113 -23.18 32.91 -36.30
CA GLY B 113 -24.27 32.39 -37.14
C GLY B 113 -25.62 32.66 -36.53
N THR B 114 -26.67 32.23 -37.22
CA THR B 114 -28.08 32.42 -36.82
C THR B 114 -28.52 31.22 -35.99
N LYS B 115 -28.88 31.41 -34.73
CA LYS B 115 -29.33 30.32 -33.81
C LYS B 115 -30.83 30.07 -33.99
N ILE B 116 -31.24 28.81 -33.85
CA ILE B 116 -32.65 28.37 -33.98
C ILE B 116 -33.34 28.47 -32.61
N SER B 117 -34.55 29.02 -32.60
CA SER B 117 -35.50 28.94 -31.47
C SER B 117 -36.64 28.00 -31.85
N TYR B 118 -36.59 26.76 -31.37
CA TYR B 118 -37.59 25.71 -31.65
C TYR B 118 -38.89 26.07 -30.95
N LYS B 119 -40.02 25.51 -31.41
CA LYS B 119 -41.35 25.76 -30.81
C LYS B 119 -42.08 24.44 -30.65
N ASN B 120 -43.20 24.48 -29.92
CA ASN B 120 -44.07 23.32 -29.61
C ASN B 120 -43.20 22.19 -29.08
N THR B 121 -42.25 22.54 -28.22
CA THR B 121 -41.36 21.62 -27.48
C THR B 121 -42.08 21.14 -26.21
N ALA B 122 -42.10 19.82 -26.00
CA ALA B 122 -42.63 19.20 -24.75
C ALA B 122 -41.84 17.93 -24.46
N ILE B 123 -41.72 17.60 -23.18
CA ILE B 123 -41.10 16.32 -22.73
C ILE B 123 -42.10 15.62 -21.80
N VAL B 124 -42.43 14.37 -22.12
CA VAL B 124 -43.36 13.52 -21.33
C VAL B 124 -42.65 12.23 -20.95
N ILE B 125 -42.81 11.80 -19.69
CA ILE B 125 -42.26 10.51 -19.19
C ILE B 125 -43.40 9.67 -18.60
N GLY B 126 -43.23 8.34 -18.60
CA GLY B 126 -44.25 7.40 -18.10
C GLY B 126 -43.76 5.97 -18.13
N ASN B 127 -44.63 5.05 -17.70
CA ASN B 127 -44.34 3.61 -17.57
C ASN B 127 -45.26 2.80 -18.50
N GLU B 128 -46.08 3.47 -19.30
CA GLU B 128 -46.86 2.86 -20.42
C GLU B 128 -46.26 3.33 -21.75
N GLU B 129 -46.10 2.39 -22.69
CA GLU B 129 -45.44 2.63 -24.01
C GLU B 129 -46.17 3.74 -24.79
N ASP B 130 -47.48 3.86 -24.62
CA ASP B 130 -48.31 4.90 -25.30
C ASP B 130 -48.40 6.17 -24.46
N LEU B 131 -47.78 6.18 -23.27
CA LEU B 131 -47.69 7.34 -22.35
C LEU B 131 -49.09 7.81 -21.93
N SER B 132 -50.06 6.89 -21.85
CA SER B 132 -51.43 7.14 -21.32
C SER B 132 -51.35 7.48 -19.82
N ASP B 133 -50.23 7.16 -19.16
CA ASP B 133 -49.94 7.49 -17.74
C ASP B 133 -48.92 8.64 -17.68
N GLY B 134 -48.72 9.35 -18.78
CA GLY B 134 -47.62 10.32 -18.96
C GLY B 134 -47.61 11.43 -17.90
N GLN B 135 -46.42 11.90 -17.54
CA GLN B 135 -46.18 13.09 -16.69
C GLN B 135 -45.40 14.12 -17.51
N ILE B 136 -45.84 15.38 -17.51
CA ILE B 136 -45.14 16.49 -18.21
C ILE B 136 -43.92 16.92 -17.40
N VAL B 137 -42.76 16.89 -18.05
CA VAL B 137 -41.49 17.47 -17.53
C VAL B 137 -41.38 18.92 -18.00
N TYR B 138 -41.71 19.18 -19.28
CA TYR B 138 -41.58 20.51 -19.94
C TYR B 138 -42.67 20.64 -21.01
N TYR B 139 -43.20 21.84 -21.19
CA TYR B 139 -44.29 22.14 -22.16
C TYR B 139 -44.23 23.61 -22.58
N GLU B 140 -44.06 23.82 -23.88
CA GLU B 140 -44.02 25.16 -24.54
C GLU B 140 -44.86 25.07 -25.82
N GLY B 141 -45.62 26.14 -26.13
CA GLY B 141 -46.49 26.16 -27.34
C GLY B 141 -47.75 25.35 -27.13
N ASN B 142 -48.18 24.58 -28.13
CA ASN B 142 -49.46 23.83 -28.07
C ASN B 142 -49.35 22.47 -28.76
N PRO B 143 -48.28 21.68 -28.54
CA PRO B 143 -48.19 20.36 -29.16
C PRO B 143 -49.26 19.44 -28.55
N THR B 144 -49.80 18.52 -29.35
CA THR B 144 -50.85 17.58 -28.90
C THR B 144 -50.21 16.48 -28.05
N LEU B 145 -50.60 16.42 -26.78
CA LEU B 145 -50.08 15.42 -25.81
C LEU B 145 -50.78 14.08 -26.02
N PRO B 146 -50.21 12.98 -25.49
CA PRO B 146 -50.86 11.66 -25.57
C PRO B 146 -52.23 11.68 -24.87
N ASP B 147 -53.15 10.83 -25.30
CA ASP B 147 -54.46 10.64 -24.63
C ASP B 147 -54.19 10.33 -23.16
N GLY B 148 -54.83 11.05 -22.24
CA GLY B 148 -54.74 10.82 -20.79
C GLY B 148 -53.70 11.69 -20.11
N VAL B 149 -52.97 12.52 -20.87
CA VAL B 149 -52.01 13.52 -20.30
C VAL B 149 -52.62 14.92 -20.45
N LYS B 150 -52.86 15.62 -19.34
CA LYS B 150 -53.50 16.96 -19.30
C LYS B 150 -52.45 18.04 -19.62
N GLN B 151 -52.86 19.07 -20.37
CA GLN B 151 -52.10 20.31 -20.61
C GLN B 151 -51.85 20.99 -19.27
N PRO B 152 -50.65 21.53 -18.99
CA PRO B 152 -50.43 22.26 -17.75
C PRO B 152 -51.08 23.65 -17.83
N GLU B 153 -51.41 24.25 -16.68
CA GLU B 153 -51.92 25.64 -16.61
C GLU B 153 -50.77 26.59 -16.97
N ASN B 154 -49.56 26.29 -16.49
CA ASN B 154 -48.34 27.11 -16.75
C ASN B 154 -47.58 26.53 -17.94
N VAL B 155 -47.34 27.38 -18.92
CA VAL B 155 -46.77 27.02 -20.26
C VAL B 155 -45.49 27.84 -20.43
N SER B 156 -44.41 27.22 -20.90
CA SER B 156 -43.12 27.90 -21.15
C SER B 156 -43.15 28.58 -22.53
N LYS B 157 -42.25 29.54 -22.76
CA LYS B 157 -42.05 30.26 -24.03
C LYS B 157 -40.78 29.73 -24.69
N PRO B 158 -40.62 29.85 -26.03
CA PRO B 158 -39.42 29.34 -26.70
C PRO B 158 -38.13 29.97 -26.16
N TYR B 159 -37.04 29.22 -26.21
CA TYR B 159 -35.66 29.66 -25.87
C TYR B 159 -34.79 29.47 -27.12
N GLU B 160 -33.65 30.15 -27.14
CA GLU B 160 -32.59 30.01 -28.18
C GLU B 160 -31.80 28.73 -27.88
N GLU B 161 -31.64 27.84 -28.87
CA GLU B 161 -30.84 26.60 -28.70
C GLU B 161 -29.41 26.99 -28.32
N ALA B 162 -28.73 26.16 -27.51
CA ALA B 162 -27.37 26.42 -27.00
C ALA B 162 -26.44 25.24 -27.29
N MET B 163 -25.13 25.54 -27.27
CA MET B 163 -24.00 24.58 -27.47
C MET B 163 -24.14 23.39 -26.51
N GLY B 164 -24.58 23.63 -25.27
CA GLY B 164 -24.67 22.59 -24.24
C GLY B 164 -26.06 21.98 -24.11
N GLY B 165 -27.03 22.45 -24.90
CA GLY B 165 -28.42 21.98 -24.85
C GLY B 165 -29.18 22.67 -23.72
N GLN B 166 -30.37 22.16 -23.43
CA GLN B 166 -31.26 22.66 -22.36
C GLN B 166 -31.28 21.59 -21.25
N TRP B 167 -31.55 22.01 -20.03
CA TRP B 167 -31.57 21.14 -18.83
C TRP B 167 -32.94 21.21 -18.18
N PHE B 168 -33.51 20.04 -17.87
CA PHE B 168 -34.86 19.90 -17.28
C PHE B 168 -34.75 18.99 -16.05
N TYR B 169 -35.60 19.27 -15.07
CA TYR B 169 -35.66 18.59 -13.75
C TYR B 169 -37.11 18.16 -13.53
N MET B 170 -37.39 17.47 -12.43
CA MET B 170 -38.62 16.66 -12.24
C MET B 170 -39.69 17.39 -11.43
N ASP B 171 -39.49 18.68 -11.11
CA ASP B 171 -40.47 19.52 -10.39
C ASP B 171 -41.05 20.57 -11.35
N TYR B 172 -42.27 20.36 -11.84
CA TYR B 172 -42.91 21.27 -12.82
C TYR B 172 -43.21 22.62 -12.16
N ALA B 173 -43.38 22.63 -10.84
CA ALA B 173 -43.71 23.84 -10.05
C ALA B 173 -42.48 24.74 -9.94
N ASN B 174 -41.28 24.20 -10.23
CA ASN B 174 -40.00 24.94 -10.21
C ASN B 174 -39.63 25.41 -11.63
N LYS B 175 -40.07 26.63 -11.98
CA LYS B 175 -39.85 27.26 -13.30
C LYS B 175 -40.22 26.30 -14.45
N ASN B 176 -41.36 25.62 -14.32
CA ASN B 176 -42.01 24.85 -15.41
C ASN B 176 -41.06 23.76 -15.92
N GLY B 177 -40.28 23.15 -15.03
CA GLY B 177 -39.33 22.07 -15.35
C GLY B 177 -37.92 22.55 -15.67
N LEU B 178 -37.66 23.85 -15.69
CA LEU B 178 -36.30 24.41 -15.98
C LEU B 178 -35.52 24.67 -14.68
N GLY B 179 -36.21 24.69 -13.53
CA GLY B 179 -35.63 25.04 -12.22
C GLY B 179 -34.91 23.87 -11.59
N ALA B 180 -33.66 24.04 -11.23
CA ALA B 180 -32.83 22.97 -10.64
C ALA B 180 -33.47 22.57 -9.30
N THR B 181 -33.55 21.27 -9.06
CA THR B 181 -34.21 20.65 -7.89
C THR B 181 -33.15 20.30 -6.84
N GLU B 182 -33.58 19.98 -5.62
CA GLU B 182 -32.70 19.36 -4.59
C GLU B 182 -32.19 18.02 -5.12
N LEU B 183 -30.99 17.62 -4.72
CA LEU B 183 -30.40 16.29 -5.02
C LEU B 183 -31.42 15.20 -4.71
N GLY B 184 -31.62 14.27 -5.65
CA GLY B 184 -32.48 13.08 -5.48
C GLY B 184 -33.96 13.38 -5.67
N THR B 185 -34.31 14.46 -6.35
CA THR B 185 -35.73 14.74 -6.75
C THR B 185 -35.99 13.94 -8.03
N THR B 186 -36.68 12.81 -7.92
CA THR B 186 -36.77 11.81 -9.02
C THR B 186 -38.23 11.48 -9.33
N LYS B 187 -38.46 11.00 -10.55
CA LYS B 187 -39.72 10.35 -10.98
C LYS B 187 -39.34 9.08 -11.73
N GLU B 188 -40.05 7.99 -11.47
CA GLU B 188 -39.80 6.69 -12.14
C GLU B 188 -40.40 6.76 -13.55
N ALA B 189 -39.64 6.37 -14.57
CA ALA B 189 -40.13 6.25 -15.95
C ALA B 189 -39.26 5.26 -16.73
N ARG B 190 -39.89 4.56 -17.68
CA ARG B 190 -39.22 3.71 -18.70
C ARG B 190 -39.23 4.44 -20.04
N TYR B 191 -40.27 5.23 -20.33
CA TYR B 191 -40.52 5.85 -21.64
C TYR B 191 -40.40 7.38 -21.54
N ILE B 192 -39.59 7.98 -22.41
CA ILE B 192 -39.34 9.45 -22.47
C ILE B 192 -39.59 9.92 -23.90
N ARG B 193 -40.56 10.82 -24.09
CA ARG B 193 -40.94 11.32 -25.43
C ARG B 193 -40.68 12.83 -25.49
N VAL B 194 -40.00 13.27 -26.55
CA VAL B 194 -39.71 14.70 -26.85
C VAL B 194 -40.46 15.13 -28.12
N TYR B 195 -41.37 16.10 -27.99
CA TYR B 195 -42.05 16.83 -29.10
C TYR B 195 -41.17 18.03 -29.49
N THR B 196 -41.08 18.32 -30.79
CA THR B 196 -40.44 19.55 -31.33
C THR B 196 -41.03 19.89 -32.71
N GLU B 197 -41.17 21.19 -32.97
CA GLU B 197 -41.36 21.77 -34.33
C GLU B 197 -40.18 22.70 -34.67
N ASN B 198 -39.45 22.36 -35.74
CA ASN B 198 -38.50 23.26 -36.44
C ASN B 198 -39.30 24.40 -37.05
N PRO B 199 -38.99 25.68 -36.74
CA PRO B 199 -39.77 26.81 -37.28
C PRO B 199 -39.75 26.95 -38.80
N LYS B 200 -38.76 26.36 -39.50
CA LYS B 200 -38.56 26.58 -40.96
C LYS B 200 -39.00 25.36 -41.77
N GLY B 201 -38.85 24.13 -41.27
CA GLY B 201 -39.19 22.92 -42.05
C GLY B 201 -39.80 21.80 -41.21
N ALA B 202 -39.96 20.62 -41.82
CA ALA B 202 -40.65 19.44 -41.27
C ALA B 202 -39.66 18.47 -40.63
N ALA B 203 -38.37 18.84 -40.55
CA ALA B 203 -37.28 18.00 -40.01
C ALA B 203 -36.64 18.67 -38.78
N VAL B 204 -36.44 17.89 -37.71
CA VAL B 204 -35.68 18.30 -36.51
C VAL B 204 -34.46 17.39 -36.41
N LYS B 205 -33.28 17.97 -36.23
CA LYS B 205 -32.04 17.20 -35.92
C LYS B 205 -31.86 17.19 -34.39
N PHE B 206 -31.99 16.01 -33.78
CA PHE B 206 -31.80 15.77 -32.34
C PHE B 206 -30.36 15.28 -32.12
N MET B 207 -29.48 16.13 -31.56
CA MET B 207 -28.02 15.82 -31.47
C MET B 207 -27.76 14.96 -30.24
N GLU B 208 -28.54 15.15 -29.16
CA GLU B 208 -28.40 14.37 -27.91
C GLU B 208 -29.63 14.51 -27.03
N LEU B 209 -30.08 13.36 -26.52
CA LEU B 209 -31.04 13.26 -25.39
C LEU B 209 -30.34 12.50 -24.25
N GLY B 210 -29.84 13.23 -23.26
CA GLY B 210 -29.26 12.64 -22.05
C GLY B 210 -30.34 12.45 -21.02
N ILE B 211 -30.45 11.25 -20.47
CA ILE B 211 -31.50 10.92 -19.46
C ILE B 211 -30.80 10.39 -18.21
N TYR B 212 -30.62 11.26 -17.22
CA TYR B 212 -29.79 10.98 -16.01
C TYR B 212 -30.71 10.44 -14.90
N GLY B 213 -30.33 9.28 -14.35
CA GLY B 213 -31.08 8.60 -13.30
C GLY B 213 -30.26 7.54 -12.62
N TYR B 214 -30.92 6.69 -11.85
CA TYR B 214 -30.30 5.66 -10.99
C TYR B 214 -30.74 4.28 -11.48
N GLU B 215 -29.95 3.26 -11.16
N GLU B 215 -29.95 3.24 -11.18
CA GLU B 215 -30.24 1.82 -11.41
CA GLU B 215 -30.30 1.82 -11.47
C GLU B 215 -31.49 1.40 -10.64
C GLU B 215 -31.54 1.43 -10.66
N ASN B 216 -31.71 2.01 -9.47
CA ASN B 216 -32.82 1.63 -8.54
C ASN B 216 -32.99 2.72 -7.46
N GLU B 217 -34.06 2.60 -6.65
CA GLU B 217 -34.46 3.59 -5.62
C GLU B 217 -33.43 3.59 -4.49
N GLN B 218 -32.72 2.50 -4.26
CA GLN B 218 -31.72 2.36 -3.17
C GLN B 218 -30.53 3.28 -3.45
N ASP B 219 -30.21 3.53 -4.72
CA ASP B 219 -29.05 4.35 -5.17
C ASP B 219 -29.39 5.85 -5.16
N VAL B 220 -30.67 6.23 -5.09
CA VAL B 220 -31.11 7.65 -5.19
C VAL B 220 -30.45 8.43 -4.03
N GLN B 221 -29.87 9.59 -4.32
CA GLN B 221 -29.05 10.36 -3.34
C GLN B 221 -29.92 11.36 -2.58
N SER B 222 -29.38 11.87 -1.49
CA SER B 222 -30.00 12.88 -0.60
C SER B 222 -28.92 13.85 -0.16
N GLN B 223 -29.18 15.16 -0.14
CA GLN B 223 -28.18 16.15 0.36
C GLN B 223 -28.48 16.40 1.83
N ASP B 224 -27.85 15.63 2.73
CA ASP B 224 -28.08 15.71 4.20
C ASP B 224 -26.92 16.53 4.80
N GLY B 225 -26.99 17.86 4.67
CA GLY B 225 -25.98 18.80 5.20
C GLY B 225 -24.76 18.94 4.28
N PRO B 226 -23.73 19.69 4.73
CA PRO B 226 -22.58 20.05 3.89
C PRO B 226 -21.77 18.84 3.42
N ARG B 227 -21.16 18.93 2.23
CA ARG B 227 -20.28 17.86 1.70
C ARG B 227 -19.00 17.82 2.54
N ARG B 228 -18.52 18.98 3.00
CA ARG B 228 -17.41 19.06 3.97
C ARG B 228 -17.65 20.27 4.88
N VAL B 229 -17.14 20.20 6.11
CA VAL B 229 -17.05 21.36 7.04
C VAL B 229 -15.68 22.04 6.84
N ILE B 230 -15.69 23.37 6.67
CA ILE B 230 -14.45 24.21 6.68
C ILE B 230 -14.56 25.18 7.87
N ASP B 231 -13.78 24.92 8.92
CA ASP B 231 -13.72 25.79 10.13
C ASP B 231 -12.45 25.45 10.91
N ASN B 232 -12.26 26.07 12.08
CA ASN B 232 -11.02 25.94 12.89
C ASN B 232 -10.76 24.46 13.23
N GLU B 233 -11.82 23.67 13.45
CA GLU B 233 -11.72 22.23 13.81
C GLU B 233 -11.60 21.36 12.55
N HIS B 234 -11.87 21.91 11.36
CA HIS B 234 -11.83 21.20 10.05
C HIS B 234 -11.14 22.09 9.02
N PRO B 235 -9.83 22.36 9.18
CA PRO B 235 -9.11 23.19 8.22
C PRO B 235 -8.99 22.41 6.90
N MET B 236 -8.65 23.09 5.82
CA MET B 236 -8.58 22.49 4.46
C MET B 236 -7.34 23.00 3.73
N MET B 237 -6.50 22.08 3.26
CA MET B 237 -5.41 22.36 2.29
C MET B 237 -5.92 22.08 0.87
N ILE B 238 -5.74 23.05 -0.03
CA ILE B 238 -6.01 22.92 -1.50
C ILE B 238 -4.67 22.73 -2.21
N ALA B 239 -4.57 21.71 -3.06
CA ALA B 239 -3.45 21.53 -4.01
C ALA B 239 -4.01 21.60 -5.43
N THR B 240 -3.39 22.42 -6.30
CA THR B 240 -3.87 22.62 -7.68
C THR B 240 -3.31 21.51 -8.57
N ALA B 241 -4.20 20.84 -9.29
CA ALA B 241 -3.92 19.88 -10.38
C ALA B 241 -4.07 20.63 -11.71
N TYR B 242 -2.96 21.19 -12.21
CA TYR B 242 -2.93 21.92 -13.50
C TYR B 242 -2.81 20.92 -14.64
N SER B 243 -3.67 21.01 -15.65
CA SER B 243 -3.44 20.35 -16.97
C SER B 243 -2.03 20.71 -17.47
N ASN B 244 -1.36 19.76 -18.11
CA ASN B 244 -0.12 20.03 -18.89
C ASN B 244 -0.51 20.57 -20.28
N ASP B 245 -1.79 20.87 -20.52
CA ASP B 245 -2.32 21.45 -21.80
C ASP B 245 -2.40 20.36 -22.89
N VAL B 246 -2.19 19.09 -22.55
CA VAL B 246 -2.33 17.94 -23.49
C VAL B 246 -3.52 17.10 -23.05
N TYR B 247 -4.50 16.92 -23.95
CA TYR B 247 -5.65 16.02 -23.73
C TYR B 247 -6.29 15.69 -25.09
N GLU B 248 -6.76 14.44 -25.22
CA GLU B 248 -7.48 13.91 -26.41
C GLU B 248 -8.77 13.24 -25.90
N ILE B 249 -9.94 13.79 -26.19
CA ILE B 249 -11.23 13.15 -25.82
C ILE B 249 -11.17 11.68 -26.27
N GLY B 250 -11.46 10.75 -25.36
CA GLY B 250 -11.43 9.30 -25.59
C GLY B 250 -10.14 8.63 -25.16
N GLN B 251 -9.10 9.38 -24.78
CA GLN B 251 -7.80 8.78 -24.34
C GLN B 251 -8.08 7.84 -23.16
N GLU B 252 -7.33 6.74 -23.06
CA GLU B 252 -7.52 5.69 -22.03
C GLU B 252 -6.98 6.19 -20.68
N GLU B 253 -5.75 6.69 -20.66
CA GLU B 253 -5.05 7.15 -19.43
C GLU B 253 -5.69 8.45 -18.93
N GLY B 254 -5.49 8.79 -17.66
CA GLY B 254 -6.07 10.00 -17.03
C GLY B 254 -5.43 11.26 -17.60
N PRO B 255 -6.02 12.45 -17.33
CA PRO B 255 -5.44 13.72 -17.76
C PRO B 255 -4.05 13.90 -17.16
N GLU B 256 -3.04 14.13 -17.99
CA GLU B 256 -1.67 14.44 -17.50
C GLU B 256 -1.68 15.84 -16.86
N LEU B 257 -1.07 15.96 -15.68
CA LEU B 257 -0.88 17.26 -14.98
C LEU B 257 0.55 17.74 -15.17
N GLN B 258 0.81 19.01 -14.86
CA GLN B 258 2.18 19.58 -14.82
C GLN B 258 3.10 18.63 -14.05
N GLY B 259 4.33 18.44 -14.53
CA GLY B 259 5.42 17.78 -13.80
C GLY B 259 5.23 16.27 -13.69
N SER B 260 4.66 15.64 -14.71
CA SER B 260 4.38 14.18 -14.76
C SER B 260 3.51 13.75 -13.57
N ASN B 261 2.67 14.65 -13.04
CA ASN B 261 1.73 14.32 -11.94
C ASN B 261 0.44 13.76 -12.55
N THR B 262 -0.33 12.99 -11.76
CA THR B 262 -1.69 12.51 -12.11
C THR B 262 -2.61 12.80 -10.92
N VAL B 263 -3.92 12.80 -11.17
CA VAL B 263 -4.95 13.09 -10.13
C VAL B 263 -4.83 12.03 -9.03
N ASP B 264 -4.84 10.74 -9.41
CA ASP B 264 -4.71 9.61 -8.45
C ASP B 264 -3.35 9.70 -7.78
N GLY B 265 -2.30 10.03 -8.54
CA GLY B 265 -0.93 10.14 -8.01
C GLY B 265 -0.85 11.16 -6.89
N ARG B 266 -1.37 12.37 -7.10
CA ARG B 266 -1.31 13.46 -6.11
C ARG B 266 -2.08 13.02 -4.86
N TRP B 267 -3.25 12.39 -5.04
CA TRP B 267 -4.09 11.99 -3.90
C TRP B 267 -3.35 10.95 -3.05
N ASN B 268 -2.69 9.99 -3.69
CA ASN B 268 -2.07 8.84 -3.00
C ASN B 268 -0.73 9.24 -2.37
N ALA B 269 -0.21 10.43 -2.65
CA ALA B 269 1.02 10.95 -2.03
C ALA B 269 0.71 11.59 -0.67
N ILE B 270 -0.56 11.92 -0.39
CA ILE B 270 -0.98 12.55 0.89
C ILE B 270 -0.99 11.49 1.98
N PRO B 271 -0.38 11.72 3.17
CA PRO B 271 -0.48 10.78 4.28
C PRO B 271 -1.95 10.51 4.64
N ASP B 272 -2.29 9.27 5.01
CA ASP B 272 -3.70 8.84 5.22
C ASP B 272 -4.36 9.72 6.29
N ASP B 273 -3.62 10.13 7.33
CA ASP B 273 -4.18 10.88 8.49
C ASP B 273 -4.50 12.33 8.10
N LEU B 274 -4.09 12.83 6.92
CA LEU B 274 -4.38 14.21 6.47
C LEU B 274 -5.38 14.25 5.31
N LYS B 275 -5.84 13.08 4.83
CA LYS B 275 -6.70 12.98 3.62
C LYS B 275 -8.05 13.67 3.88
N GLU B 276 -8.55 13.67 5.11
CA GLU B 276 -9.84 14.31 5.48
C GLU B 276 -9.71 15.83 5.48
N ASN B 277 -8.50 16.38 5.35
CA ASN B 277 -8.30 17.85 5.40
C ASN B 277 -7.68 18.37 4.10
N ASN B 278 -7.74 17.58 3.02
CA ASN B 278 -7.13 17.92 1.72
C ASN B 278 -8.20 17.85 0.62
N VAL B 279 -8.12 18.74 -0.36
CA VAL B 279 -8.88 18.67 -1.64
C VAL B 279 -7.90 18.92 -2.80
N LEU B 280 -8.21 18.39 -3.98
CA LEU B 280 -7.50 18.69 -5.24
C LEU B 280 -8.35 19.66 -6.06
N LEU B 281 -7.72 20.70 -6.59
CA LEU B 281 -8.37 21.70 -7.48
C LEU B 281 -7.99 21.36 -8.92
N LEU B 282 -8.94 20.86 -9.70
CA LEU B 282 -8.77 20.61 -11.16
C LEU B 282 -8.76 21.97 -11.88
N HIS B 283 -7.69 22.27 -12.60
CA HIS B 283 -7.48 23.55 -13.30
C HIS B 283 -7.13 23.29 -14.76
N THR B 284 -7.91 23.85 -15.69
CA THR B 284 -7.79 23.60 -17.15
C THR B 284 -6.51 24.24 -17.72
N ASN B 285 -5.93 25.20 -17.01
CA ASN B 285 -4.63 25.83 -17.39
C ASN B 285 -4.82 26.46 -18.78
N ASN B 286 -3.98 26.13 -19.77
CA ASN B 286 -4.09 26.65 -21.16
C ASN B 286 -4.58 25.56 -22.11
N LEU B 287 -5.32 24.56 -21.61
CA LEU B 287 -5.88 23.48 -22.46
C LEU B 287 -6.81 24.11 -23.49
N ARG B 288 -6.52 23.93 -24.78
CA ARG B 288 -7.37 24.40 -25.91
C ARG B 288 -7.63 25.90 -25.75
N GLN B 289 -6.64 26.66 -25.26
CA GLN B 289 -6.81 28.11 -24.98
C GLN B 289 -7.24 28.84 -26.26
N PHE B 290 -8.30 29.65 -26.15
CA PHE B 290 -8.85 30.58 -27.19
C PHE B 290 -9.76 29.82 -28.17
N ALA B 291 -9.98 28.52 -28.00
CA ALA B 291 -10.79 27.68 -28.90
C ALA B 291 -12.22 28.21 -29.00
N PRO B 292 -12.88 28.05 -30.16
CA PRO B 292 -14.29 28.41 -30.29
C PRO B 292 -15.20 27.47 -29.49
N ASP B 293 -16.50 27.80 -29.46
CA ASP B 293 -17.50 27.33 -28.46
C ASP B 293 -17.51 25.79 -28.37
N HIS B 294 -17.56 25.09 -29.49
CA HIS B 294 -17.73 23.60 -29.53
C HIS B 294 -16.50 22.89 -28.94
N ILE B 295 -15.30 23.32 -29.31
CA ILE B 295 -14.04 22.70 -28.80
C ILE B 295 -13.86 23.05 -27.32
N GLY B 296 -14.08 24.31 -26.97
CA GLY B 296 -13.91 24.79 -25.59
C GLY B 296 -14.81 24.07 -24.61
N GLN B 297 -16.12 24.01 -24.91
CA GLN B 297 -17.09 23.33 -24.03
C GLN B 297 -16.76 21.84 -23.96
N ALA B 298 -16.48 21.18 -25.09
CA ALA B 298 -16.19 19.73 -25.13
C ALA B 298 -15.01 19.41 -24.20
N TYR B 299 -13.96 20.22 -24.24
CA TYR B 299 -12.68 19.98 -23.54
C TYR B 299 -12.80 20.41 -22.08
N LEU B 300 -13.52 21.49 -21.78
CA LEU B 300 -13.79 21.90 -20.37
C LEU B 300 -14.45 20.71 -19.67
N GLN B 301 -15.48 20.13 -20.31
CA GLN B 301 -16.34 19.08 -19.70
C GLN B 301 -15.55 17.76 -19.61
N ALA B 302 -14.86 17.36 -20.68
CA ALA B 302 -14.13 16.07 -20.73
C ALA B 302 -13.00 16.09 -19.68
N PHE B 303 -12.22 17.16 -19.61
CA PHE B 303 -11.06 17.26 -18.68
C PHE B 303 -11.58 17.06 -17.24
N HIS B 304 -12.61 17.82 -16.86
CA HIS B 304 -13.18 17.79 -15.49
C HIS B 304 -13.91 16.48 -15.21
N GLU B 305 -14.65 15.94 -16.18
CA GLU B 305 -15.37 14.65 -16.00
C GLU B 305 -14.33 13.55 -15.71
N HIS B 306 -13.23 13.55 -16.46
CA HIS B 306 -12.20 12.50 -16.37
C HIS B 306 -11.51 12.63 -15.01
N GLY B 307 -11.11 13.85 -14.64
CA GLY B 307 -10.53 14.13 -13.32
C GLY B 307 -11.45 13.71 -12.19
N LEU B 308 -12.74 14.09 -12.26
CA LEU B 308 -13.74 13.79 -11.21
C LEU B 308 -13.87 12.27 -11.05
N GLN B 309 -13.85 11.53 -12.15
CA GLN B 309 -14.08 10.06 -12.19
C GLN B 309 -12.89 9.36 -11.52
N ILE B 310 -11.65 9.77 -11.85
CA ILE B 310 -10.43 9.19 -11.22
C ILE B 310 -10.48 9.49 -9.71
N ALA B 311 -10.79 10.73 -9.36
CA ALA B 311 -10.89 11.18 -7.95
C ALA B 311 -11.95 10.35 -7.23
N TYR B 312 -13.09 10.11 -7.89
CA TYR B 312 -14.23 9.33 -7.32
C TYR B 312 -13.74 7.91 -6.96
N GLU B 313 -12.99 7.28 -7.85
CA GLU B 313 -12.46 5.90 -7.67
C GLU B 313 -11.44 5.86 -6.53
N GLN B 314 -10.77 6.99 -6.23
CA GLN B 314 -9.71 7.07 -5.20
C GLN B 314 -10.25 7.64 -3.89
N GLY B 315 -11.45 8.20 -3.89
CA GLY B 315 -12.04 8.85 -2.71
C GLY B 315 -11.50 10.25 -2.48
N ALA B 316 -11.04 10.95 -3.53
CA ALA B 316 -10.46 12.30 -3.42
C ALA B 316 -11.56 13.33 -3.62
N PRO B 317 -11.81 14.24 -2.63
CA PRO B 317 -12.68 15.39 -2.85
C PRO B 317 -12.04 16.40 -3.82
N ILE B 318 -12.89 17.05 -4.60
CA ILE B 318 -12.47 17.86 -5.78
C ILE B 318 -13.05 19.27 -5.69
N MET B 319 -12.24 20.25 -6.11
CA MET B 319 -12.72 21.59 -6.55
C MET B 319 -12.49 21.70 -8.06
N LEU B 320 -13.32 22.48 -8.74
CA LEU B 320 -13.10 22.88 -10.16
C LEU B 320 -12.78 24.36 -10.21
N LEU B 321 -11.83 24.76 -11.05
CA LEU B 321 -11.68 26.19 -11.42
C LEU B 321 -12.93 26.62 -12.20
N GLY B 322 -13.72 27.53 -11.62
CA GLY B 322 -14.95 28.05 -12.23
C GLY B 322 -14.63 29.12 -13.24
N LEU B 323 -13.64 29.96 -12.97
CA LEU B 323 -13.28 31.11 -13.83
C LEU B 323 -12.01 31.82 -13.36
N THR B 324 -11.16 32.14 -14.33
CA THR B 324 -10.02 33.08 -14.21
C THR B 324 -10.01 33.95 -15.47
N ALA B 325 -9.32 35.10 -15.41
CA ALA B 325 -9.08 36.01 -16.55
C ALA B 325 -10.41 36.44 -17.18
N ALA B 326 -11.47 36.52 -16.37
CA ALA B 326 -12.84 36.90 -16.77
C ALA B 326 -13.33 35.99 -17.92
N ALA B 327 -12.82 34.76 -17.99
CA ALA B 327 -13.25 33.74 -19.00
C ALA B 327 -14.51 33.04 -18.49
N THR B 328 -15.66 33.60 -18.82
CA THR B 328 -17.01 33.21 -18.34
C THR B 328 -18.00 33.33 -19.48
N PRO B 329 -19.05 32.48 -19.53
CA PRO B 329 -20.10 32.60 -20.55
C PRO B 329 -20.94 33.88 -20.43
N GLU B 330 -20.78 34.62 -19.34
CA GLU B 330 -21.49 35.91 -19.10
C GLU B 330 -21.06 36.98 -20.11
N ASN B 331 -21.96 37.94 -20.36
CA ASN B 331 -21.76 39.10 -21.27
C ASN B 331 -20.49 39.87 -20.88
N GLY B 332 -19.60 40.07 -21.85
CA GLY B 332 -18.32 40.78 -21.69
C GLY B 332 -17.19 39.83 -21.35
N GLY B 333 -17.47 38.53 -21.22
CA GLY B 333 -16.47 37.50 -20.89
C GLY B 333 -15.38 37.39 -21.94
N THR B 334 -14.21 36.90 -21.53
CA THR B 334 -13.06 36.64 -22.43
C THR B 334 -13.03 35.15 -22.78
N GLN B 335 -12.13 34.77 -23.69
CA GLN B 335 -11.79 33.34 -23.94
C GLN B 335 -10.33 33.09 -23.57
N TYR B 336 -9.83 33.71 -22.49
CA TYR B 336 -8.46 33.47 -21.97
C TYR B 336 -8.33 32.03 -21.45
N ASN B 337 -9.46 31.37 -21.12
CA ASN B 337 -9.52 29.99 -20.58
C ASN B 337 -10.83 29.36 -21.03
N ILE B 338 -10.87 28.04 -21.18
CA ILE B 338 -12.08 27.31 -21.68
C ILE B 338 -13.22 27.34 -20.65
N THR B 339 -12.98 27.90 -19.44
CA THR B 339 -14.07 28.27 -18.48
C THR B 339 -15.06 29.23 -19.15
N ALA B 340 -14.66 29.93 -20.21
CA ALA B 340 -15.55 30.77 -21.07
C ALA B 340 -16.77 29.95 -21.54
N ASP B 341 -16.64 28.63 -21.68
CA ASP B 341 -17.67 27.76 -22.30
C ASP B 341 -18.42 26.95 -21.24
N MET B 342 -18.30 27.34 -19.96
CA MET B 342 -19.03 26.72 -18.83
C MET B 342 -20.53 26.69 -19.15
N ASP B 343 -21.16 25.56 -18.87
CA ASP B 343 -22.64 25.38 -18.89
C ASP B 343 -23.06 25.17 -17.44
N TYR B 344 -23.91 26.05 -16.90
CA TYR B 344 -24.34 25.95 -15.47
C TYR B 344 -25.14 24.65 -15.25
N GLY B 345 -25.80 24.14 -16.29
CA GLY B 345 -26.51 22.85 -16.23
C GLY B 345 -25.56 21.68 -16.04
N TRP B 346 -24.44 21.70 -16.74
CA TRP B 346 -23.34 20.71 -16.59
C TRP B 346 -22.71 20.79 -15.18
N LEU B 347 -22.47 21.98 -14.66
CA LEU B 347 -21.87 22.18 -13.30
C LEU B 347 -22.80 21.58 -12.25
N ASP B 348 -24.09 21.90 -12.33
CA ASP B 348 -25.14 21.25 -11.52
C ASP B 348 -25.02 19.73 -11.68
N LEU B 349 -24.97 19.22 -12.90
CA LEU B 349 -24.89 17.75 -13.12
C LEU B 349 -23.68 17.17 -12.40
N MET B 350 -22.53 17.84 -12.38
CA MET B 350 -21.28 17.25 -11.81
C MET B 350 -21.45 17.08 -10.29
N TYR B 351 -22.16 18.01 -9.64
CA TYR B 351 -22.53 17.89 -8.21
C TYR B 351 -23.46 16.69 -8.00
N ARG B 352 -24.47 16.52 -8.86
CA ARG B 352 -25.40 15.37 -8.76
C ARG B 352 -24.66 14.06 -9.01
N MET B 353 -23.77 14.02 -10.00
CA MET B 353 -23.14 12.76 -10.45
C MET B 353 -22.02 12.36 -9.48
N TYR B 354 -21.23 13.30 -8.99
CA TYR B 354 -19.97 13.01 -8.27
C TYR B 354 -20.11 13.47 -6.81
N PRO B 355 -20.37 12.55 -5.86
CA PRO B 355 -20.46 12.90 -4.44
C PRO B 355 -19.19 13.58 -3.90
N ASN B 356 -18.05 13.32 -4.56
CA ASN B 356 -16.72 13.89 -4.22
C ASN B 356 -16.55 15.30 -4.80
N MET B 357 -17.41 15.73 -5.73
CA MET B 357 -17.43 17.14 -6.21
C MET B 357 -17.88 18.03 -5.04
N GLN B 358 -17.07 18.99 -4.63
CA GLN B 358 -17.36 19.83 -3.43
C GLN B 358 -17.32 21.33 -3.77
N GLY B 359 -16.28 21.81 -4.46
CA GLY B 359 -15.96 23.25 -4.47
C GLY B 359 -15.81 23.85 -5.86
N VAL B 360 -15.94 25.17 -5.92
CA VAL B 360 -15.65 26.01 -7.12
C VAL B 360 -14.66 27.10 -6.70
N PHE B 361 -13.63 27.33 -7.53
CA PHE B 361 -12.51 28.26 -7.27
C PHE B 361 -12.53 29.39 -8.29
N ASN B 362 -12.32 30.63 -7.82
CA ASN B 362 -12.21 31.87 -8.61
C ASN B 362 -10.89 32.54 -8.24
N THR B 363 -10.09 32.93 -9.23
CA THR B 363 -8.89 33.78 -8.99
C THR B 363 -8.56 34.60 -10.24
N GLU B 364 -8.03 35.81 -10.03
CA GLU B 364 -7.32 36.62 -11.07
C GLU B 364 -8.27 36.91 -12.24
N ASN B 365 -9.42 37.51 -11.97
CA ASN B 365 -10.43 37.87 -12.99
C ASN B 365 -10.38 39.37 -13.29
N PHE B 366 -10.20 40.21 -12.26
CA PHE B 366 -10.48 41.67 -12.34
C PHE B 366 -9.49 42.38 -13.29
N TRP B 367 -8.30 41.83 -13.52
CA TRP B 367 -7.38 42.40 -14.53
C TRP B 367 -8.03 42.43 -15.93
N ALA B 368 -8.97 41.53 -16.24
CA ALA B 368 -9.55 41.34 -17.59
C ALA B 368 -11.01 41.81 -17.66
N GLY B 369 -11.67 42.01 -16.52
CA GLY B 369 -13.05 42.51 -16.46
C GLY B 369 -13.59 42.43 -15.05
N ILE B 370 -14.59 43.26 -14.73
CA ILE B 370 -15.21 43.35 -13.38
C ILE B 370 -16.54 42.58 -13.38
N HIS B 371 -17.53 43.04 -14.13
CA HIS B 371 -18.95 42.59 -14.01
C HIS B 371 -19.11 41.13 -14.46
N PRO B 372 -18.50 40.71 -15.60
CA PRO B 372 -18.67 39.33 -16.07
C PRO B 372 -18.33 38.30 -14.99
N PRO B 373 -17.13 38.34 -14.35
CA PRO B 373 -16.79 37.33 -13.34
C PRO B 373 -17.69 37.42 -12.09
N CYS B 374 -18.19 38.60 -11.74
CA CYS B 374 -19.12 38.80 -10.62
C CYS B 374 -20.44 38.07 -10.93
N GLU B 375 -20.93 38.21 -12.17
CA GLU B 375 -22.18 37.54 -12.62
C GLU B 375 -21.99 36.02 -12.60
N GLY B 376 -20.86 35.53 -13.12
CA GLY B 376 -20.56 34.08 -13.15
C GLY B 376 -20.42 33.51 -11.75
N SER B 377 -19.72 34.22 -10.87
CA SER B 377 -19.45 33.79 -9.48
C SER B 377 -20.77 33.69 -8.71
N ALA B 378 -21.68 34.64 -8.93
CA ALA B 378 -23.00 34.73 -8.25
C ALA B 378 -23.77 33.43 -8.51
N LYS B 379 -23.81 32.98 -9.76
CA LYS B 379 -24.52 31.75 -10.16
C LYS B 379 -23.82 30.53 -9.60
N MET B 380 -22.50 30.47 -9.68
CA MET B 380 -21.72 29.28 -9.26
C MET B 380 -21.72 29.17 -7.72
N LEU B 381 -21.83 30.28 -7.00
CA LEU B 381 -21.98 30.24 -5.52
C LEU B 381 -23.34 29.61 -5.20
N GLU B 382 -24.37 30.01 -5.93
CA GLU B 382 -25.75 29.50 -5.74
C GLU B 382 -25.77 27.99 -6.00
N ILE B 383 -25.10 27.54 -7.06
CA ILE B 383 -25.06 26.09 -7.42
C ILE B 383 -24.31 25.33 -6.32
N ALA B 384 -23.15 25.83 -5.88
CA ALA B 384 -22.35 25.17 -4.83
C ALA B 384 -23.21 24.96 -3.58
N ASP B 385 -23.90 26.00 -3.13
CA ASP B 385 -24.66 25.98 -1.86
C ASP B 385 -25.90 25.08 -2.01
N ARG B 386 -26.49 24.96 -3.21
CA ARG B 386 -27.63 24.03 -3.48
C ARG B 386 -27.24 22.62 -3.03
N PHE B 387 -25.97 22.24 -3.20
CA PHE B 387 -25.48 20.86 -3.01
C PHE B 387 -24.58 20.77 -1.77
N GLY B 388 -24.70 21.75 -0.86
CA GLY B 388 -23.89 21.82 0.37
C GLY B 388 -22.40 21.89 0.06
N GLY B 389 -22.03 22.49 -1.07
CA GLY B 389 -20.62 22.69 -1.45
C GLY B 389 -20.11 24.04 -0.97
N PHE B 390 -19.00 24.51 -1.52
CA PHE B 390 -18.41 25.81 -1.13
C PHE B 390 -17.76 26.46 -2.34
N PHE B 391 -17.45 27.75 -2.18
CA PHE B 391 -16.87 28.63 -3.22
C PHE B 391 -15.68 29.36 -2.59
N VAL B 392 -14.51 29.31 -3.24
CA VAL B 392 -13.29 30.02 -2.76
C VAL B 392 -12.92 31.09 -3.78
N TRP B 393 -12.82 32.34 -3.32
CA TRP B 393 -12.30 33.48 -4.11
C TRP B 393 -10.91 33.84 -3.56
N SER B 394 -9.87 33.68 -4.37
CA SER B 394 -8.47 34.05 -4.05
C SER B 394 -8.07 35.28 -4.84
N ASP B 395 -7.63 36.34 -4.16
CA ASP B 395 -7.12 37.59 -4.78
C ASP B 395 -6.42 38.42 -3.71
N GLN B 396 -5.51 39.29 -4.14
CA GLN B 396 -4.94 40.40 -3.34
C GLN B 396 -5.89 41.60 -3.49
N ASP B 397 -6.08 42.38 -2.44
CA ASP B 397 -6.95 43.59 -2.47
C ASP B 397 -6.10 44.85 -2.37
N HIS B 398 -5.98 45.58 -3.48
CA HIS B 398 -5.28 46.88 -3.60
C HIS B 398 -6.13 48.00 -2.97
N GLY B 399 -7.43 47.74 -2.77
CA GLY B 399 -8.37 48.71 -2.19
C GLY B 399 -9.76 48.67 -2.81
N SER B 400 -9.96 47.93 -3.91
CA SER B 400 -11.26 47.92 -4.66
C SER B 400 -11.77 46.49 -4.93
N THR B 401 -11.04 45.43 -4.55
CA THR B 401 -11.43 44.03 -4.90
C THR B 401 -12.75 43.65 -4.23
N VAL B 402 -12.84 43.71 -2.89
CA VAL B 402 -14.11 43.38 -2.16
C VAL B 402 -15.17 44.42 -2.55
N THR B 403 -14.79 45.69 -2.67
CA THR B 403 -15.70 46.76 -3.15
C THR B 403 -16.39 46.31 -4.45
N ASN B 404 -15.60 45.84 -5.42
CA ASN B 404 -16.09 45.42 -6.76
C ASN B 404 -16.99 44.20 -6.59
N ILE B 405 -16.57 43.20 -5.80
CA ILE B 405 -17.36 41.97 -5.55
C ILE B 405 -18.78 42.36 -5.06
N VAL B 406 -18.88 43.22 -4.04
CA VAL B 406 -20.16 43.46 -3.31
C VAL B 406 -20.98 44.53 -4.03
N SER B 407 -20.37 45.28 -4.95
CA SER B 407 -21.07 46.31 -5.74
C SER B 407 -21.98 45.66 -6.77
N ASN B 408 -21.65 44.44 -7.23
CA ASN B 408 -22.46 43.69 -8.22
C ASN B 408 -23.75 43.24 -7.53
N ALA B 409 -24.90 43.73 -8.03
CA ALA B 409 -26.23 43.48 -7.43
C ALA B 409 -26.44 41.97 -7.26
N ASN B 410 -26.14 41.17 -8.28
CA ASN B 410 -26.38 39.71 -8.28
C ASN B 410 -25.41 39.03 -7.30
N MET B 411 -24.13 39.40 -7.29
CA MET B 411 -23.14 38.81 -6.35
C MET B 411 -23.51 39.18 -4.90
N LYS B 412 -23.90 40.44 -4.66
CA LYS B 412 -24.35 40.93 -3.32
C LYS B 412 -25.50 40.05 -2.81
N LYS B 413 -26.52 39.86 -3.64
CA LYS B 413 -27.73 39.04 -3.33
C LYS B 413 -27.29 37.60 -3.05
N ALA B 414 -26.40 37.04 -3.88
CA ALA B 414 -25.91 35.66 -3.75
C ALA B 414 -25.17 35.53 -2.41
N LEU B 415 -24.41 36.54 -2.01
CA LEU B 415 -23.64 36.53 -0.73
C LEU B 415 -24.59 36.66 0.46
N GLU B 416 -25.65 37.47 0.36
CA GLU B 416 -26.72 37.59 1.39
C GLU B 416 -27.35 36.20 1.64
N LYS B 417 -27.56 35.38 0.61
CA LYS B 417 -28.30 34.11 0.75
C LYS B 417 -27.34 32.95 0.97
N HIS B 418 -26.09 33.02 0.49
CA HIS B 418 -25.18 31.85 0.43
C HIS B 418 -23.80 32.16 1.01
N GLY B 419 -23.66 33.27 1.74
CA GLY B 419 -22.38 33.80 2.24
C GLY B 419 -21.61 32.82 3.10
N ASP B 420 -22.33 31.93 3.80
CA ASP B 420 -21.71 30.94 4.72
C ASP B 420 -20.89 29.92 3.92
N ALA B 421 -21.15 29.76 2.61
CA ALA B 421 -20.47 28.78 1.73
C ALA B 421 -19.31 29.45 0.97
N PHE B 422 -19.06 30.73 1.25
CA PHE B 422 -18.13 31.61 0.48
C PHE B 422 -16.91 31.94 1.36
N TYR B 423 -15.71 31.74 0.81
CA TYR B 423 -14.42 31.90 1.51
C TYR B 423 -13.49 32.80 0.68
N LEU B 424 -12.85 33.77 1.35
CA LEU B 424 -11.86 34.69 0.74
C LEU B 424 -10.47 34.31 1.24
N ILE B 425 -9.54 34.00 0.34
CA ILE B 425 -8.13 33.74 0.70
C ILE B 425 -7.24 34.73 -0.06
N TYR B 426 -6.15 35.17 0.56
CA TYR B 426 -5.22 36.15 -0.03
C TYR B 426 -4.46 35.50 -1.18
N LYS B 427 -3.64 36.28 -1.87
CA LYS B 427 -2.79 35.81 -2.98
C LYS B 427 -1.65 36.80 -3.19
N ASN B 428 -0.43 36.44 -2.80
CA ASN B 428 0.69 37.40 -2.66
C ASN B 428 1.58 37.34 -3.90
N THR B 429 1.04 36.90 -5.03
CA THR B 429 1.76 36.84 -6.34
C THR B 429 2.46 38.18 -6.61
N SER B 430 1.74 39.30 -6.43
CA SER B 430 2.25 40.68 -6.63
C SER B 430 2.83 41.21 -5.32
N SER B 431 3.90 40.57 -4.84
CA SER B 431 4.55 40.81 -3.52
C SER B 431 5.15 42.23 -3.48
N ASN B 432 5.43 42.79 -4.66
CA ASN B 432 6.01 44.15 -4.85
C ASN B 432 4.98 45.23 -4.47
N GLN B 433 3.69 44.90 -4.43
CA GLN B 433 2.62 45.79 -3.92
C GLN B 433 2.38 45.46 -2.45
N PRO B 434 2.60 46.42 -1.52
CA PRO B 434 2.52 46.14 -0.09
C PRO B 434 1.07 46.00 0.43
N ASP B 435 0.29 45.12 -0.20
CA ASP B 435 -1.16 44.94 0.04
C ASP B 435 -1.43 43.61 0.77
N ASP B 436 -0.37 42.90 1.18
CA ASP B 436 -0.49 41.58 1.86
C ASP B 436 -1.29 41.75 3.16
N LEU B 437 -0.87 42.66 4.05
CA LEU B 437 -1.47 42.74 5.39
C LEU B 437 -2.90 43.28 5.30
N LYS B 438 -3.17 44.30 4.47
CA LYS B 438 -4.54 44.87 4.35
C LYS B 438 -5.49 43.80 3.80
N THR B 439 -5.02 42.93 2.90
CA THR B 439 -5.83 41.84 2.30
C THR B 439 -6.27 40.89 3.42
N SER B 440 -5.33 40.40 4.21
CA SER B 440 -5.63 39.53 5.37
C SER B 440 -6.63 40.22 6.29
N SER B 441 -6.44 41.51 6.62
CA SER B 441 -7.37 42.29 7.49
C SER B 441 -8.78 42.28 6.87
N PHE B 442 -8.90 42.63 5.58
CA PHE B 442 -10.20 42.67 4.85
C PHE B 442 -10.89 41.29 4.94
N PHE B 443 -10.13 40.21 4.76
CA PHE B 443 -10.71 38.85 4.62
C PHE B 443 -11.09 38.35 6.02
N GLN B 444 -10.23 38.55 7.03
CA GLN B 444 -10.59 38.18 8.41
C GLN B 444 -11.83 38.99 8.81
N GLY B 445 -11.85 40.28 8.49
CA GLY B 445 -12.93 41.22 8.88
C GLY B 445 -14.27 40.81 8.28
N SER B 446 -14.27 40.41 7.02
CA SER B 446 -15.48 39.94 6.29
C SER B 446 -16.09 38.76 7.04
N TRP B 447 -15.25 37.81 7.45
CA TRP B 447 -15.63 36.59 8.21
C TRP B 447 -16.12 36.97 9.62
N LEU B 448 -15.35 37.78 10.33
CA LEU B 448 -15.64 38.16 11.75
C LEU B 448 -17.04 38.80 11.86
N ALA B 449 -17.41 39.70 10.95
CA ALA B 449 -18.73 40.37 10.92
C ALA B 449 -19.82 39.38 10.47
N GLY B 450 -19.47 38.30 9.78
CA GLY B 450 -20.41 37.23 9.41
C GLY B 450 -20.95 37.35 8.00
N TYR B 451 -20.22 38.02 7.11
CA TYR B 451 -20.54 38.15 5.66
C TYR B 451 -20.06 36.89 4.92
N THR B 452 -19.02 36.20 5.43
CA THR B 452 -18.39 35.03 4.77
C THR B 452 -18.23 33.90 5.78
N GLY B 453 -17.91 32.70 5.28
CA GLY B 453 -17.76 31.47 6.07
C GLY B 453 -16.37 31.34 6.67
N GLY B 454 -15.40 32.11 6.16
CA GLY B 454 -14.00 31.97 6.59
C GLY B 454 -13.03 32.74 5.70
N TRP B 455 -11.76 32.68 6.08
CA TRP B 455 -10.64 33.28 5.30
C TRP B 455 -9.45 32.33 5.34
N GLY B 456 -8.45 32.60 4.53
CA GLY B 456 -7.26 31.76 4.43
C GLY B 456 -6.23 32.35 3.50
N MET B 457 -5.33 31.51 3.02
CA MET B 457 -4.07 31.94 2.35
C MET B 457 -3.90 31.15 1.06
N LEU B 458 -3.43 31.85 0.03
CA LEU B 458 -2.64 31.29 -1.08
C LEU B 458 -1.29 31.99 -1.06
N SER B 459 -0.23 31.28 -0.65
CA SER B 459 1.16 31.78 -0.75
C SER B 459 1.71 31.29 -2.09
N ASP B 460 2.31 32.20 -2.85
CA ASP B 460 2.78 31.95 -4.23
C ASP B 460 4.28 32.22 -4.24
N THR B 461 5.11 31.28 -4.71
CA THR B 461 6.58 31.49 -4.83
C THR B 461 6.86 32.50 -5.97
N TRP B 462 5.87 32.89 -6.78
CA TRP B 462 6.04 34.05 -7.70
C TRP B 462 6.38 35.32 -6.91
N ALA B 463 5.95 35.39 -5.64
CA ALA B 463 6.25 36.49 -4.71
C ALA B 463 7.77 36.74 -4.67
N TRP B 464 8.55 35.66 -4.71
CA TRP B 464 10.03 35.73 -4.65
C TRP B 464 10.54 36.42 -5.92
N ASP B 465 10.01 36.02 -7.08
CA ASP B 465 10.38 36.54 -8.42
C ASP B 465 10.34 38.08 -8.45
N LYS B 466 9.36 38.70 -7.80
CA LYS B 466 9.15 40.17 -7.82
C LYS B 466 10.26 40.93 -7.07
N GLN B 467 11.06 40.27 -6.22
CA GLN B 467 11.96 41.00 -5.28
C GLN B 467 13.39 40.42 -5.22
N PHE B 468 13.52 39.09 -5.26
CA PHE B 468 14.75 38.38 -4.79
C PHE B 468 15.18 37.32 -5.81
N SER B 469 16.41 36.82 -5.66
CA SER B 469 16.94 35.68 -6.48
C SER B 469 17.72 34.73 -5.57
N LYS B 470 19.05 34.72 -5.66
CA LYS B 470 19.94 34.03 -4.70
C LYS B 470 19.60 34.50 -3.29
N LEU B 471 19.92 33.67 -2.29
CA LEU B 471 19.74 33.99 -0.85
C LEU B 471 20.43 35.31 -0.52
N TRP B 472 19.68 36.25 0.06
CA TRP B 472 20.10 37.61 0.53
C TRP B 472 20.20 38.60 -0.63
N GLN B 473 19.91 38.19 -1.88
CA GLN B 473 20.14 39.04 -3.08
C GLN B 473 18.81 39.50 -3.67
N GLY B 474 18.86 40.64 -4.38
CA GLY B 474 17.74 41.18 -5.17
C GLY B 474 17.54 40.39 -6.45
N ALA B 475 16.57 40.79 -7.27
CA ALA B 475 16.03 40.02 -8.40
C ALA B 475 17.10 39.82 -9.48
N GLY B 476 17.96 40.82 -9.72
CA GLY B 476 18.95 40.83 -10.81
C GLY B 476 18.29 40.63 -12.16
N SER B 477 18.96 39.93 -13.09
CA SER B 477 18.52 39.75 -14.50
C SER B 477 18.36 38.26 -14.83
N TYR B 478 18.12 37.42 -13.82
CA TYR B 478 17.79 35.98 -13.99
C TYR B 478 16.43 35.86 -14.70
N ASN B 479 16.18 34.70 -15.32
CA ASN B 479 14.86 34.33 -15.89
C ASN B 479 13.87 34.17 -14.74
N ASN B 480 12.61 34.55 -14.94
CA ASN B 480 11.60 34.56 -13.85
C ASN B 480 11.35 33.12 -13.37
N TRP B 481 11.52 32.10 -14.23
CA TRP B 481 11.36 30.66 -13.85
C TRP B 481 12.47 30.21 -12.89
N GLN B 482 13.63 30.86 -12.92
CA GLN B 482 14.69 30.64 -11.90
C GLN B 482 14.23 31.19 -10.55
N ARG B 483 13.77 32.44 -10.51
CA ARG B 483 13.45 33.15 -9.23
C ARG B 483 12.24 32.48 -8.56
N LEU B 484 11.36 31.86 -9.35
CA LEU B 484 10.19 31.08 -8.86
C LEU B 484 10.65 29.95 -7.91
N CYS B 485 11.88 29.46 -8.07
CA CYS B 485 12.44 28.32 -7.29
C CYS B 485 13.17 28.80 -6.03
N GLY B 486 13.26 30.10 -5.77
CA GLY B 486 14.22 30.69 -4.82
C GLY B 486 13.70 30.84 -3.39
N GLU B 487 12.41 30.67 -3.15
CA GLU B 487 11.77 31.01 -1.84
C GLU B 487 12.21 29.99 -0.79
N PRO B 488 12.59 30.45 0.43
CA PRO B 488 12.87 29.53 1.54
C PRO B 488 11.64 28.73 1.98
N GLU B 489 11.84 27.42 2.19
CA GLU B 489 10.75 26.47 2.54
C GLU B 489 10.16 26.88 3.90
N ALA B 490 10.98 27.21 4.91
CA ALA B 490 10.50 27.53 6.28
C ALA B 490 9.60 28.78 6.22
N LEU B 491 9.82 29.66 5.25
CA LEU B 491 9.02 30.91 5.10
C LEU B 491 7.55 30.55 4.82
N LEU B 492 7.30 29.43 4.13
CA LEU B 492 5.93 28.92 3.85
C LEU B 492 5.28 28.56 5.19
N GLY B 493 6.05 27.95 6.10
CA GLY B 493 5.62 27.60 7.47
C GLY B 493 5.26 28.85 8.28
N MET B 494 6.10 29.88 8.23
CA MET B 494 5.87 31.17 8.91
C MET B 494 4.52 31.76 8.45
N GLN B 495 4.22 31.68 7.16
CA GLN B 495 2.96 32.23 6.57
C GLN B 495 1.78 31.42 7.13
N MET B 496 1.85 30.09 7.06
N MET B 496 1.88 30.09 7.08
CA MET B 496 0.86 29.15 7.64
CA MET B 496 0.89 29.13 7.62
C MET B 496 0.60 29.51 9.10
C MET B 496 0.62 29.46 9.09
N MET B 497 1.68 29.65 9.89
CA MET B 497 1.57 29.98 11.34
C MET B 497 0.76 31.27 11.51
N SER B 498 1.04 32.30 10.71
CA SER B 498 0.40 33.65 10.81
C SER B 498 -1.08 33.56 10.45
N THR B 499 -1.43 32.75 9.45
CA THR B 499 -2.83 32.54 9.01
C THR B 499 -3.59 31.86 10.16
N TYR B 500 -3.00 30.78 10.68
CA TYR B 500 -3.51 29.94 11.79
C TYR B 500 -3.88 30.82 12.99
N LEU B 501 -2.96 31.69 13.41
CA LEU B 501 -3.15 32.50 14.65
C LEU B 501 -4.26 33.53 14.45
N GLY B 502 -4.58 33.87 13.19
CA GLY B 502 -5.68 34.76 12.81
C GLY B 502 -6.99 34.03 12.56
N GLY B 503 -7.06 32.73 12.87
CA GLY B 503 -8.28 31.93 12.70
C GLY B 503 -8.58 31.61 11.24
N GLY B 504 -7.56 31.68 10.38
CA GLY B 504 -7.62 31.14 9.00
C GLY B 504 -7.86 29.64 9.01
N VAL B 505 -8.49 29.13 7.94
CA VAL B 505 -8.96 27.72 7.88
C VAL B 505 -8.71 27.11 6.49
N ILE B 506 -8.18 27.87 5.52
CA ILE B 506 -7.79 27.38 4.17
C ILE B 506 -6.32 27.71 3.92
N TYR B 507 -5.57 26.74 3.42
CA TYR B 507 -4.11 26.81 3.13
C TYR B 507 -3.86 26.29 1.71
N THR B 508 -3.34 27.14 0.81
CA THR B 508 -3.01 26.79 -0.59
C THR B 508 -1.64 27.35 -0.96
N PHE B 509 -0.89 26.62 -1.79
CA PHE B 509 0.49 26.97 -2.19
C PHE B 509 0.66 26.83 -3.71
N GLU B 510 1.42 27.75 -4.31
CA GLU B 510 1.94 27.69 -5.70
C GLU B 510 3.40 28.12 -5.66
N PHE B 511 4.24 27.67 -6.61
CA PHE B 511 3.91 26.84 -7.77
C PHE B 511 3.78 25.38 -7.34
N PRO B 512 2.68 24.68 -7.70
CA PRO B 512 2.40 23.34 -7.17
C PRO B 512 3.54 22.30 -7.31
N GLU B 513 4.24 22.28 -8.44
CA GLU B 513 5.30 21.28 -8.72
C GLU B 513 6.52 21.53 -7.80
N ILE B 514 6.71 22.75 -7.29
CA ILE B 514 7.79 23.04 -6.30
C ILE B 514 7.27 22.75 -4.89
N VAL B 515 6.11 23.30 -4.50
CA VAL B 515 5.66 23.28 -3.08
C VAL B 515 5.06 21.92 -2.71
N TYR B 516 4.38 21.21 -3.64
CA TYR B 516 3.77 19.88 -3.37
C TYR B 516 4.65 18.78 -3.99
N GLY B 517 4.99 18.88 -5.27
CA GLY B 517 6.00 18.00 -5.88
C GLY B 517 5.65 17.58 -7.29
N THR B 518 6.56 16.80 -7.89
CA THR B 518 6.53 16.30 -9.28
C THR B 518 6.51 14.78 -9.27
N SER B 519 6.15 14.18 -10.41
CA SER B 519 6.24 12.72 -10.68
C SER B 519 5.57 11.93 -9.55
N ASN B 520 4.51 12.50 -8.97
CA ASN B 520 3.66 11.88 -7.92
C ASN B 520 4.48 11.60 -6.65
N THR B 521 5.54 12.38 -6.44
CA THR B 521 6.35 12.40 -5.18
C THR B 521 6.04 13.68 -4.40
N ASN B 522 6.51 13.73 -3.16
CA ASN B 522 6.39 14.92 -2.27
C ASN B 522 7.72 15.70 -2.32
N SER B 523 7.63 17.02 -2.44
CA SER B 523 8.78 17.94 -2.52
C SER B 523 9.45 18.06 -1.15
N PRO B 524 10.70 18.56 -1.06
CA PRO B 524 11.29 18.94 0.23
C PRO B 524 10.40 19.88 1.08
N ALA B 525 9.82 20.91 0.45
CA ALA B 525 8.93 21.88 1.12
C ALA B 525 7.73 21.15 1.74
N ASN B 526 7.12 20.25 0.97
CA ASN B 526 5.93 19.47 1.40
C ASN B 526 6.32 18.51 2.53
N THR B 527 7.38 17.73 2.34
CA THR B 527 7.78 16.65 3.26
C THR B 527 8.18 17.23 4.63
N HIS B 528 9.03 18.26 4.65
CA HIS B 528 9.76 18.73 5.86
C HIS B 528 9.13 20.00 6.47
N VAL B 529 8.21 20.69 5.78
CA VAL B 529 7.56 21.92 6.34
C VAL B 529 6.04 21.83 6.28
N LEU B 530 5.43 21.79 5.09
CA LEU B 530 3.96 21.92 4.95
C LEU B 530 3.24 20.78 5.68
N THR B 531 3.67 19.53 5.48
CA THR B 531 2.98 18.32 6.00
C THR B 531 3.03 18.32 7.53
N GLU B 532 4.20 18.58 8.11
CA GLU B 532 4.41 18.58 9.58
C GLU B 532 3.53 19.67 10.23
N LEU B 533 3.60 20.91 9.74
CA LEU B 533 2.88 22.03 10.38
C LEU B 533 1.37 21.89 10.14
N PHE B 534 0.96 21.40 8.98
CA PHE B 534 -0.49 21.22 8.70
C PHE B 534 -1.07 20.14 9.63
N ARG B 535 -0.31 19.06 9.89
CA ARG B 535 -0.71 18.04 10.89
C ARG B 535 -0.91 18.72 12.26
N TYR B 536 0.02 19.58 12.69
CA TYR B 536 -0.13 20.36 13.94
C TYR B 536 -1.47 21.12 13.91
N ILE B 537 -1.78 21.80 12.80
CA ILE B 537 -2.96 22.72 12.67
C ILE B 537 -4.27 21.91 12.71
N VAL B 538 -4.25 20.69 12.18
CA VAL B 538 -5.40 19.75 12.24
C VAL B 538 -5.60 19.29 13.70
N ASN B 539 -4.52 18.98 14.42
CA ASN B 539 -4.59 18.40 15.79
C ASN B 539 -4.72 19.48 16.87
N HIS B 540 -4.47 20.75 16.55
CA HIS B 540 -4.61 21.89 17.50
C HIS B 540 -5.43 23.00 16.85
N PRO B 541 -6.78 22.93 16.94
CA PRO B 541 -7.63 23.87 16.22
C PRO B 541 -7.25 25.35 16.45
N ALA B 542 -7.20 26.13 15.37
CA ALA B 542 -7.02 27.59 15.37
C ALA B 542 -8.05 28.27 16.26
N PRO B 543 -7.84 29.56 16.61
CA PRO B 543 -8.90 30.32 17.29
C PRO B 543 -10.22 30.28 16.49
N SER B 544 -11.34 30.00 17.16
CA SER B 544 -12.71 30.07 16.57
C SER B 544 -13.09 31.54 16.34
N LYS B 545 -14.19 31.78 15.63
CA LYS B 545 -14.75 33.14 15.49
C LYS B 545 -14.98 33.73 16.89
N LYS B 546 -15.55 32.95 17.80
CA LYS B 546 -15.81 33.36 19.20
C LYS B 546 -14.51 33.82 19.85
N GLU B 547 -13.44 33.03 19.69
CA GLU B 547 -12.14 33.31 20.36
C GLU B 547 -11.53 34.59 19.76
N ILE B 548 -11.57 34.77 18.43
CA ILE B 548 -11.09 36.01 17.75
C ILE B 548 -11.91 37.22 18.20
N MET B 549 -13.24 37.10 18.24
CA MET B 549 -14.15 38.21 18.63
C MET B 549 -13.82 38.66 20.06
N GLU B 550 -13.68 37.70 20.98
CA GLU B 550 -13.31 37.91 22.41
C GLU B 550 -12.06 38.78 22.54
N GLU B 551 -11.05 38.51 21.70
CA GLU B 551 -9.67 39.05 21.84
C GLU B 551 -9.51 40.36 21.04
N THR B 552 -10.50 40.69 20.22
CA THR B 552 -10.49 41.89 19.36
C THR B 552 -11.09 43.07 20.13
N LYS B 553 -10.34 44.16 20.27
CA LYS B 553 -10.75 45.36 21.03
C LYS B 553 -11.14 46.49 20.08
N ALA B 554 -10.67 46.47 18.82
CA ALA B 554 -11.03 47.45 17.77
C ALA B 554 -11.18 46.73 16.42
N VAL B 555 -12.25 47.01 15.69
CA VAL B 555 -12.43 46.60 14.26
C VAL B 555 -12.47 47.88 13.42
N LEU B 556 -11.73 47.90 12.32
CA LEU B 556 -11.71 49.06 11.39
C LEU B 556 -12.77 48.87 10.30
N TYR B 557 -13.24 49.97 9.72
CA TYR B 557 -14.21 50.03 8.60
C TYR B 557 -13.65 50.89 7.47
N GLY B 558 -13.59 50.37 6.25
CA GLY B 558 -13.17 51.12 5.04
C GLY B 558 -11.86 50.61 4.47
N ASN B 559 -11.33 51.36 3.50
CA ASN B 559 -10.13 50.98 2.71
C ASN B 559 -8.89 51.44 3.49
N VAL B 560 -8.36 50.56 4.34
CA VAL B 560 -7.18 50.86 5.20
C VAL B 560 -5.97 51.08 4.30
N SER B 561 -5.15 52.08 4.63
CA SER B 561 -3.85 52.36 3.96
C SER B 561 -2.92 51.16 4.16
N SER B 562 -2.20 50.79 3.10
CA SER B 562 -1.14 49.76 3.05
C SER B 562 -0.18 49.89 4.23
N ASP B 563 0.23 51.11 4.56
CA ASP B 563 1.34 51.38 5.52
C ASP B 563 0.81 51.56 6.96
N PHE B 564 -0.51 51.41 7.19
CA PHE B 564 -1.13 51.47 8.54
C PHE B 564 -0.35 50.58 9.52
N TYR B 565 0.14 49.42 9.05
CA TYR B 565 0.70 48.32 9.86
C TYR B 565 2.13 48.67 10.35
N SER B 566 2.87 49.53 9.63
CA SER B 566 4.23 49.99 10.05
C SER B 566 4.14 50.72 11.39
N GLY B 567 4.92 50.28 12.38
CA GLY B 567 4.88 50.80 13.77
C GLY B 567 3.81 50.14 14.62
N LEU B 568 2.98 49.26 14.03
CA LEU B 568 2.03 48.41 14.79
C LEU B 568 2.50 46.95 14.67
N SER B 569 1.87 46.17 13.79
CA SER B 569 2.10 44.71 13.64
C SER B 569 3.30 44.43 12.75
N GLY B 570 3.71 45.38 11.90
CA GLY B 570 4.90 45.24 11.04
C GLY B 570 4.75 45.90 9.67
N LYS B 571 5.88 46.20 9.03
CA LYS B 571 5.94 46.80 7.67
C LYS B 571 5.48 45.74 6.67
N PRO B 572 4.52 46.05 5.77
CA PRO B 572 4.12 45.09 4.75
C PRO B 572 5.30 44.72 3.84
N THR B 573 5.63 43.42 3.76
CA THR B 573 6.77 42.87 2.98
C THR B 573 6.27 42.24 1.66
N GLY B 574 4.98 41.94 1.57
CA GLY B 574 4.40 41.16 0.45
C GLY B 574 4.48 39.67 0.71
N PHE B 575 4.93 39.26 1.90
CA PHE B 575 5.15 37.83 2.26
C PHE B 575 4.26 37.42 3.44
N GLN B 576 3.27 38.24 3.80
CA GLN B 576 2.13 37.84 4.69
C GLN B 576 2.68 37.44 6.06
N ILE B 577 3.72 38.14 6.55
CA ILE B 577 4.29 37.91 7.90
C ILE B 577 4.36 39.23 8.67
N TYR B 578 4.54 39.12 9.99
CA TYR B 578 4.37 40.21 10.98
C TYR B 578 5.65 40.35 11.82
N GLU B 579 5.88 41.54 12.36
CA GLU B 579 6.98 41.82 13.31
C GLU B 579 6.54 41.41 14.72
N THR B 580 5.22 41.45 15.02
CA THR B 580 4.69 41.04 16.34
C THR B 580 3.26 40.47 16.22
N GLY B 581 2.89 39.66 17.22
CA GLY B 581 1.55 39.07 17.36
C GLY B 581 0.65 39.91 18.26
N ARG B 582 1.18 40.99 18.81
CA ARG B 582 0.56 41.76 19.93
C ARG B 582 -0.87 42.18 19.59
N TYR B 583 -1.12 42.56 18.33
CA TYR B 583 -2.40 43.18 17.86
C TYR B 583 -3.20 42.23 16.97
N GLY B 584 -2.71 41.01 16.73
CA GLY B 584 -3.29 40.07 15.75
C GLY B 584 -3.26 40.64 14.34
N ILE B 585 -4.17 40.16 13.49
CA ILE B 585 -4.31 40.56 12.05
C ILE B 585 -4.80 42.01 11.99
N ILE B 586 -5.65 42.41 12.93
CA ILE B 586 -6.42 43.70 12.93
C ILE B 586 -7.49 43.61 11.85
N PRO B 587 -8.72 43.20 12.23
CA PRO B 587 -9.79 43.01 11.26
C PRO B 587 -10.23 44.37 10.71
N VAL B 588 -10.36 44.44 9.40
CA VAL B 588 -10.88 45.65 8.67
C VAL B 588 -12.08 45.19 7.85
N ILE B 589 -13.28 45.68 8.17
CA ILE B 589 -14.51 45.32 7.40
C ILE B 589 -14.54 46.20 6.15
N PRO B 590 -14.51 45.62 4.93
CA PRO B 590 -14.68 46.38 3.69
C PRO B 590 -16.10 46.96 3.60
N THR B 591 -16.39 47.75 2.57
CA THR B 591 -17.69 48.45 2.42
C THR B 591 -18.76 47.44 1.93
N TRP B 592 -19.12 46.48 2.78
CA TRP B 592 -20.28 45.56 2.59
C TRP B 592 -21.59 46.33 2.75
N GLY B 593 -21.52 47.45 3.49
CA GLY B 593 -22.64 48.38 3.74
C GLY B 593 -22.11 49.68 4.31
N THR B 594 -23.00 50.56 4.76
CA THR B 594 -22.64 51.78 5.53
C THR B 594 -21.98 51.36 6.84
N ARG B 595 -21.30 52.29 7.51
CA ARG B 595 -20.67 52.04 8.84
C ARG B 595 -21.76 51.49 9.78
N ALA B 596 -22.96 52.06 9.74
CA ALA B 596 -24.09 51.67 10.62
C ALA B 596 -24.51 50.24 10.31
N GLU B 597 -24.52 49.84 9.03
CA GLU B 597 -24.96 48.48 8.61
C GLU B 597 -23.91 47.44 9.04
N VAL B 598 -22.63 47.69 8.81
CA VAL B 598 -21.59 46.69 9.19
C VAL B 598 -21.54 46.60 10.72
N THR B 599 -21.81 47.71 11.43
CA THR B 599 -21.79 47.74 12.91
C THR B 599 -22.92 46.85 13.41
N LYS B 600 -24.13 47.06 12.89
CA LYS B 600 -25.31 46.23 13.26
C LYS B 600 -24.97 44.76 13.02
N LYS B 601 -24.35 44.45 11.89
CA LYS B 601 -23.99 43.07 11.49
C LYS B 601 -22.98 42.48 12.50
N LEU B 602 -21.96 43.24 12.89
CA LEU B 602 -20.90 42.77 13.82
C LEU B 602 -21.49 42.53 15.21
N ILE B 603 -22.31 43.46 15.72
CA ILE B 603 -23.00 43.36 17.04
C ILE B 603 -23.90 42.12 17.05
N GLN B 604 -24.66 41.87 15.98
CA GLN B 604 -25.53 40.68 15.84
C GLN B 604 -24.70 39.40 15.92
N GLU B 605 -23.54 39.41 15.28
CA GLU B 605 -22.62 38.24 15.24
C GLU B 605 -22.07 37.95 16.64
N ALA B 606 -21.59 38.99 17.33
CA ALA B 606 -21.03 38.89 18.70
C ALA B 606 -22.10 38.34 19.65
N ASP B 607 -23.34 38.83 19.52
CA ASP B 607 -24.52 38.40 20.32
C ASP B 607 -24.73 36.88 20.13
N LYS B 608 -24.68 36.38 18.90
CA LYS B 608 -24.84 34.93 18.59
C LYS B 608 -23.73 34.12 19.28
N LEU B 609 -22.52 34.68 19.38
CA LEU B 609 -21.33 34.00 19.96
C LEU B 609 -21.33 34.17 21.50
N GLY B 610 -22.21 35.03 22.02
CA GLY B 610 -22.33 35.30 23.47
C GLY B 610 -21.13 36.09 23.99
N VAL B 611 -20.66 37.06 23.20
CA VAL B 611 -19.42 37.85 23.46
C VAL B 611 -19.75 39.34 23.29
N THR B 612 -19.07 40.20 24.05
CA THR B 612 -19.16 41.68 23.93
C THR B 612 -18.70 42.07 22.53
N PRO B 613 -19.48 42.86 21.77
CA PRO B 613 -19.03 43.35 20.47
C PRO B 613 -17.81 44.26 20.61
N PRO B 614 -16.80 44.16 19.71
CA PRO B 614 -15.74 45.17 19.63
C PRO B 614 -16.29 46.50 19.07
N ASN B 615 -15.58 47.60 19.36
CA ASN B 615 -15.85 48.94 18.80
C ASN B 615 -15.48 48.92 17.30
N VAL B 616 -16.28 49.58 16.46
CA VAL B 616 -15.92 49.82 15.02
C VAL B 616 -15.42 51.25 14.87
N LEU B 617 -14.27 51.43 14.24
CA LEU B 617 -13.69 52.76 13.89
C LEU B 617 -13.55 52.86 12.37
N ASP B 618 -13.96 54.00 11.79
CA ASP B 618 -13.67 54.36 10.38
C ASP B 618 -12.15 54.50 10.25
N VAL B 619 -11.57 54.01 9.16
CA VAL B 619 -10.10 54.08 8.88
C VAL B 619 -9.66 55.55 8.92
N LYS B 620 -10.59 56.50 8.72
CA LYS B 620 -10.31 57.97 8.76
C LYS B 620 -10.32 58.52 10.20
N ASP B 621 -10.58 57.71 11.23
CA ASP B 621 -10.65 58.14 12.66
C ASP B 621 -9.29 58.72 13.08
N LYS B 622 -9.30 59.83 13.81
CA LYS B 622 -8.09 60.59 14.22
C LYS B 622 -7.17 59.67 15.06
N ASN B 623 -7.73 58.69 15.77
CA ASN B 623 -6.96 57.74 16.62
C ASN B 623 -6.09 56.79 15.78
N LEU B 624 -6.33 56.68 14.47
CA LEU B 624 -5.65 55.69 13.59
C LEU B 624 -4.60 56.35 12.70
N SER B 625 -4.35 57.66 12.88
CA SER B 625 -3.29 58.44 12.19
C SER B 625 -1.91 57.92 12.60
N GLY B 626 -0.89 58.22 11.80
CA GLY B 626 0.52 57.91 12.06
C GLY B 626 0.95 58.28 13.46
N GLN B 627 0.43 59.39 14.00
CA GLN B 627 0.85 59.97 15.32
C GLN B 627 0.18 59.23 16.48
N ALA B 628 -1.11 58.92 16.34
CA ALA B 628 -1.99 58.49 17.45
C ALA B 628 -2.11 56.95 17.51
N LYS B 629 -1.88 56.23 16.41
CA LYS B 629 -2.23 54.79 16.28
C LYS B 629 -1.45 53.97 17.33
N GLN B 630 -0.18 54.27 17.55
CA GLN B 630 0.68 53.46 18.46
C GLN B 630 0.13 53.53 19.88
N LYS B 631 -0.22 54.73 20.35
CA LYS B 631 -0.77 54.96 21.72
C LYS B 631 -2.13 54.26 21.85
N TYR B 632 -3.02 54.42 20.85
CA TYR B 632 -4.39 53.86 20.89
C TYR B 632 -4.31 52.33 21.00
N PHE B 633 -3.47 51.69 20.18
CA PHE B 633 -3.37 50.21 20.09
C PHE B 633 -2.59 49.68 21.30
N LYS B 634 -1.55 50.39 21.76
CA LYS B 634 -0.73 49.93 22.92
C LYS B 634 -1.59 49.96 24.20
N ASP B 635 -2.50 50.93 24.34
CA ASP B 635 -3.43 50.99 25.50
C ASP B 635 -4.50 49.88 25.41
N LEU B 636 -4.85 49.41 24.21
CA LEU B 636 -5.91 48.39 24.03
C LEU B 636 -5.34 46.98 24.26
N TYR B 637 -4.11 46.74 23.83
CA TYR B 637 -3.46 45.40 23.77
C TYR B 637 -2.16 45.43 24.58
N PRO B 638 -2.13 44.84 25.80
CA PRO B 638 -0.90 44.79 26.59
C PRO B 638 0.24 44.02 25.89
N ILE B 639 1.47 44.51 26.08
CA ILE B 639 2.73 43.87 25.58
C ILE B 639 2.89 42.50 26.25
N GLU B 640 3.24 41.49 25.45
CA GLU B 640 3.34 40.06 25.87
C GLU B 640 4.82 39.67 26.04
N TYR B 641 5.72 40.33 25.33
CA TYR B 641 7.17 40.00 25.22
C TYR B 641 7.91 41.23 24.68
N VAL B 642 9.25 41.21 24.73
CA VAL B 642 10.13 42.27 24.16
C VAL B 642 11.07 41.60 23.16
N GLY B 643 11.39 42.29 22.07
CA GLY B 643 12.34 41.81 21.04
C GLY B 643 11.84 42.12 19.65
N ASN B 644 12.72 41.99 18.66
CA ASN B 644 12.45 42.34 17.24
C ASN B 644 11.93 41.12 16.46
N ALA B 645 12.02 39.91 17.03
CA ALA B 645 11.37 38.70 16.46
C ALA B 645 9.85 38.78 16.64
N PHE B 646 9.11 38.01 15.85
CA PHE B 646 7.65 37.81 15.98
C PHE B 646 7.40 36.82 17.12
N ALA B 647 6.43 37.11 17.98
CA ALA B 647 5.96 36.16 19.03
C ALA B 647 4.48 36.42 19.32
N ASP B 648 3.73 35.34 19.54
CA ASP B 648 2.29 35.35 19.93
C ASP B 648 2.08 34.21 20.93
N LYS B 649 1.27 34.44 21.96
CA LYS B 649 0.86 33.38 22.91
C LYS B 649 -0.62 33.10 22.66
N TRP B 650 -0.95 31.86 22.30
CA TRP B 650 -2.32 31.38 21.98
C TRP B 650 -2.58 30.08 22.77
N GLU B 651 -3.53 30.13 23.71
CA GLU B 651 -4.00 28.95 24.51
C GLU B 651 -2.77 28.35 25.24
N GLY B 652 -1.88 29.18 25.77
CA GLY B 652 -0.75 28.73 26.61
C GLY B 652 0.49 28.31 25.82
N THR B 653 0.42 28.32 24.49
CA THR B 653 1.57 27.97 23.60
C THR B 653 2.14 29.26 22.99
N TRP B 654 3.47 29.38 22.97
CA TRP B 654 4.21 30.45 22.27
C TRP B 654 4.50 30.04 20.82
N TYR B 655 4.31 30.98 19.91
CA TYR B 655 4.57 30.86 18.46
C TYR B 655 5.54 31.99 18.07
N LEU B 656 6.71 31.66 17.53
CA LEU B 656 7.75 32.68 17.17
C LEU B 656 8.25 32.42 15.76
N TYR B 657 8.76 33.48 15.12
CA TYR B 657 9.66 33.35 13.95
C TYR B 657 10.53 34.61 13.84
N ASN B 658 11.69 34.43 13.21
CA ASN B 658 12.51 35.53 12.64
C ASN B 658 11.75 36.04 11.42
N ASN B 659 11.47 37.36 11.35
CA ASN B 659 10.52 37.96 10.37
C ASN B 659 11.27 38.64 9.21
N LYS B 660 12.57 38.38 9.05
CA LYS B 660 13.36 38.89 7.90
C LYS B 660 13.12 37.99 6.70
N VAL B 661 12.65 38.57 5.59
CA VAL B 661 12.34 37.79 4.36
C VAL B 661 13.64 37.39 3.66
N ASN B 662 14.56 38.33 3.42
CA ASN B 662 15.80 38.05 2.67
C ASN B 662 16.96 38.99 3.06
N THR B 663 17.08 39.30 4.35
CA THR B 663 18.23 40.01 4.95
C THR B 663 18.77 39.11 6.07
N ASN B 664 20.10 38.92 6.15
CA ASN B 664 20.71 37.91 7.05
C ASN B 664 20.99 38.55 8.40
N GLU B 665 19.96 38.72 9.22
CA GLU B 665 20.04 39.34 10.56
C GLU B 665 19.41 38.41 11.59
N LYS B 666 20.09 38.21 12.72
CA LYS B 666 19.54 37.55 13.93
C LYS B 666 18.45 38.45 14.52
N GLN B 667 17.44 37.83 15.14
CA GLN B 667 16.40 38.51 15.94
C GLN B 667 16.25 37.72 17.24
N HIS B 668 15.66 38.34 18.26
CA HIS B 668 15.43 37.71 19.58
C HIS B 668 14.02 38.02 20.07
N ALA B 669 13.48 37.14 20.90
CA ALA B 669 12.26 37.33 21.71
C ALA B 669 12.61 37.02 23.16
N ILE B 670 12.21 37.87 24.11
CA ILE B 670 12.37 37.61 25.56
C ILE B 670 10.97 37.40 26.13
N LEU B 671 10.69 36.19 26.63
CA LEU B 671 9.35 35.74 27.09
C LEU B 671 9.30 35.66 28.61
N PRO B 672 8.25 36.22 29.26
CA PRO B 672 7.99 35.97 30.67
C PRO B 672 7.39 34.57 30.81
N LEU B 673 7.89 33.77 31.75
CA LEU B 673 7.56 32.32 31.84
C LEU B 673 6.48 32.09 32.89
N GLU B 674 5.68 31.03 32.72
CA GLU B 674 4.67 30.56 33.69
C GLU B 674 5.40 29.96 34.92
N GLY B 675 4.65 29.69 35.99
CA GLY B 675 5.17 29.13 37.25
C GLY B 675 5.17 30.17 38.33
N GLU B 676 5.49 29.75 39.56
CA GLU B 676 5.43 30.58 40.79
C GLU B 676 6.36 31.79 40.66
N GLU B 677 7.46 31.65 39.91
CA GLU B 677 8.56 32.65 39.84
C GLU B 677 8.33 33.52 38.61
N GLU B 678 7.90 34.77 38.83
CA GLU B 678 7.44 35.71 37.76
C GLU B 678 8.64 36.37 37.08
N SER B 679 9.83 36.30 37.69
CA SER B 679 11.07 36.90 37.15
C SER B 679 11.72 35.98 36.09
N ALA B 680 11.22 34.75 35.95
CA ALA B 680 11.75 33.72 35.01
C ALA B 680 11.59 34.18 33.55
N ARG B 681 12.66 34.08 32.75
CA ARG B 681 12.71 34.57 31.35
C ARG B 681 13.35 33.51 30.45
N LEU B 682 12.79 33.32 29.26
CA LEU B 682 13.46 32.65 28.11
C LEU B 682 13.76 33.71 27.07
N LYS B 683 15.02 33.81 26.64
CA LYS B 683 15.41 34.55 25.41
C LYS B 683 15.68 33.54 24.29
N VAL B 684 15.02 33.71 23.14
CA VAL B 684 15.26 32.89 21.91
C VAL B 684 16.00 33.80 20.92
N GLU B 685 17.10 33.33 20.35
CA GLU B 685 17.77 34.05 19.25
C GLU B 685 17.77 33.16 18.01
N MET B 686 17.26 33.70 16.90
CA MET B 686 17.03 32.96 15.63
C MET B 686 17.62 33.75 14.46
N GLU B 687 18.29 33.03 13.54
CA GLU B 687 18.64 33.52 12.19
C GLU B 687 17.39 33.34 11.31
N PRO B 688 17.33 34.00 10.13
CA PRO B 688 16.14 33.96 9.28
C PRO B 688 15.67 32.57 8.84
N HIS B 689 14.41 32.52 8.43
CA HIS B 689 13.75 31.33 7.83
C HIS B 689 13.69 30.24 8.90
N GLU B 690 13.01 30.57 9.99
CA GLU B 690 12.88 29.68 11.18
C GLU B 690 11.59 30.06 11.93
N PHE B 691 10.80 29.05 12.27
CA PHE B 691 9.62 29.21 13.15
C PHE B 691 9.75 28.22 14.31
N MET B 692 8.98 28.48 15.35
CA MET B 692 9.18 27.83 16.66
C MET B 692 7.85 27.81 17.43
N ILE B 693 7.59 26.68 18.10
CA ILE B 693 6.39 26.43 18.92
C ILE B 693 6.88 25.93 20.27
N MET B 694 6.50 26.62 21.34
CA MET B 694 7.00 26.36 22.72
C MET B 694 5.81 26.19 23.65
N ASN B 695 5.84 25.15 24.47
CA ASN B 695 4.76 24.83 25.43
C ASN B 695 5.42 24.53 26.78
N GLU B 696 5.10 25.31 27.81
CA GLU B 696 5.61 25.11 29.20
C GLU B 696 4.76 24.04 29.90
N SER B 697 5.40 23.22 30.76
CA SER B 697 4.73 22.19 31.60
C SER B 697 3.71 22.87 32.52
N GLY B 698 3.92 24.16 32.85
CA GLY B 698 3.01 24.99 33.65
C GLY B 698 3.46 25.07 35.10
N ASP B 699 3.98 23.97 35.65
CA ASP B 699 4.50 23.84 37.05
C ASP B 699 5.90 24.46 37.15
N GLY B 700 6.46 24.95 36.05
CA GLY B 700 7.70 25.76 36.01
C GLY B 700 8.96 24.92 35.91
N THR B 701 8.86 23.59 35.75
CA THR B 701 10.02 22.66 35.83
C THR B 701 10.47 22.18 34.43
N ALA B 702 9.65 22.38 33.38
CA ALA B 702 9.94 21.82 32.04
C ALA B 702 9.33 22.68 30.93
N MET B 703 9.84 22.52 29.71
CA MET B 703 9.25 23.11 28.49
C MET B 703 9.66 22.30 27.24
N ASP B 704 8.71 22.13 26.33
CA ASP B 704 8.90 21.48 25.01
C ASP B 704 9.02 22.58 23.95
N ILE B 705 9.99 22.46 23.05
CA ILE B 705 10.22 23.42 21.94
C ILE B 705 10.35 22.61 20.65
N THR B 706 9.52 22.92 19.65
CA THR B 706 9.72 22.49 18.24
C THR B 706 10.22 23.68 17.44
N LEU B 707 11.39 23.51 16.79
CA LEU B 707 12.02 24.42 15.80
C LEU B 707 11.83 23.84 14.40
N ASN B 708 11.63 24.67 13.39
CA ASN B 708 11.78 24.28 11.97
C ASN B 708 12.36 25.45 11.19
N ASN B 709 13.54 25.26 10.61
CA ASN B 709 14.26 26.29 9.80
C ASN B 709 14.69 25.67 8.46
N TYR B 710 13.94 24.70 7.97
CA TYR B 710 14.28 23.95 6.72
C TYR B 710 14.43 24.94 5.55
N ARG B 711 15.59 24.90 4.89
CA ARG B 711 15.87 25.72 3.68
C ARG B 711 16.86 25.00 2.75
N VAL B 712 16.42 24.75 1.52
CA VAL B 712 17.29 24.26 0.40
C VAL B 712 18.05 25.47 -0.16
N ASN B 713 19.32 25.28 -0.49
CA ASN B 713 20.20 26.27 -1.16
C ASN B 713 20.03 26.11 -2.68
N LYS B 714 19.58 27.16 -3.35
CA LYS B 714 19.33 27.15 -4.83
C LYS B 714 20.42 27.93 -5.57
N ASP B 715 21.33 28.59 -4.84
CA ASP B 715 22.36 29.52 -5.42
C ASP B 715 23.11 28.86 -6.59
N GLU B 716 23.55 27.61 -6.45
CA GLU B 716 24.41 26.92 -7.44
C GLU B 716 23.56 26.22 -8.51
N ILE B 717 22.55 25.45 -8.12
CA ILE B 717 21.82 24.54 -9.06
C ILE B 717 20.87 25.38 -9.94
N ILE B 718 20.20 26.37 -9.35
CA ILE B 718 19.19 27.21 -10.07
C ILE B 718 19.88 28.43 -10.68
N PHE B 719 20.49 29.28 -9.86
CA PHE B 719 20.94 30.64 -10.26
C PHE B 719 22.28 30.56 -11.02
N ASP B 720 23.31 29.90 -10.47
CA ASP B 720 24.56 29.64 -11.23
C ASP B 720 24.24 28.69 -12.42
N ASN B 721 23.19 27.88 -12.29
CA ASN B 721 22.72 26.93 -13.34
C ASN B 721 23.80 25.89 -13.63
N LYS B 722 24.32 25.27 -12.57
CA LYS B 722 25.42 24.25 -12.56
C LYS B 722 25.18 23.13 -13.58
N PHE B 723 23.94 22.75 -13.91
CA PHE B 723 23.64 21.61 -14.81
C PHE B 723 23.20 22.08 -16.21
N GLY B 724 23.23 23.39 -16.49
CA GLY B 724 22.96 23.95 -17.83
C GLY B 724 21.54 23.68 -18.28
N LEU B 725 20.56 23.90 -17.42
CA LEU B 725 19.12 23.86 -17.78
C LEU B 725 18.78 25.10 -18.63
N THR B 726 17.79 24.98 -19.51
CA THR B 726 17.31 26.08 -20.37
C THR B 726 16.18 26.82 -19.66
N TRP B 727 16.49 28.02 -19.16
CA TRP B 727 15.54 28.90 -18.43
C TRP B 727 15.07 30.02 -19.38
N THR B 728 14.02 29.77 -20.16
CA THR B 728 13.41 30.77 -21.08
C THR B 728 11.88 30.64 -21.03
N GLY B 729 11.18 31.60 -21.63
CA GLY B 729 9.71 31.57 -21.82
C GLY B 729 9.33 30.92 -23.14
N ASP B 730 10.29 30.41 -23.91
CA ASP B 730 10.09 29.89 -25.28
C ASP B 730 9.87 28.37 -25.26
N PHE B 731 9.18 27.83 -26.28
CA PHE B 731 9.04 26.38 -26.55
C PHE B 731 10.22 25.91 -27.39
N SER B 732 10.80 24.76 -27.06
CA SER B 732 11.77 24.03 -27.94
C SER B 732 10.99 23.25 -29.00
N PRO B 733 11.63 22.87 -30.13
CA PRO B 733 10.93 22.14 -31.19
C PRO B 733 10.26 20.87 -30.70
N GLY B 734 8.97 20.70 -30.98
CA GLY B 734 8.19 19.48 -30.71
C GLY B 734 7.57 19.46 -29.31
N GLN B 735 7.93 20.42 -28.44
CA GLN B 735 7.50 20.46 -27.02
C GLN B 735 6.16 21.19 -26.89
N THR B 736 5.32 20.77 -25.94
CA THR B 736 4.00 21.40 -25.63
C THR B 736 4.07 22.17 -24.30
N THR B 737 5.26 22.26 -23.68
CA THR B 737 5.54 23.05 -22.45
C THR B 737 6.83 23.85 -22.64
N ILE B 738 6.85 25.11 -22.22
CA ILE B 738 8.02 26.05 -22.35
C ILE B 738 9.20 25.55 -21.49
N ASN B 739 10.42 25.91 -21.87
CA ASN B 739 11.68 25.38 -21.29
C ASN B 739 11.77 25.72 -19.81
N GLY B 740 11.37 26.93 -19.40
CA GLY B 740 11.38 27.37 -17.99
C GLY B 740 10.66 26.37 -17.10
N LYS B 741 9.46 25.94 -17.50
CA LYS B 741 8.64 24.96 -16.76
C LYS B 741 9.33 23.60 -16.75
N LEU B 742 9.80 23.14 -17.91
CA LEU B 742 10.50 21.84 -18.07
C LEU B 742 11.72 21.79 -17.12
N SER B 743 12.42 22.91 -16.96
CA SER B 743 13.64 23.02 -16.10
C SER B 743 13.25 22.91 -14.62
N VAL B 744 12.15 23.54 -14.22
CA VAL B 744 11.57 23.42 -12.85
C VAL B 744 11.26 21.94 -12.60
N TYR B 745 10.56 21.28 -13.53
CA TYR B 745 10.16 19.84 -13.39
C TYR B 745 11.43 19.00 -13.24
N LYS B 746 12.42 19.23 -14.11
CA LYS B 746 13.68 18.44 -14.13
C LYS B 746 14.46 18.67 -12.82
N TYR B 747 14.47 19.91 -12.32
CA TYR B 747 15.09 20.29 -11.02
C TYR B 747 14.47 19.44 -9.91
N MET B 748 13.14 19.36 -9.87
CA MET B 748 12.38 18.63 -8.83
C MET B 748 12.51 17.11 -9.04
N ASP B 749 12.64 16.64 -10.28
CA ASP B 749 12.71 15.21 -10.64
C ASP B 749 14.11 14.62 -10.40
N GLU B 750 15.19 15.40 -10.59
CA GLU B 750 16.57 14.87 -10.68
C GLU B 750 17.48 15.47 -9.61
N TYR B 751 17.33 16.76 -9.25
CA TYR B 751 18.37 17.55 -8.55
C TYR B 751 17.93 18.02 -7.16
N ASN B 752 16.73 17.67 -6.71
CA ASN B 752 16.16 18.19 -5.43
C ASN B 752 15.15 17.18 -4.90
N VAL B 753 15.59 15.92 -4.70
CA VAL B 753 14.71 14.74 -4.47
C VAL B 753 14.84 14.24 -3.03
N VAL B 754 13.70 14.14 -2.34
CA VAL B 754 13.60 13.52 -0.98
C VAL B 754 13.89 12.02 -1.13
N ASN B 755 14.73 11.48 -0.25
CA ASN B 755 15.22 10.08 -0.29
C ASN B 755 15.63 9.74 -1.72
N ALA B 756 16.57 10.50 -2.27
CA ALA B 756 17.05 10.42 -3.67
C ALA B 756 17.62 9.03 -3.95
N PRO B 757 17.05 8.27 -4.91
CA PRO B 757 17.65 7.01 -5.35
C PRO B 757 18.96 7.25 -6.12
N GLU B 758 19.63 6.17 -6.54
CA GLU B 758 21.07 6.15 -6.92
C GLU B 758 21.48 7.36 -7.77
N GLY B 759 20.86 7.56 -8.94
CA GLY B 759 21.31 8.53 -9.96
C GLY B 759 20.69 9.92 -9.83
N LYS B 760 20.06 10.23 -8.69
CA LYS B 760 19.43 11.55 -8.41
C LYS B 760 20.10 12.17 -7.18
N LEU B 761 19.90 13.48 -6.95
CA LEU B 761 20.58 14.27 -5.88
C LEU B 761 19.63 14.51 -4.71
N SER B 762 20.11 14.29 -3.48
CA SER B 762 19.47 14.73 -2.21
C SER B 762 19.33 16.24 -2.24
N PRO B 763 18.36 16.83 -1.50
CA PRO B 763 18.24 18.29 -1.44
C PRO B 763 19.50 18.90 -0.83
N GLU B 764 19.87 20.08 -1.30
CA GLU B 764 21.04 20.83 -0.79
C GLU B 764 20.61 21.57 0.48
N ASP B 765 20.51 20.84 1.59
CA ASP B 765 19.88 21.31 2.85
C ASP B 765 20.78 21.01 4.05
N ASN B 766 22.09 20.89 3.85
CA ASN B 766 23.04 20.32 4.83
C ASN B 766 23.82 21.41 5.58
N GLU B 767 23.72 22.67 5.15
CA GLU B 767 24.30 23.83 5.88
C GLU B 767 23.39 24.18 7.06
N LEU B 768 23.88 23.98 8.29
CA LEU B 768 23.09 24.15 9.54
C LEU B 768 23.23 25.60 10.02
N ARG B 769 22.21 26.11 10.71
CA ARG B 769 22.24 27.46 11.33
C ARG B 769 21.92 27.30 12.82
N THR B 770 22.53 28.16 13.63
CA THR B 770 22.49 28.11 15.11
C THR B 770 21.23 28.81 15.64
N THR B 771 20.54 28.18 16.58
CA THR B 771 19.50 28.78 17.47
C THR B 771 20.05 28.76 18.90
N THR B 772 19.89 29.84 19.65
CA THR B 772 20.35 29.97 21.06
C THR B 772 19.14 30.24 21.97
N PHE B 773 19.08 29.59 23.12
CA PHE B 773 18.09 29.82 24.21
C PHE B 773 18.87 30.23 25.47
N GLU B 774 18.44 31.31 26.12
CA GLU B 774 18.99 31.76 27.42
C GLU B 774 17.87 31.67 28.46
N LEU B 775 18.04 30.86 29.49
CA LEU B 775 17.06 30.68 30.59
C LEU B 775 17.64 31.27 31.87
N THR B 776 16.90 32.19 32.50
CA THR B 776 17.27 32.90 33.75
C THR B 776 16.02 33.03 34.62
N LYS B 777 16.18 33.04 35.96
CA LYS B 777 17.43 32.73 36.63
C LYS B 777 17.28 31.35 37.28
N LEU B 778 18.25 30.46 37.08
CA LEU B 778 18.15 29.02 37.47
C LEU B 778 19.11 28.73 38.64
N ALA B 779 18.76 27.71 39.45
CA ALA B 779 19.56 27.24 40.61
C ALA B 779 20.57 26.16 40.16
N LYS B 780 20.38 25.55 38.98
CA LYS B 780 21.30 24.47 38.49
C LYS B 780 21.15 24.31 36.99
N GLU B 781 22.05 23.55 36.38
CA GLU B 781 22.06 23.22 34.93
C GLU B 781 20.77 22.46 34.60
N PRO B 782 19.96 22.92 33.62
CA PRO B 782 18.80 22.14 33.17
C PRO B 782 19.26 21.03 32.23
N LYS B 783 18.39 20.03 32.02
CA LYS B 783 18.60 18.90 31.08
C LYS B 783 17.89 19.21 29.76
N VAL B 784 18.58 19.03 28.63
CA VAL B 784 18.05 19.22 27.26
C VAL B 784 18.26 17.92 26.48
N GLN B 785 17.23 17.43 25.80
CA GLN B 785 17.41 16.31 24.84
C GLN B 785 16.54 16.53 23.60
N VAL B 786 17.03 16.01 22.48
CA VAL B 786 16.28 15.85 21.21
C VAL B 786 15.41 14.60 21.37
N VAL B 787 14.11 14.81 21.59
CA VAL B 787 13.08 13.72 21.65
C VAL B 787 12.99 13.09 20.26
N LYS B 788 12.92 13.93 19.22
CA LYS B 788 12.76 13.50 17.82
C LYS B 788 13.34 14.61 16.93
N GLY B 789 14.02 14.24 15.83
CA GLY B 789 14.62 15.19 14.89
C GLY B 789 14.51 14.72 13.46
N GLN B 790 14.63 15.65 12.50
CA GLN B 790 14.61 15.35 11.05
C GLN B 790 15.82 14.49 10.70
N GLN B 791 15.57 13.38 9.99
CA GLN B 791 16.56 12.32 9.66
C GLN B 791 17.28 12.70 8.37
N PRO B 792 18.50 12.17 8.13
CA PRO B 792 19.25 12.48 6.91
C PRO B 792 18.52 11.99 5.64
N ASP B 793 18.79 12.62 4.50
CA ASP B 793 18.47 12.06 3.16
C ASP B 793 19.45 10.91 2.88
N THR B 794 19.42 10.34 1.68
CA THR B 794 20.25 9.17 1.26
C THR B 794 21.73 9.55 1.21
N ASP B 795 22.09 10.84 1.23
CA ASP B 795 23.51 11.29 1.27
C ASP B 795 24.08 11.13 2.68
N GLY B 796 23.25 10.82 3.67
CA GLY B 796 23.69 10.45 5.04
C GLY B 796 24.09 11.64 5.90
N GLN B 797 23.89 12.88 5.44
CA GLN B 797 24.33 14.12 6.16
C GLN B 797 23.26 14.51 7.19
N PRO B 798 23.67 14.81 8.45
CA PRO B 798 22.70 15.16 9.49
C PRO B 798 22.02 16.52 9.28
N GLN B 799 20.79 16.67 9.78
CA GLN B 799 20.00 17.92 9.66
C GLN B 799 20.02 18.70 10.99
N TYR B 800 20.67 18.17 12.02
CA TYR B 800 20.82 18.85 13.34
C TYR B 800 22.07 18.30 14.06
N THR B 801 22.57 19.05 15.04
CA THR B 801 23.64 18.64 15.99
C THR B 801 23.01 18.40 17.37
N GLU B 802 23.69 17.68 18.26
CA GLU B 802 23.26 17.52 19.68
C GLU B 802 23.34 18.89 20.34
N PRO B 803 22.30 19.32 21.10
CA PRO B 803 22.34 20.60 21.79
C PRO B 803 23.48 20.66 22.81
N LYS B 804 24.11 21.84 22.91
CA LYS B 804 25.17 22.15 23.90
C LYS B 804 24.57 23.04 25.00
N VAL B 805 24.82 22.70 26.27
CA VAL B 805 24.31 23.43 27.47
C VAL B 805 25.49 23.99 28.27
N GLU B 806 25.49 25.30 28.50
CA GLU B 806 26.47 26.04 29.34
C GLU B 806 25.71 26.69 30.50
N PHE B 807 26.11 26.43 31.74
CA PHE B 807 25.45 26.99 32.95
C PHE B 807 26.48 27.77 33.76
N ASN B 808 26.20 29.05 34.00
CA ASN B 808 27.02 29.92 34.89
C ASN B 808 26.40 29.87 36.29
N GLU B 809 27.09 29.25 37.25
CA GLU B 809 26.61 29.08 38.66
C GLU B 809 26.45 30.44 39.36
N GLU B 810 27.18 31.47 38.93
CA GLU B 810 27.20 32.81 39.61
C GLU B 810 25.96 33.62 39.20
N THR B 811 25.65 33.70 37.90
CA THR B 811 24.52 34.50 37.34
C THR B 811 23.23 33.66 37.30
N GLY B 812 23.36 32.34 37.26
CA GLY B 812 22.23 31.40 37.11
C GLY B 812 21.67 31.42 35.70
N LYS B 813 22.51 31.71 34.69
CA LYS B 813 22.13 31.75 33.25
C LYS B 813 22.56 30.43 32.59
N ALA B 814 21.58 29.71 32.04
CA ALA B 814 21.77 28.54 31.15
C ALA B 814 21.67 29.01 29.70
N VAL B 815 22.71 28.77 28.91
CA VAL B 815 22.71 28.98 27.44
C VAL B 815 22.64 27.61 26.75
N ILE B 816 21.62 27.40 25.92
CA ILE B 816 21.46 26.18 25.08
C ILE B 816 21.67 26.57 23.61
N THR B 817 22.61 25.89 22.93
CA THR B 817 22.94 26.12 21.51
C THR B 817 22.64 24.84 20.73
N ILE B 818 22.05 24.97 19.54
CA ILE B 818 21.80 23.83 18.62
C ILE B 818 21.93 24.35 17.19
N GLN B 819 22.42 23.51 16.28
CA GLN B 819 22.48 23.80 14.82
C GLN B 819 21.46 22.91 14.12
N THR B 820 20.66 23.47 13.21
CA THR B 820 19.60 22.74 12.48
C THR B 820 19.48 23.28 11.05
N ASN B 821 19.02 22.40 10.17
CA ASN B 821 18.39 22.76 8.88
C ASN B 821 17.25 21.75 8.68
N GLY B 822 16.06 22.11 9.15
CA GLY B 822 14.92 21.19 9.34
C GLY B 822 14.32 21.34 10.73
N TRP B 823 13.58 20.33 11.17
CA TRP B 823 12.82 20.37 12.45
C TRP B 823 13.52 19.51 13.52
N VAL B 824 13.41 19.96 14.76
CA VAL B 824 13.78 19.18 15.99
C VAL B 824 12.69 19.43 17.02
N ASP B 825 12.34 18.40 17.80
CA ASP B 825 11.52 18.49 19.04
C ASP B 825 12.48 18.40 20.23
N LEU B 826 12.62 19.51 20.97
CA LEU B 826 13.47 19.59 22.18
C LEU B 826 12.59 19.45 23.41
N SER B 827 13.12 18.77 24.43
CA SER B 827 12.52 18.65 25.78
C SER B 827 13.55 19.16 26.80
N ILE B 828 13.25 20.30 27.43
CA ILE B 828 14.07 20.90 28.52
C ILE B 828 13.38 20.55 29.85
N THR B 829 14.10 19.89 30.77
CA THR B 829 13.60 19.46 32.10
C THR B 829 14.63 19.83 33.19
N GLY B 830 14.23 19.72 34.46
CA GLY B 830 15.06 20.05 35.63
C GLY B 830 15.20 21.56 35.83
N LEU B 831 14.24 22.37 35.35
CA LEU B 831 14.24 23.84 35.54
C LEU B 831 13.88 24.17 37.00
N GLU B 832 14.74 24.90 37.69
CA GLU B 832 14.50 25.41 39.06
C GLU B 832 14.73 26.91 39.06
N PHE B 833 13.69 27.70 38.78
CA PHE B 833 13.75 29.18 38.69
C PHE B 833 13.77 29.80 40.10
N VAL B 834 14.71 30.71 40.34
CA VAL B 834 14.81 31.53 41.59
C VAL B 834 14.62 33.00 41.23
N TYR B 835 14.39 33.86 42.22
CA TYR B 835 14.10 35.30 42.04
C TYR B 835 15.28 35.98 41.33
N ASP B 836 14.98 36.69 40.24
CA ASP B 836 15.95 37.49 39.44
C ASP B 836 15.54 38.96 39.51
N GLU B 837 16.26 39.75 40.32
CA GLU B 837 16.03 41.20 40.49
C GLU B 837 16.43 41.95 39.21
N ASN B 838 17.16 41.30 38.29
CA ASN B 838 17.69 41.89 37.03
C ASN B 838 16.86 41.49 35.82
N ALA B 839 15.79 40.70 36.02
CA ALA B 839 14.95 40.15 34.94
C ALA B 839 14.49 41.27 34.01
N GLN B 840 14.61 41.05 32.70
CA GLN B 840 14.11 41.96 31.64
C GLN B 840 12.66 42.36 31.93
N LYS B 841 12.40 43.66 32.02
CA LYS B 841 11.03 44.22 32.20
C LYS B 841 10.22 44.01 30.92
N ILE B 842 9.03 43.41 31.03
CA ILE B 842 8.09 43.23 29.90
C ILE B 842 7.13 44.41 29.91
N GLU B 843 7.57 45.56 29.38
CA GLU B 843 6.78 46.82 29.32
C GLU B 843 7.18 47.62 28.08
N ASP B 844 6.31 48.54 27.64
CA ASP B 844 6.60 49.51 26.56
C ASP B 844 7.56 50.59 27.06
N GLU B 845 8.30 51.24 26.15
CA GLU B 845 9.08 52.47 26.44
C GLU B 845 8.10 53.63 26.43
N PRO B 846 8.22 54.61 27.37
CA PRO B 846 7.34 55.78 27.38
C PRO B 846 7.35 56.51 26.03
N ILE B 847 6.17 56.74 25.44
CA ILE B 847 6.03 57.40 24.11
C ILE B 847 6.25 58.91 24.28
N LYS B 848 6.82 59.55 23.26
CA LYS B 848 7.16 61.00 23.25
C LYS B 848 6.58 61.64 21.98
N SER B 849 6.80 62.95 21.79
CA SER B 849 6.40 63.75 20.60
C SER B 849 7.52 64.74 20.24
C1 EDO C . 29.51 -33.70 11.59
O1 EDO C . 30.56 -33.24 10.78
C2 EDO C . 28.36 -32.76 11.64
O2 EDO C . 28.37 -31.82 10.59
C1 PEG D . 16.37 -15.10 7.91
O1 PEG D . 16.60 -15.51 6.57
C2 PEG D . 15.19 -14.17 8.03
O2 PEG D . 14.08 -14.86 8.60
C3 PEG D . 13.33 -15.63 7.65
C4 PEG D . 12.01 -16.07 8.25
O4 PEG D . 10.88 -15.61 7.51
C1 EDO E . 27.98 -16.14 12.38
O1 EDO E . 28.35 -15.11 11.47
C2 EDO E . 26.67 -15.91 13.05
O2 EDO E . 26.75 -15.22 14.28
C1 EDO F . 13.91 -45.86 -6.71
O1 EDO F . 14.61 -46.47 -7.80
C2 EDO F . 13.55 -44.42 -6.94
O2 EDO F . 14.42 -43.73 -7.84
C1 EDO G . -10.12 -21.46 -8.72
O1 EDO G . -10.19 -20.28 -7.94
C2 EDO G . -11.44 -22.15 -8.84
O2 EDO G . -11.46 -23.44 -8.27
MG MG H . 20.59 -7.32 26.55
MG MG I . 20.97 -37.94 -11.01
MG MG J . 42.13 -18.61 5.92
CA CA K . -21.01 -20.26 -10.08
C1 EDO L . -27.21 12.38 -40.40
O1 EDO L . -28.32 11.72 -39.80
C2 EDO L . -27.18 13.84 -40.07
O2 EDO L . -26.55 14.12 -38.84
C1 EDO M . -22.45 15.40 -19.58
O1 EDO M . -21.27 14.90 -20.17
C2 EDO M . -23.36 16.05 -20.56
O2 EDO M . -22.73 16.99 -21.41
C1 EDO N . -32.59 18.75 -40.05
O1 EDO N . -31.34 18.26 -40.44
C2 EDO N . -32.69 20.23 -40.18
O2 EDO N . -32.35 20.92 -39.00
C1 EDO O . -0.31 37.37 12.86
O1 EDO O . -0.77 36.08 13.20
C2 EDO O . -0.69 38.40 13.86
O2 EDO O . -0.84 37.88 15.18
C1 EDO P . -10.09 43.74 -27.86
O1 EDO P . -9.18 42.69 -27.59
C2 EDO P . -11.17 43.84 -26.85
O2 EDO P . -12.01 42.69 -26.85
MG MG Q . 20.29 16.77 3.98
CA CA R . -25.24 12.64 -29.89
#